data_2LM4
#
_entry.id   2LM4
#
_entity_poly.entity_id   1
_entity_poly.type   'polypeptide(L)'
_entity_poly.pdbx_seq_one_letter_code
;MGHHHHHHSHMIKRTNEPLDKKRARLIYQSRKRGILETDLLLSGFAAKYLKKMNEEELEEYDSLLNELDWDIYYWATKNF
KTSPLPDKWANSKLLKQLQEFSENKEKEI
;
_entity_poly.pdbx_strand_id   A
#
# COMPACT_ATOMS: atom_id res chain seq x y z
N MET A 1 19.45 -9.90 6.60
CA MET A 1 18.97 -9.55 5.23
C MET A 1 17.79 -10.44 4.80
N GLY A 2 16.56 -9.88 4.90
CA GLY A 2 15.34 -10.58 4.49
C GLY A 2 14.85 -11.66 5.47
N HIS A 3 13.59 -12.09 5.29
CA HIS A 3 13.00 -13.26 5.96
C HIS A 3 12.12 -14.05 4.95
N HIS A 4 12.75 -15.01 4.26
CA HIS A 4 12.08 -15.83 3.21
C HIS A 4 11.31 -17.01 3.86
N HIS A 5 10.20 -16.68 4.54
CA HIS A 5 9.31 -17.67 5.19
C HIS A 5 7.91 -17.56 4.54
N HIS A 6 7.49 -18.62 3.81
CA HIS A 6 6.19 -18.63 3.11
C HIS A 6 5.02 -18.79 4.13
N HIS A 7 3.93 -18.02 3.91
CA HIS A 7 2.75 -18.00 4.81
C HIS A 7 1.50 -18.56 4.13
N HIS A 8 0.55 -19.08 4.93
CA HIS A 8 -0.74 -19.59 4.43
C HIS A 8 -1.79 -18.47 4.40
N SER A 9 -2.22 -18.06 3.20
CA SER A 9 -3.17 -16.94 2.99
C SER A 9 -4.21 -17.27 1.90
N HIS A 10 -5.41 -16.71 2.05
CA HIS A 10 -6.51 -16.87 1.07
C HIS A 10 -6.76 -15.51 0.35
N MET A 11 -6.36 -15.44 -0.93
CA MET A 11 -6.48 -14.20 -1.75
C MET A 11 -7.95 -13.96 -2.18
N ILE A 12 -8.77 -13.44 -1.25
CA ILE A 12 -10.19 -13.12 -1.49
C ILE A 12 -10.32 -11.68 -2.05
N LYS A 13 -10.38 -11.56 -3.38
CA LYS A 13 -10.49 -10.26 -4.08
C LYS A 13 -11.97 -9.83 -4.17
N ARG A 14 -12.47 -9.25 -3.07
CA ARG A 14 -13.87 -8.75 -2.96
C ARG A 14 -13.91 -7.38 -2.26
N THR A 15 -14.73 -6.45 -2.79
CA THR A 15 -14.96 -5.12 -2.20
C THR A 15 -16.47 -4.78 -2.20
N ASN A 16 -17.10 -4.90 -1.02
CA ASN A 16 -18.49 -4.47 -0.78
C ASN A 16 -18.52 -3.62 0.51
N GLU A 17 -18.06 -2.37 0.37
CA GLU A 17 -17.89 -1.43 1.50
C GLU A 17 -17.78 0.03 0.96
N PRO A 18 -18.01 1.07 1.83
CA PRO A 18 -17.62 2.47 1.54
C PRO A 18 -16.11 2.59 1.18
N LEU A 19 -15.77 3.41 0.16
CA LEU A 19 -14.38 3.54 -0.34
C LEU A 19 -13.45 4.16 0.74
N ASP A 20 -14.01 5.03 1.58
CA ASP A 20 -13.32 5.57 2.79
C ASP A 20 -12.95 4.43 3.78
N LYS A 21 -13.88 3.45 3.97
CA LYS A 21 -13.60 2.24 4.80
C LYS A 21 -12.54 1.32 4.15
N LYS A 22 -12.48 1.29 2.80
CA LYS A 22 -11.46 0.52 2.07
C LYS A 22 -10.06 1.15 2.25
N ARG A 23 -10.00 2.50 2.22
CA ARG A 23 -8.76 3.24 2.54
C ARG A 23 -8.30 2.93 3.97
N ALA A 24 -9.25 2.95 4.92
CA ALA A 24 -9.01 2.61 6.34
C ALA A 24 -8.50 1.16 6.50
N ARG A 25 -9.07 0.23 5.71
CA ARG A 25 -8.68 -1.20 5.70
C ARG A 25 -7.24 -1.41 5.19
N LEU A 26 -6.92 -0.81 4.03
CA LEU A 26 -5.60 -0.95 3.38
C LEU A 26 -4.47 -0.27 4.19
N ILE A 27 -4.78 0.92 4.76
CA ILE A 27 -3.87 1.65 5.71
C ILE A 27 -3.68 0.83 7.02
N TYR A 28 -4.74 0.14 7.48
CA TYR A 28 -4.70 -0.75 8.66
C TYR A 28 -3.75 -1.97 8.44
N GLN A 29 -3.91 -2.64 7.27
CA GLN A 29 -3.07 -3.80 6.89
C GLN A 29 -1.62 -3.35 6.54
N SER A 30 -1.48 -2.08 6.14
CA SER A 30 -0.18 -1.41 5.94
C SER A 30 0.55 -1.18 7.28
N ARG A 31 -0.23 -0.96 8.35
CA ARG A 31 0.28 -0.79 9.73
C ARG A 31 0.26 -2.12 10.51
N LYS A 32 -0.11 -3.23 9.84
CA LYS A 32 0.21 -4.59 10.33
C LYS A 32 1.45 -5.08 9.56
N ARG A 33 2.58 -5.22 10.27
CA ARG A 33 3.93 -5.42 9.66
C ARG A 33 4.83 -6.30 10.57
N GLY A 34 5.78 -7.02 9.94
CA GLY A 34 6.78 -7.82 10.65
C GLY A 34 7.92 -6.97 11.25
N ILE A 35 8.33 -5.89 10.55
CA ILE A 35 9.41 -4.97 11.03
C ILE A 35 8.93 -3.50 11.11
N LEU A 36 9.55 -2.72 12.03
CA LEU A 36 9.24 -1.28 12.24
C LEU A 36 9.78 -0.40 11.10
N GLU A 37 10.83 -0.86 10.39
CA GLU A 37 11.41 -0.11 9.24
C GLU A 37 10.39 0.03 8.08
N THR A 38 9.80 -1.11 7.67
CA THR A 38 8.72 -1.14 6.64
C THR A 38 7.40 -0.59 7.20
N ASP A 39 7.18 -0.74 8.52
CA ASP A 39 6.00 -0.17 9.23
C ASP A 39 5.93 1.36 9.09
N LEU A 40 7.01 2.07 9.48
CA LEU A 40 7.11 3.54 9.38
C LEU A 40 7.02 4.04 7.92
N LEU A 41 7.66 3.26 7.01
CA LEU A 41 7.64 3.52 5.55
C LEU A 41 6.20 3.50 4.98
N LEU A 42 5.52 2.35 5.14
CA LEU A 42 4.16 2.14 4.58
C LEU A 42 3.06 2.88 5.38
N SER A 43 3.28 3.15 6.68
CA SER A 43 2.32 3.92 7.53
C SER A 43 2.16 5.37 7.04
N GLY A 44 3.32 6.02 6.81
CA GLY A 44 3.35 7.39 6.26
C GLY A 44 2.90 7.46 4.80
N PHE A 45 3.33 6.45 4.00
CA PHE A 45 2.95 6.32 2.58
C PHE A 45 1.42 6.13 2.41
N ALA A 46 0.85 5.21 3.19
CA ALA A 46 -0.58 4.85 3.11
C ALA A 46 -1.49 6.02 3.54
N ALA A 47 -1.15 6.62 4.69
CA ALA A 47 -1.93 7.75 5.26
C ALA A 47 -1.93 8.99 4.33
N LYS A 48 -0.90 9.10 3.47
CA LYS A 48 -0.74 10.22 2.52
C LYS A 48 -1.39 9.95 1.14
N TYR A 49 -1.01 8.82 0.52
CA TYR A 49 -1.31 8.49 -0.88
C TYR A 49 -2.74 7.93 -1.07
N LEU A 50 -3.25 7.13 -0.12
CA LEU A 50 -4.62 6.55 -0.24
C LEU A 50 -5.72 7.63 -0.24
N LYS A 51 -5.44 8.82 0.30
CA LYS A 51 -6.35 9.97 0.24
C LYS A 51 -6.51 10.49 -1.22
N LYS A 52 -5.38 10.59 -1.95
CA LYS A 52 -5.35 11.15 -3.33
C LYS A 52 -5.61 10.09 -4.43
N MET A 53 -5.33 8.80 -4.13
CA MET A 53 -5.41 7.71 -5.13
C MET A 53 -6.86 7.16 -5.32
N ASN A 54 -7.16 6.81 -6.58
CA ASN A 54 -8.43 6.13 -6.98
C ASN A 54 -8.37 4.63 -6.61
N GLU A 55 -9.52 3.93 -6.59
CA GLU A 55 -9.61 2.52 -6.18
C GLU A 55 -8.66 1.60 -7.03
N GLU A 56 -8.50 1.93 -8.32
CA GLU A 56 -7.56 1.22 -9.24
C GLU A 56 -6.10 1.23 -8.68
N GLU A 57 -5.64 2.42 -8.28
CA GLU A 57 -4.33 2.62 -7.63
C GLU A 57 -4.26 1.93 -6.25
N LEU A 58 -5.39 1.97 -5.50
CA LEU A 58 -5.56 1.25 -4.22
C LEU A 58 -5.47 -0.30 -4.38
N GLU A 59 -5.85 -0.82 -5.56
CA GLU A 59 -5.73 -2.26 -5.91
C GLU A 59 -4.28 -2.64 -6.26
N GLU A 60 -3.54 -1.69 -6.84
CA GLU A 60 -2.08 -1.82 -7.00
C GLU A 60 -1.40 -1.80 -5.61
N TYR A 61 -1.96 -0.97 -4.70
CA TYR A 61 -1.49 -0.88 -3.30
C TYR A 61 -1.84 -2.17 -2.51
N ASP A 62 -2.99 -2.79 -2.84
CA ASP A 62 -3.39 -4.11 -2.29
C ASP A 62 -2.34 -5.17 -2.69
N SER A 63 -1.90 -5.13 -3.96
CA SER A 63 -0.79 -5.97 -4.48
C SER A 63 0.53 -5.77 -3.71
N LEU A 64 0.74 -4.54 -3.16
CA LEU A 64 1.92 -4.20 -2.31
C LEU A 64 1.77 -4.80 -0.89
N LEU A 65 0.53 -4.86 -0.38
CA LEU A 65 0.23 -5.46 0.94
C LEU A 65 0.43 -7.00 0.96
N ASN A 66 0.32 -7.63 -0.23
CA ASN A 66 0.60 -9.08 -0.41
C ASN A 66 2.14 -9.40 -0.36
N GLU A 67 2.99 -8.37 -0.49
CA GLU A 67 4.47 -8.55 -0.53
C GLU A 67 5.07 -8.56 0.91
N LEU A 68 6.30 -9.10 1.02
CA LEU A 68 7.01 -9.24 2.33
C LEU A 68 7.71 -7.93 2.74
N ASP A 69 7.73 -7.66 4.06
CA ASP A 69 8.35 -6.46 4.69
C ASP A 69 9.70 -6.05 4.07
N TRP A 70 10.72 -6.92 4.22
CA TRP A 70 12.09 -6.61 3.79
C TRP A 70 12.19 -6.42 2.27
N ASP A 71 11.40 -7.18 1.49
CA ASP A 71 11.37 -7.05 0.02
C ASP A 71 10.87 -5.65 -0.41
N ILE A 72 9.73 -5.22 0.18
CA ILE A 72 9.17 -3.85 0.00
C ILE A 72 10.22 -2.77 0.38
N TYR A 73 10.89 -2.99 1.51
CA TYR A 73 11.90 -2.05 2.07
C TYR A 73 13.12 -1.92 1.14
N TYR A 74 13.59 -3.05 0.56
CA TYR A 74 14.76 -3.08 -0.34
C TYR A 74 14.45 -2.41 -1.70
N TRP A 75 13.25 -2.66 -2.26
CA TRP A 75 12.83 -2.01 -3.52
C TRP A 75 12.69 -0.47 -3.36
N ALA A 76 12.22 -0.05 -2.17
CA ALA A 76 12.08 1.38 -1.80
C ALA A 76 13.45 2.07 -1.59
N THR A 77 14.39 1.35 -0.94
CA THR A 77 15.78 1.85 -0.70
C THR A 77 16.72 1.61 -1.90
N LYS A 78 16.19 0.97 -2.96
CA LYS A 78 16.92 0.65 -4.22
C LYS A 78 18.01 -0.46 -4.01
N ASN A 79 17.89 -1.23 -2.93
CA ASN A 79 18.73 -2.42 -2.66
C ASN A 79 18.18 -3.66 -3.43
N PHE A 80 18.25 -3.58 -4.77
CA PHE A 80 17.82 -4.67 -5.69
C PHE A 80 18.84 -5.84 -5.73
N LYS A 81 20.02 -5.62 -5.11
CA LYS A 81 21.04 -6.67 -4.91
C LYS A 81 20.48 -7.82 -4.03
N THR A 82 19.90 -7.46 -2.87
CA THR A 82 19.36 -8.46 -1.91
C THR A 82 18.02 -9.03 -2.41
N SER A 83 17.05 -8.13 -2.69
CA SER A 83 15.72 -8.51 -3.25
C SER A 83 15.58 -7.97 -4.70
N PRO A 84 15.72 -8.86 -5.76
CA PRO A 84 15.51 -8.46 -7.19
C PRO A 84 14.08 -7.91 -7.44
N LEU A 85 13.96 -6.97 -8.39
CA LEU A 85 12.68 -6.32 -8.71
C LEU A 85 11.81 -7.21 -9.65
N PRO A 86 10.58 -7.64 -9.20
CA PRO A 86 9.63 -8.43 -10.06
C PRO A 86 8.97 -7.58 -11.16
N ASP A 87 8.34 -8.27 -12.14
CA ASP A 87 7.66 -7.63 -13.30
C ASP A 87 6.54 -6.67 -12.87
N LYS A 88 5.70 -7.13 -11.92
CA LYS A 88 4.56 -6.34 -11.37
C LYS A 88 4.99 -4.95 -10.80
N TRP A 89 6.27 -4.82 -10.40
CA TRP A 89 6.81 -3.54 -9.88
C TRP A 89 7.75 -2.84 -10.90
N ALA A 90 8.31 -3.62 -11.83
CA ALA A 90 9.24 -3.13 -12.87
C ALA A 90 8.61 -2.04 -13.78
N ASN A 91 7.30 -2.18 -14.06
CA ASN A 91 6.53 -1.19 -14.86
C ASN A 91 5.47 -0.43 -14.00
N SER A 92 5.54 -0.58 -12.66
CA SER A 92 4.55 0.03 -11.73
C SER A 92 4.95 1.45 -11.33
N LYS A 93 3.97 2.38 -11.40
CA LYS A 93 4.13 3.75 -10.88
C LYS A 93 4.19 3.77 -9.33
N LEU A 94 3.38 2.91 -8.67
CA LEU A 94 3.29 2.82 -7.18
C LEU A 94 4.67 2.56 -6.53
N LEU A 95 5.44 1.65 -7.13
CA LEU A 95 6.82 1.34 -6.69
C LEU A 95 7.70 2.62 -6.69
N LYS A 96 7.63 3.35 -7.81
CA LYS A 96 8.41 4.59 -8.02
C LYS A 96 7.94 5.71 -7.06
N GLN A 97 6.63 5.72 -6.73
CA GLN A 97 6.06 6.62 -5.70
C GLN A 97 6.64 6.32 -4.31
N LEU A 98 6.82 5.01 -4.02
CA LEU A 98 7.38 4.51 -2.73
C LEU A 98 8.88 4.88 -2.60
N GLN A 99 9.62 4.83 -3.72
CA GLN A 99 11.05 5.26 -3.78
C GLN A 99 11.18 6.79 -3.61
N GLU A 100 10.33 7.55 -4.34
CA GLU A 100 10.25 9.02 -4.26
C GLU A 100 9.72 9.49 -2.88
N PHE A 101 8.98 8.62 -2.20
CA PHE A 101 8.58 8.83 -0.80
C PHE A 101 9.79 8.61 0.14
N SER A 102 10.51 7.49 -0.06
CA SER A 102 11.65 7.08 0.80
C SER A 102 12.75 8.16 0.92
N GLU A 103 13.03 8.86 -0.20
CA GLU A 103 14.04 9.96 -0.23
C GLU A 103 13.57 11.18 0.62
N ASN A 104 12.24 11.44 0.65
CA ASN A 104 11.65 12.55 1.42
C ASN A 104 11.30 12.12 2.87
N LYS A 105 10.18 11.39 3.02
CA LYS A 105 9.56 10.97 4.31
C LYS A 105 9.48 12.12 5.36
N GLU A 106 10.60 12.39 6.06
CA GLU A 106 10.67 13.40 7.14
C GLU A 106 11.15 14.79 6.60
N LYS A 107 11.47 14.83 5.30
CA LYS A 107 11.94 16.05 4.59
C LYS A 107 11.00 16.38 3.41
N GLU A 108 10.03 17.28 3.64
CA GLU A 108 9.17 17.82 2.56
C GLU A 108 9.89 18.98 1.81
N ILE A 109 9.18 19.60 0.84
CA ILE A 109 9.68 20.77 0.06
C ILE A 109 10.95 20.41 -0.76
N MET A 1 7.74 9.96 32.20
CA MET A 1 7.99 10.06 30.74
C MET A 1 7.17 9.01 29.95
N GLY A 2 7.17 9.14 28.62
CA GLY A 2 6.49 8.19 27.72
C GLY A 2 5.04 8.56 27.40
N HIS A 3 4.42 7.79 26.47
CA HIS A 3 3.02 7.99 26.03
C HIS A 3 2.48 6.68 25.38
N HIS A 4 1.34 6.17 25.89
CA HIS A 4 0.74 4.92 25.39
C HIS A 4 -0.80 4.89 25.66
N HIS A 5 -1.55 5.58 24.79
CA HIS A 5 -3.04 5.64 24.83
C HIS A 5 -3.64 5.60 23.41
N HIS A 6 -4.57 4.66 23.15
CA HIS A 6 -5.36 4.60 21.90
C HIS A 6 -6.69 3.86 22.13
N HIS A 7 -7.82 4.48 21.70
CA HIS A 7 -9.18 3.90 21.81
C HIS A 7 -9.96 4.13 20.49
N HIS A 8 -10.42 3.02 19.86
CA HIS A 8 -11.22 3.07 18.63
C HIS A 8 -12.18 1.86 18.56
N SER A 9 -13.48 2.13 18.73
CA SER A 9 -14.55 1.10 18.64
C SER A 9 -14.91 0.80 17.17
N HIS A 10 -15.29 -0.45 16.89
CA HIS A 10 -15.70 -0.89 15.53
C HIS A 10 -16.70 -2.08 15.63
N MET A 11 -17.80 -2.00 14.87
CA MET A 11 -18.82 -3.06 14.80
C MET A 11 -18.45 -4.09 13.71
N ILE A 12 -18.47 -5.39 14.04
CA ILE A 12 -18.13 -6.48 13.10
C ILE A 12 -19.34 -6.81 12.21
N LYS A 13 -19.57 -5.95 11.20
CA LYS A 13 -20.61 -6.10 10.17
C LYS A 13 -20.03 -5.76 8.78
N ARG A 14 -19.71 -6.79 7.99
CA ARG A 14 -19.13 -6.62 6.64
C ARG A 14 -20.27 -6.32 5.62
N THR A 15 -20.78 -5.07 5.67
CA THR A 15 -21.87 -4.61 4.78
C THR A 15 -21.26 -4.03 3.48
N ASN A 16 -20.95 -4.95 2.53
CA ASN A 16 -20.23 -4.63 1.27
C ASN A 16 -18.81 -4.04 1.56
N GLU A 17 -18.21 -3.37 0.56
CA GLU A 17 -16.92 -2.65 0.73
C GLU A 17 -17.12 -1.12 0.51
N PRO A 18 -17.33 -0.32 1.61
CA PRO A 18 -17.23 1.17 1.54
C PRO A 18 -15.82 1.63 1.12
N LEU A 19 -15.73 2.74 0.36
CA LEU A 19 -14.46 3.19 -0.26
C LEU A 19 -13.44 3.70 0.79
N ASP A 20 -13.92 4.43 1.81
CA ASP A 20 -13.08 4.85 2.95
C ASP A 20 -12.77 3.67 3.93
N LYS A 21 -13.66 2.65 4.01
CA LYS A 21 -13.33 1.37 4.71
C LYS A 21 -12.24 0.58 3.95
N LYS A 22 -12.23 0.68 2.61
CA LYS A 22 -11.15 0.09 1.79
C LYS A 22 -9.83 0.80 2.12
N ARG A 23 -9.86 2.14 1.99
CA ARG A 23 -8.72 3.04 2.27
C ARG A 23 -8.13 2.81 3.69
N ALA A 24 -8.97 2.88 4.72
CA ALA A 24 -8.56 2.70 6.14
C ALA A 24 -7.94 1.30 6.39
N ARG A 25 -8.51 0.28 5.71
CA ARG A 25 -8.03 -1.12 5.79
C ARG A 25 -6.69 -1.31 5.05
N LEU A 26 -6.46 -0.55 3.96
CA LEU A 26 -5.17 -0.56 3.24
C LEU A 26 -4.06 0.04 4.14
N ILE A 27 -4.37 1.20 4.76
CA ILE A 27 -3.49 1.88 5.74
C ILE A 27 -3.25 1.00 7.00
N TYR A 28 -4.25 0.18 7.35
CA TYR A 28 -4.18 -0.79 8.48
C TYR A 28 -3.17 -1.94 8.17
N GLN A 29 -3.31 -2.57 6.99
CA GLN A 29 -2.47 -3.72 6.58
C GLN A 29 -1.04 -3.28 6.15
N SER A 30 -0.84 -1.97 5.96
CA SER A 30 0.49 -1.38 5.68
C SER A 30 1.21 -1.00 6.99
N ARG A 31 0.44 -0.48 7.98
CA ARG A 31 0.97 -0.18 9.33
C ARG A 31 1.09 -1.49 10.16
N LYS A 32 0.54 -2.59 9.62
CA LYS A 32 0.86 -3.96 10.06
C LYS A 32 1.92 -4.55 9.11
N ARG A 33 3.15 -4.76 9.62
CA ARG A 33 4.29 -5.38 8.87
C ARG A 33 5.15 -6.21 9.85
N GLY A 34 6.07 -7.02 9.30
CA GLY A 34 7.03 -7.78 10.12
C GLY A 34 8.04 -6.89 10.86
N ILE A 35 8.80 -6.10 10.09
CA ILE A 35 9.81 -5.15 10.65
C ILE A 35 9.26 -3.72 10.79
N LEU A 36 9.85 -2.96 11.74
CA LEU A 36 9.52 -1.54 11.99
C LEU A 36 10.04 -0.62 10.85
N GLU A 37 11.07 -1.09 10.13
CA GLU A 37 11.70 -0.33 9.01
C GLU A 37 10.69 -0.08 7.87
N THR A 38 10.05 -1.16 7.41
CA THR A 38 8.98 -1.12 6.39
C THR A 38 7.66 -0.55 6.98
N ASP A 39 7.43 -0.77 8.29
CA ASP A 39 6.27 -0.19 9.02
C ASP A 39 6.23 1.36 8.87
N LEU A 40 7.31 2.05 9.31
CA LEU A 40 7.44 3.53 9.22
C LEU A 40 7.27 4.04 7.76
N LEU A 41 7.76 3.23 6.81
CA LEU A 41 7.67 3.51 5.36
C LEU A 41 6.20 3.48 4.84
N LEU A 42 5.53 2.32 4.99
CA LEU A 42 4.18 2.06 4.45
C LEU A 42 3.04 2.74 5.26
N SER A 43 3.20 2.88 6.58
CA SER A 43 2.18 3.54 7.46
C SER A 43 1.97 5.01 7.04
N GLY A 44 3.09 5.74 6.88
CA GLY A 44 3.08 7.13 6.39
C GLY A 44 2.63 7.24 4.93
N PHE A 45 3.17 6.35 4.07
CA PHE A 45 2.85 6.29 2.62
C PHE A 45 1.33 6.11 2.38
N ALA A 46 0.75 5.21 3.17
CA ALA A 46 -0.67 4.88 3.08
C ALA A 46 -1.56 6.04 3.55
N ALA A 47 -1.21 6.62 4.70
CA ALA A 47 -1.96 7.75 5.29
C ALA A 47 -1.93 9.01 4.39
N LYS A 48 -0.82 9.18 3.66
CA LYS A 48 -0.54 10.39 2.85
C LYS A 48 -1.06 10.25 1.39
N TYR A 49 -0.60 9.19 0.68
CA TYR A 49 -0.83 9.00 -0.79
C TYR A 49 -2.25 8.48 -1.13
N LEU A 50 -2.90 7.74 -0.20
CA LEU A 50 -4.30 7.26 -0.43
C LEU A 50 -5.32 8.42 -0.48
N LYS A 51 -4.95 9.57 0.11
CA LYS A 51 -5.77 10.79 0.06
C LYS A 51 -5.93 11.31 -1.39
N LYS A 52 -4.82 11.27 -2.17
CA LYS A 52 -4.84 11.68 -3.60
C LYS A 52 -5.22 10.51 -4.55
N MET A 53 -5.05 9.24 -4.11
CA MET A 53 -5.31 8.05 -4.98
C MET A 53 -6.82 7.69 -5.02
N ASN A 54 -7.27 7.36 -6.25
CA ASN A 54 -8.67 7.03 -6.57
C ASN A 54 -8.87 5.49 -6.57
N GLU A 55 -10.13 5.02 -6.75
CA GLU A 55 -10.57 3.61 -6.55
C GLU A 55 -9.64 2.56 -7.22
N GLU A 56 -9.30 2.81 -8.49
CA GLU A 56 -8.53 1.86 -9.34
C GLU A 56 -7.04 1.78 -8.88
N GLU A 57 -6.49 2.95 -8.48
CA GLU A 57 -5.10 3.05 -7.93
C GLU A 57 -4.96 2.29 -6.58
N LEU A 58 -5.99 2.42 -5.73
CA LEU A 58 -6.07 1.73 -4.40
C LEU A 58 -6.01 0.17 -4.52
N GLU A 59 -6.49 -0.38 -5.66
CA GLU A 59 -6.44 -1.83 -5.93
C GLU A 59 -4.99 -2.33 -6.15
N GLU A 60 -4.18 -1.51 -6.86
CA GLU A 60 -2.74 -1.80 -7.07
C GLU A 60 -1.97 -1.75 -5.73
N TYR A 61 -2.40 -0.85 -4.83
CA TYR A 61 -1.84 -0.74 -3.47
C TYR A 61 -2.16 -1.99 -2.61
N ASP A 62 -3.39 -2.49 -2.74
CA ASP A 62 -3.85 -3.71 -2.04
C ASP A 62 -2.96 -4.93 -2.42
N SER A 63 -2.50 -4.95 -3.68
CA SER A 63 -1.54 -5.96 -4.21
C SER A 63 -0.17 -5.90 -3.48
N LEU A 64 0.31 -4.68 -3.15
CA LEU A 64 1.62 -4.47 -2.48
C LEU A 64 1.62 -5.02 -1.02
N LEU A 65 0.45 -4.99 -0.38
CA LEU A 65 0.28 -5.46 1.01
C LEU A 65 0.45 -7.01 1.15
N ASN A 66 0.29 -7.74 0.02
CA ASN A 66 0.48 -9.21 -0.02
C ASN A 66 1.98 -9.61 -0.16
N GLU A 67 2.86 -8.60 -0.37
CA GLU A 67 4.32 -8.83 -0.49
C GLU A 67 4.99 -8.81 0.91
N LEU A 68 6.23 -9.32 1.00
CA LEU A 68 6.96 -9.39 2.28
C LEU A 68 7.63 -8.04 2.62
N ASP A 69 7.54 -7.63 3.90
CA ASP A 69 8.09 -6.35 4.42
C ASP A 69 9.56 -6.07 3.96
N TRP A 70 10.48 -7.03 4.17
CA TRP A 70 11.90 -6.89 3.73
C TRP A 70 12.02 -6.63 2.21
N ASP A 71 11.25 -7.37 1.39
CA ASP A 71 11.27 -7.20 -0.09
C ASP A 71 10.80 -5.78 -0.48
N ILE A 72 9.62 -5.37 0.06
CA ILE A 72 9.05 -4.00 -0.14
C ILE A 72 10.09 -2.90 0.22
N TYR A 73 10.89 -3.16 1.27
CA TYR A 73 11.91 -2.21 1.75
C TYR A 73 13.08 -2.08 0.74
N TYR A 74 13.60 -3.21 0.24
CA TYR A 74 14.77 -3.22 -0.68
C TYR A 74 14.40 -2.76 -2.11
N TRP A 75 13.10 -2.84 -2.44
CA TRP A 75 12.55 -2.28 -3.70
C TRP A 75 12.42 -0.74 -3.60
N ALA A 76 11.88 -0.26 -2.46
CA ALA A 76 11.72 1.18 -2.17
C ALA A 76 13.08 1.87 -1.97
N THR A 77 13.76 1.54 -0.85
CA THR A 77 15.14 1.98 -0.59
C THR A 77 16.10 1.12 -1.46
N LYS A 78 16.73 1.76 -2.46
CA LYS A 78 17.50 1.07 -3.51
C LYS A 78 18.79 0.39 -2.96
N ASN A 79 18.60 -0.82 -2.45
CA ASN A 79 19.70 -1.72 -2.05
C ASN A 79 19.77 -2.92 -3.02
N PHE A 80 18.65 -3.69 -3.10
CA PHE A 80 18.51 -4.90 -3.99
C PHE A 80 19.63 -5.96 -3.77
N LYS A 81 20.29 -5.90 -2.59
CA LYS A 81 21.48 -6.73 -2.25
C LYS A 81 21.12 -8.16 -1.76
N THR A 82 19.82 -8.49 -1.80
CA THR A 82 19.28 -9.80 -1.39
C THR A 82 17.86 -10.01 -1.97
N SER A 83 17.10 -8.90 -2.11
CA SER A 83 15.77 -8.90 -2.77
C SER A 83 15.84 -8.16 -4.14
N PRO A 84 15.95 -8.91 -5.28
CA PRO A 84 15.85 -8.30 -6.64
C PRO A 84 14.39 -7.89 -6.99
N LEU A 85 14.24 -6.94 -7.92
CA LEU A 85 12.92 -6.40 -8.31
C LEU A 85 12.23 -7.28 -9.39
N PRO A 86 11.00 -7.81 -9.11
CA PRO A 86 10.20 -8.55 -10.12
C PRO A 86 9.52 -7.59 -11.15
N ASP A 87 9.13 -8.16 -12.30
CA ASP A 87 8.48 -7.42 -13.42
C ASP A 87 7.13 -6.79 -12.99
N LYS A 88 6.43 -7.50 -12.08
CA LYS A 88 5.13 -7.06 -11.50
C LYS A 88 5.22 -5.69 -10.76
N TRP A 89 6.44 -5.30 -10.30
CA TRP A 89 6.67 -3.99 -9.64
C TRP A 89 7.63 -3.09 -10.45
N ALA A 90 8.36 -3.68 -11.41
CA ALA A 90 9.24 -2.93 -12.34
C ALA A 90 8.42 -1.97 -13.24
N ASN A 91 7.23 -2.42 -13.66
CA ASN A 91 6.30 -1.65 -14.52
C ASN A 91 5.16 -0.96 -13.70
N SER A 92 5.28 -0.97 -12.36
CA SER A 92 4.28 -0.32 -11.46
C SER A 92 4.76 1.08 -11.00
N LYS A 93 3.91 2.10 -11.23
CA LYS A 93 4.18 3.48 -10.77
C LYS A 93 4.08 3.58 -9.22
N LEU A 94 3.26 2.70 -8.61
CA LEU A 94 3.10 2.61 -7.12
C LEU A 94 4.47 2.47 -6.40
N LEU A 95 5.35 1.62 -6.97
CA LEU A 95 6.71 1.42 -6.46
C LEU A 95 7.52 2.74 -6.51
N LYS A 96 7.43 3.43 -7.65
CA LYS A 96 8.16 4.71 -7.88
C LYS A 96 7.62 5.84 -6.97
N GLN A 97 6.33 5.74 -6.61
CA GLN A 97 5.68 6.59 -5.58
C GLN A 97 6.26 6.30 -4.18
N LEU A 98 6.57 5.02 -3.93
CA LEU A 98 7.14 4.53 -2.65
C LEU A 98 8.65 4.89 -2.53
N GLN A 99 9.36 4.89 -3.68
CA GLN A 99 10.79 5.27 -3.78
C GLN A 99 11.00 6.78 -3.53
N GLU A 100 10.14 7.61 -4.17
CA GLU A 100 10.16 9.09 -3.99
C GLU A 100 9.71 9.47 -2.55
N PHE A 101 8.72 8.72 -2.00
CA PHE A 101 8.23 8.96 -0.62
C PHE A 101 9.32 8.62 0.42
N SER A 102 10.11 7.56 0.16
CA SER A 102 11.23 7.17 1.02
C SER A 102 12.24 8.34 1.23
N GLU A 103 12.31 9.23 0.23
CA GLU A 103 13.09 10.48 0.31
C GLU A 103 12.31 11.58 1.10
N ASN A 104 11.00 11.70 0.83
CA ASN A 104 10.14 12.84 1.25
C ASN A 104 9.46 12.67 2.63
N LYS A 105 9.52 11.45 3.21
CA LYS A 105 8.85 11.13 4.52
C LYS A 105 9.43 11.92 5.71
N GLU A 106 10.70 12.32 5.60
CA GLU A 106 11.44 13.06 6.65
C GLU A 106 11.57 14.56 6.31
N LYS A 107 10.99 14.97 5.16
CA LYS A 107 10.99 16.39 4.69
C LYS A 107 9.63 17.09 4.96
N GLU A 108 8.68 16.35 5.53
CA GLU A 108 7.37 16.89 5.99
C GLU A 108 7.43 17.19 7.50
N ILE A 109 6.57 18.12 7.95
CA ILE A 109 6.56 18.59 9.37
C ILE A 109 5.66 17.70 10.25
N MET A 1 -6.87 -8.96 22.79
CA MET A 1 -6.40 -9.51 21.49
C MET A 1 -5.81 -10.93 21.67
N GLY A 2 -5.60 -11.61 20.52
CA GLY A 2 -5.04 -12.97 20.50
C GLY A 2 -5.32 -13.69 19.19
N HIS A 3 -4.82 -13.13 18.08
CA HIS A 3 -5.06 -13.68 16.72
C HIS A 3 -4.39 -15.06 16.52
N HIS A 4 -5.18 -16.03 16.05
CA HIS A 4 -4.70 -17.36 15.68
C HIS A 4 -4.14 -17.34 14.25
N HIS A 5 -3.02 -18.04 14.01
CA HIS A 5 -2.36 -18.10 12.69
C HIS A 5 -2.99 -19.19 11.81
N HIS A 6 -4.24 -18.94 11.38
CA HIS A 6 -5.01 -19.86 10.52
C HIS A 6 -4.83 -19.48 9.02
N HIS A 7 -3.67 -19.87 8.46
CA HIS A 7 -3.35 -19.65 7.03
C HIS A 7 -4.01 -20.77 6.19
N HIS A 8 -5.35 -20.68 6.07
CA HIS A 8 -6.19 -21.70 5.38
C HIS A 8 -7.11 -20.99 4.35
N SER A 9 -6.63 -20.92 3.08
CA SER A 9 -7.32 -20.24 1.95
C SER A 9 -7.49 -18.71 2.19
N HIS A 10 -8.11 -18.02 1.21
CA HIS A 10 -8.42 -16.58 1.33
C HIS A 10 -9.96 -16.34 1.24
N MET A 11 -10.63 -16.27 2.41
CA MET A 11 -12.07 -15.93 2.50
C MET A 11 -12.25 -14.40 2.38
N ILE A 12 -12.16 -13.89 1.14
CA ILE A 12 -12.18 -12.44 0.84
C ILE A 12 -13.64 -11.92 0.70
N LYS A 13 -14.04 -11.00 1.60
CA LYS A 13 -15.33 -10.30 1.53
C LYS A 13 -15.15 -8.85 1.02
N ARG A 14 -15.25 -8.70 -0.31
CA ARG A 14 -15.31 -7.40 -1.00
C ARG A 14 -16.79 -6.88 -1.05
N THR A 15 -17.73 -7.77 -0.66
CA THR A 15 -19.17 -7.51 -0.65
C THR A 15 -19.58 -6.39 0.35
N ASN A 16 -20.30 -5.36 -0.16
CA ASN A 16 -20.81 -4.20 0.64
C ASN A 16 -19.65 -3.37 1.29
N GLU A 17 -18.44 -3.42 0.70
CA GLU A 17 -17.31 -2.58 1.14
C GLU A 17 -17.24 -1.28 0.29
N PRO A 18 -17.55 -0.08 0.90
CA PRO A 18 -17.25 1.23 0.28
C PRO A 18 -15.73 1.41 0.05
N LEU A 19 -15.37 2.12 -1.04
CA LEU A 19 -13.97 2.37 -1.43
C LEU A 19 -13.20 3.13 -0.30
N ASP A 20 -13.93 4.01 0.43
CA ASP A 20 -13.39 4.78 1.57
C ASP A 20 -13.04 3.84 2.77
N LYS A 21 -13.91 2.83 3.01
CA LYS A 21 -13.67 1.79 4.05
C LYS A 21 -12.56 0.79 3.62
N LYS A 22 -12.41 0.57 2.31
CA LYS A 22 -11.26 -0.17 1.74
C LYS A 22 -9.94 0.57 2.04
N ARG A 23 -9.95 1.89 1.80
CA ARG A 23 -8.82 2.78 2.09
C ARG A 23 -8.40 2.70 3.57
N ALA A 24 -9.41 2.60 4.47
CA ALA A 24 -9.19 2.37 5.92
C ALA A 24 -8.54 1.00 6.21
N ARG A 25 -9.05 -0.05 5.51
CA ARG A 25 -8.52 -1.44 5.60
C ARG A 25 -7.05 -1.54 5.10
N LEU A 26 -6.69 -0.73 4.08
CA LEU A 26 -5.33 -0.73 3.51
C LEU A 26 -4.33 -0.01 4.46
N ILE A 27 -4.69 1.21 4.94
CA ILE A 27 -3.90 1.96 5.96
C ILE A 27 -3.72 1.11 7.26
N TYR A 28 -4.73 0.30 7.59
CA TYR A 28 -4.70 -0.65 8.73
C TYR A 28 -3.59 -1.73 8.53
N GLN A 29 -3.58 -2.37 7.34
CA GLN A 29 -2.62 -3.46 7.01
C GLN A 29 -1.24 -2.91 6.55
N SER A 30 -1.13 -1.58 6.34
CA SER A 30 0.13 -0.92 5.97
C SER A 30 0.97 -0.61 7.23
N ARG A 31 0.28 -0.04 8.25
CA ARG A 31 0.91 0.25 9.56
C ARG A 31 1.01 -1.03 10.43
N LYS A 32 0.58 -2.19 9.89
CA LYS A 32 0.93 -3.51 10.46
C LYS A 32 1.81 -4.29 9.46
N ARG A 33 3.07 -4.49 9.84
CA ARG A 33 4.07 -5.25 9.05
C ARG A 33 4.89 -6.18 9.99
N GLY A 34 5.62 -7.14 9.40
CA GLY A 34 6.52 -8.04 10.15
C GLY A 34 7.71 -7.30 10.80
N ILE A 35 8.30 -6.34 10.08
CA ILE A 35 9.39 -5.48 10.62
C ILE A 35 8.88 -4.04 10.85
N LEU A 36 9.46 -3.36 11.86
CA LEU A 36 9.08 -1.98 12.25
C LEU A 36 9.58 -0.91 11.24
N GLU A 37 10.64 -1.22 10.45
CA GLU A 37 11.15 -0.29 9.42
C GLU A 37 10.12 -0.05 8.29
N THR A 38 9.61 -1.16 7.72
CA THR A 38 8.56 -1.12 6.66
C THR A 38 7.19 -0.72 7.25
N ASP A 39 6.97 -1.09 8.53
CA ASP A 39 5.74 -0.71 9.30
C ASP A 39 5.51 0.81 9.28
N LEU A 40 6.54 1.57 9.70
CA LEU A 40 6.53 3.06 9.72
C LEU A 40 6.60 3.65 8.29
N LEU A 41 7.31 2.97 7.37
CA LEU A 41 7.45 3.39 5.96
C LEU A 41 6.07 3.45 5.26
N LEU A 42 5.35 2.31 5.27
CA LEU A 42 4.01 2.18 4.66
C LEU A 42 2.91 2.88 5.48
N SER A 43 3.14 3.05 6.81
CA SER A 43 2.22 3.85 7.68
C SER A 43 2.17 5.33 7.21
N GLY A 44 3.36 5.97 7.13
CA GLY A 44 3.47 7.36 6.64
C GLY A 44 3.08 7.53 5.17
N PHE A 45 3.44 6.52 4.35
CA PHE A 45 3.08 6.44 2.92
C PHE A 45 1.55 6.36 2.74
N ALA A 46 0.89 5.55 3.57
CA ALA A 46 -0.58 5.36 3.51
C ALA A 46 -1.34 6.60 4.01
N ALA A 47 -0.78 7.25 5.03
CA ALA A 47 -1.36 8.47 5.65
C ALA A 47 -1.35 9.67 4.67
N LYS A 48 -0.27 9.78 3.87
CA LYS A 48 -0.12 10.86 2.86
C LYS A 48 -0.78 10.50 1.52
N TYR A 49 -0.37 9.34 0.94
CA TYR A 49 -0.74 8.96 -0.44
C TYR A 49 -2.19 8.48 -0.57
N LEU A 50 -2.63 7.47 0.24
CA LEU A 50 -4.03 6.91 0.14
C LEU A 50 -5.12 7.99 0.27
N LYS A 51 -4.81 9.05 1.03
CA LYS A 51 -5.72 10.19 1.25
C LYS A 51 -6.06 10.94 -0.06
N LYS A 52 -5.12 10.93 -1.03
CA LYS A 52 -5.28 11.61 -2.36
C LYS A 52 -5.13 10.62 -3.56
N MET A 53 -4.80 9.34 -3.27
CA MET A 53 -4.51 8.32 -4.30
C MET A 53 -5.80 7.87 -5.04
N ASN A 54 -5.66 7.47 -6.31
CA ASN A 54 -6.79 7.03 -7.15
C ASN A 54 -7.22 5.59 -6.78
N GLU A 55 -8.52 5.30 -7.01
CA GLU A 55 -9.14 3.99 -6.72
C GLU A 55 -8.42 2.83 -7.44
N GLU A 56 -8.03 3.10 -8.71
CA GLU A 56 -7.24 2.17 -9.56
C GLU A 56 -5.85 1.80 -8.95
N GLU A 57 -5.22 2.78 -8.26
CA GLU A 57 -3.92 2.57 -7.58
C GLU A 57 -4.08 1.82 -6.23
N LEU A 58 -5.21 2.06 -5.53
CA LEU A 58 -5.49 1.43 -4.20
C LEU A 58 -5.54 -0.12 -4.24
N GLU A 59 -6.04 -0.70 -5.34
CA GLU A 59 -6.06 -2.17 -5.54
C GLU A 59 -4.65 -2.72 -5.84
N GLU A 60 -3.79 -1.89 -6.45
CA GLU A 60 -2.36 -2.19 -6.66
C GLU A 60 -1.60 -2.11 -5.31
N TYR A 61 -2.03 -1.17 -4.42
CA TYR A 61 -1.50 -1.05 -3.04
C TYR A 61 -1.87 -2.27 -2.17
N ASP A 62 -3.09 -2.79 -2.37
CA ASP A 62 -3.56 -4.04 -1.73
C ASP A 62 -2.57 -5.19 -2.01
N SER A 63 -2.17 -5.30 -3.30
CA SER A 63 -1.17 -6.30 -3.77
C SER A 63 0.21 -6.14 -3.06
N LEU A 64 0.60 -4.87 -2.77
CA LEU A 64 1.86 -4.56 -2.06
C LEU A 64 1.84 -5.04 -0.59
N LEU A 65 0.65 -4.99 0.04
CA LEU A 65 0.46 -5.46 1.44
C LEU A 65 0.52 -7.00 1.54
N ASN A 66 0.35 -7.70 0.39
CA ASN A 66 0.54 -9.17 0.29
C ASN A 66 2.03 -9.55 0.06
N GLU A 67 2.91 -8.55 -0.19
CA GLU A 67 4.37 -8.78 -0.38
C GLU A 67 5.12 -8.85 0.96
N LEU A 68 6.39 -9.31 0.90
CA LEU A 68 7.28 -9.42 2.07
C LEU A 68 7.84 -8.03 2.46
N ASP A 69 7.79 -7.74 3.76
CA ASP A 69 8.15 -6.42 4.36
C ASP A 69 9.52 -5.89 3.88
N TRP A 70 10.57 -6.73 4.05
CA TRP A 70 11.94 -6.41 3.59
C TRP A 70 11.99 -6.05 2.10
N ASP A 71 11.33 -6.86 1.25
CA ASP A 71 11.32 -6.67 -0.22
C ASP A 71 10.69 -5.31 -0.61
N ILE A 72 9.54 -4.98 0.02
CA ILE A 72 8.85 -3.66 -0.14
C ILE A 72 9.82 -2.49 0.16
N TYR A 73 10.55 -2.64 1.27
CA TYR A 73 11.54 -1.65 1.77
C TYR A 73 12.70 -1.46 0.74
N TYR A 74 13.22 -2.58 0.22
CA TYR A 74 14.40 -2.58 -0.69
C TYR A 74 14.08 -1.98 -2.08
N TRP A 75 12.90 -2.30 -2.64
CA TRP A 75 12.46 -1.75 -3.94
C TRP A 75 12.28 -0.22 -3.87
N ALA A 76 11.76 0.24 -2.72
CA ALA A 76 11.55 1.66 -2.42
C ALA A 76 12.90 2.42 -2.27
N THR A 77 13.76 1.92 -1.36
CA THR A 77 15.04 2.57 -0.99
C THR A 77 16.19 2.21 -1.96
N LYS A 78 15.85 1.50 -3.06
CA LYS A 78 16.78 1.17 -4.18
C LYS A 78 17.91 0.18 -3.77
N ASN A 79 17.69 -0.56 -2.66
CA ASN A 79 18.62 -1.58 -2.14
C ASN A 79 18.33 -2.96 -2.75
N PHE A 80 18.43 -3.06 -4.09
CA PHE A 80 18.18 -4.32 -4.86
C PHE A 80 19.36 -5.33 -4.72
N LYS A 81 20.38 -4.95 -3.93
CA LYS A 81 21.59 -5.76 -3.64
C LYS A 81 21.28 -7.20 -3.10
N THR A 82 20.10 -7.37 -2.46
CA THR A 82 19.69 -8.66 -1.87
C THR A 82 18.26 -9.09 -2.34
N SER A 83 17.35 -8.10 -2.52
CA SER A 83 15.99 -8.36 -3.09
C SER A 83 15.83 -7.61 -4.43
N PRO A 84 15.96 -8.33 -5.59
CA PRO A 84 15.77 -7.72 -6.94
C PRO A 84 14.29 -7.38 -7.24
N LEU A 85 14.08 -6.49 -8.23
CA LEU A 85 12.72 -6.04 -8.61
C LEU A 85 12.04 -7.06 -9.57
N PRO A 86 10.82 -7.60 -9.21
CA PRO A 86 10.05 -8.51 -10.09
C PRO A 86 9.29 -7.76 -11.23
N ASP A 87 8.83 -8.54 -12.22
CA ASP A 87 8.11 -8.03 -13.41
C ASP A 87 6.74 -7.40 -13.04
N LYS A 88 6.11 -7.94 -11.98
CA LYS A 88 4.82 -7.46 -11.43
C LYS A 88 4.89 -6.00 -10.91
N TRP A 89 6.08 -5.55 -10.42
CA TRP A 89 6.29 -4.16 -9.93
C TRP A 89 7.04 -3.28 -10.94
N ALA A 90 7.69 -3.91 -11.93
CA ALA A 90 8.39 -3.22 -13.04
C ALA A 90 7.43 -2.29 -13.84
N ASN A 91 6.14 -2.68 -13.93
CA ASN A 91 5.10 -1.95 -14.69
C ASN A 91 4.21 -1.05 -13.76
N SER A 92 4.41 -1.14 -12.44
CA SER A 92 3.51 -0.51 -11.44
C SER A 92 3.82 0.98 -11.20
N LYS A 93 2.76 1.81 -11.18
CA LYS A 93 2.83 3.25 -10.83
C LYS A 93 3.11 3.44 -9.32
N LEU A 94 2.44 2.60 -8.51
CA LEU A 94 2.57 2.57 -7.04
C LEU A 94 4.03 2.46 -6.55
N LEU A 95 4.80 1.58 -7.22
CA LEU A 95 6.23 1.37 -6.92
C LEU A 95 6.99 2.72 -6.98
N LYS A 96 6.75 3.46 -8.07
CA LYS A 96 7.38 4.77 -8.34
C LYS A 96 6.97 5.82 -7.27
N GLN A 97 5.70 5.76 -6.83
CA GLN A 97 5.15 6.61 -5.74
C GLN A 97 5.93 6.36 -4.41
N LEU A 98 6.17 5.07 -4.12
CA LEU A 98 6.85 4.62 -2.88
C LEU A 98 8.36 4.92 -2.91
N GLN A 99 8.97 4.86 -4.10
CA GLN A 99 10.39 5.21 -4.32
C GLN A 99 10.64 6.73 -4.10
N GLU A 100 9.69 7.56 -4.56
CA GLU A 100 9.73 9.03 -4.34
C GLU A 100 9.53 9.39 -2.85
N PHE A 101 8.66 8.63 -2.16
CA PHE A 101 8.40 8.85 -0.72
C PHE A 101 9.61 8.43 0.15
N SER A 102 10.03 7.17 0.01
CA SER A 102 11.02 6.51 0.93
C SER A 102 12.37 7.24 0.99
N GLU A 103 12.88 7.62 -0.19
CA GLU A 103 14.18 8.29 -0.34
C GLU A 103 14.13 9.77 0.12
N ASN A 104 12.93 10.39 0.06
CA ASN A 104 12.74 11.85 0.35
C ASN A 104 11.83 12.14 1.58
N LYS A 105 11.47 11.12 2.39
CA LYS A 105 10.58 11.30 3.57
C LYS A 105 11.31 11.90 4.80
N GLU A 106 12.62 12.11 4.65
CA GLU A 106 13.47 12.83 5.62
C GLU A 106 13.62 14.33 5.22
N LYS A 107 13.27 14.64 3.95
CA LYS A 107 13.41 15.96 3.30
C LYS A 107 14.76 16.66 3.58
N GLU A 108 15.77 16.32 2.78
CA GLU A 108 17.14 16.88 2.90
C GLU A 108 17.82 16.97 1.51
N ILE A 109 19.10 17.41 1.50
CA ILE A 109 19.90 17.53 0.25
C ILE A 109 20.38 16.17 -0.28
N MET A 1 -28.57 25.15 9.35
CA MET A 1 -27.15 24.90 9.03
C MET A 1 -26.58 26.04 8.15
N GLY A 2 -27.08 26.13 6.90
CA GLY A 2 -26.59 27.13 5.93
C GLY A 2 -26.77 26.64 4.49
N HIS A 3 -27.31 27.52 3.61
CA HIS A 3 -27.64 27.16 2.22
C HIS A 3 -26.37 27.04 1.31
N HIS A 4 -25.34 27.82 1.62
CA HIS A 4 -24.06 27.81 0.87
C HIS A 4 -22.96 27.02 1.64
N HIS A 5 -22.11 26.30 0.89
CA HIS A 5 -20.93 25.54 1.43
C HIS A 5 -21.33 24.55 2.55
N HIS A 6 -21.84 23.37 2.15
CA HIS A 6 -22.33 22.32 3.08
C HIS A 6 -21.18 21.43 3.58
N HIS A 7 -20.58 21.80 4.73
CA HIS A 7 -19.47 21.05 5.36
C HIS A 7 -19.99 20.16 6.53
N HIS A 8 -19.52 18.91 6.58
CA HIS A 8 -19.94 17.91 7.60
C HIS A 8 -19.06 17.97 8.87
N SER A 9 -19.60 17.47 9.99
CA SER A 9 -18.90 17.45 11.31
C SER A 9 -19.10 16.08 12.01
N HIS A 10 -20.34 15.80 12.43
CA HIS A 10 -20.69 14.51 13.08
C HIS A 10 -21.09 13.46 12.01
N MET A 11 -20.08 12.95 11.29
CA MET A 11 -20.26 11.95 10.21
C MET A 11 -19.68 10.58 10.63
N ILE A 12 -20.53 9.74 11.25
CA ILE A 12 -20.21 8.34 11.62
C ILE A 12 -21.05 7.39 10.72
N LYS A 13 -20.37 6.44 10.03
CA LYS A 13 -21.01 5.48 9.08
C LYS A 13 -21.62 6.23 7.87
N ARG A 14 -20.85 6.31 6.76
CA ARG A 14 -21.28 7.04 5.54
C ARG A 14 -22.47 6.34 4.85
N THR A 15 -22.36 5.01 4.61
CA THR A 15 -23.45 4.17 4.04
C THR A 15 -23.33 2.70 4.51
N ASN A 16 -22.41 1.92 3.88
CA ASN A 16 -22.18 0.49 4.19
C ASN A 16 -20.66 0.21 4.17
N GLU A 17 -20.06 0.33 2.97
CA GLU A 17 -18.60 0.25 2.78
C GLU A 17 -18.16 1.33 1.74
N PRO A 18 -17.95 2.61 2.18
CA PRO A 18 -17.39 3.67 1.30
C PRO A 18 -15.92 3.42 0.89
N LEU A 19 -15.42 4.28 -0.03
CA LEU A 19 -14.00 4.29 -0.46
C LEU A 19 -13.08 4.64 0.74
N ASP A 20 -13.64 5.43 1.67
CA ASP A 20 -13.00 5.81 2.95
C ASP A 20 -12.69 4.57 3.84
N LYS A 21 -13.61 3.56 3.85
CA LYS A 21 -13.38 2.28 4.59
C LYS A 21 -12.29 1.44 3.93
N LYS A 22 -12.25 1.42 2.57
CA LYS A 22 -11.21 0.70 1.81
C LYS A 22 -9.81 1.28 2.15
N ARG A 23 -9.71 2.63 2.11
CA ARG A 23 -8.49 3.37 2.49
C ARG A 23 -8.03 3.03 3.91
N ALA A 24 -8.94 3.19 4.89
CA ALA A 24 -8.66 2.90 6.32
C ALA A 24 -8.17 1.45 6.56
N ARG A 25 -8.77 0.52 5.79
CA ARG A 25 -8.43 -0.92 5.82
C ARG A 25 -7.01 -1.22 5.25
N LEU A 26 -6.62 -0.50 4.18
CA LEU A 26 -5.28 -0.67 3.56
C LEU A 26 -4.18 -0.01 4.43
N ILE A 27 -4.49 1.19 4.98
CA ILE A 27 -3.65 1.85 6.02
C ILE A 27 -3.51 0.93 7.27
N TYR A 28 -4.56 0.16 7.58
CA TYR A 28 -4.56 -0.86 8.65
C TYR A 28 -3.65 -2.06 8.27
N GLN A 29 -3.67 -2.48 6.99
CA GLN A 29 -2.84 -3.61 6.49
C GLN A 29 -1.37 -3.19 6.23
N SER A 30 -1.08 -1.87 6.29
CA SER A 30 0.32 -1.36 6.31
C SER A 30 0.81 -1.25 7.77
N ARG A 31 -0.13 -0.97 8.70
CA ARG A 31 0.11 -1.02 10.16
C ARG A 31 0.12 -2.49 10.67
N LYS A 32 -0.27 -3.45 9.80
CA LYS A 32 0.08 -4.87 9.95
C LYS A 32 1.29 -5.17 9.04
N ARG A 33 2.44 -5.53 9.62
CA ARG A 33 3.68 -5.81 8.86
C ARG A 33 4.56 -6.84 9.61
N GLY A 34 5.65 -7.30 8.96
CA GLY A 34 6.68 -8.09 9.65
C GLY A 34 7.62 -7.23 10.50
N ILE A 35 8.36 -6.33 9.82
CA ILE A 35 9.26 -5.35 10.49
C ILE A 35 8.61 -3.95 10.61
N LEU A 36 9.05 -3.19 11.63
CA LEU A 36 8.58 -1.81 11.89
C LEU A 36 9.16 -0.78 10.88
N GLU A 37 10.32 -1.10 10.28
CA GLU A 37 10.94 -0.23 9.24
C GLU A 37 10.01 -0.03 8.02
N THR A 38 9.54 -1.14 7.43
CA THR A 38 8.59 -1.12 6.30
C THR A 38 7.17 -0.72 6.75
N ASP A 39 6.82 -1.06 8.01
CA ASP A 39 5.52 -0.70 8.62
C ASP A 39 5.27 0.83 8.54
N LEU A 40 6.21 1.62 9.08
CA LEU A 40 6.14 3.09 9.11
C LEU A 40 6.33 3.71 7.70
N LEU A 41 7.13 3.04 6.84
CA LEU A 41 7.32 3.44 5.42
C LEU A 41 5.98 3.41 4.65
N LEU A 42 5.27 2.27 4.74
CA LEU A 42 3.97 2.06 4.06
C LEU A 42 2.82 2.82 4.75
N SER A 43 2.86 2.93 6.10
CA SER A 43 1.76 3.59 6.88
C SER A 43 1.78 5.13 6.75
N GLY A 44 2.99 5.72 6.64
CA GLY A 44 3.13 7.15 6.31
C GLY A 44 2.73 7.45 4.86
N PHE A 45 3.13 6.52 3.95
CA PHE A 45 2.71 6.52 2.53
C PHE A 45 1.18 6.36 2.41
N ALA A 46 0.62 5.58 3.35
CA ALA A 46 -0.81 5.27 3.37
C ALA A 46 -1.68 6.44 3.82
N ALA A 47 -1.17 7.19 4.82
CA ALA A 47 -1.84 8.42 5.32
C ALA A 47 -1.87 9.55 4.24
N LYS A 48 -0.80 9.62 3.44
CA LYS A 48 -0.59 10.71 2.45
C LYS A 48 -1.23 10.39 1.06
N TYR A 49 -0.85 9.24 0.48
CA TYR A 49 -1.17 8.89 -0.93
C TYR A 49 -2.60 8.34 -1.11
N LEU A 50 -3.00 7.34 -0.28
CA LEU A 50 -4.34 6.68 -0.39
C LEU A 50 -5.51 7.67 -0.46
N LYS A 51 -5.42 8.71 0.37
CA LYS A 51 -6.49 9.70 0.57
C LYS A 51 -6.81 10.50 -0.73
N LYS A 52 -5.84 10.53 -1.66
CA LYS A 52 -5.99 11.18 -2.99
C LYS A 52 -6.00 10.14 -4.15
N MET A 53 -5.50 8.90 -3.90
CA MET A 53 -5.49 7.82 -4.92
C MET A 53 -6.90 7.19 -5.11
N ASN A 54 -7.15 6.69 -6.33
CA ASN A 54 -8.43 6.06 -6.72
C ASN A 54 -8.42 4.56 -6.39
N GLU A 55 -9.63 3.94 -6.38
CA GLU A 55 -9.85 2.51 -6.01
C GLU A 55 -8.90 1.55 -6.77
N GLU A 56 -8.72 1.84 -8.07
CA GLU A 56 -7.83 1.06 -8.99
C GLU A 56 -6.34 1.07 -8.54
N GLU A 57 -5.84 2.24 -8.09
CA GLU A 57 -4.46 2.40 -7.56
C GLU A 57 -4.30 1.70 -6.19
N LEU A 58 -5.31 1.90 -5.35
CA LEU A 58 -5.47 1.22 -4.04
C LEU A 58 -5.47 -0.34 -4.15
N GLU A 59 -5.97 -0.88 -5.28
CA GLU A 59 -5.91 -2.34 -5.58
C GLU A 59 -4.44 -2.83 -5.76
N GLU A 60 -3.64 -2.03 -6.47
CA GLU A 60 -2.20 -2.33 -6.65
C GLU A 60 -1.45 -2.16 -5.31
N TYR A 61 -1.90 -1.19 -4.48
CA TYR A 61 -1.37 -0.98 -3.11
C TYR A 61 -1.67 -2.19 -2.20
N ASP A 62 -2.86 -2.80 -2.37
CA ASP A 62 -3.26 -4.04 -1.66
C ASP A 62 -2.27 -5.19 -1.96
N SER A 63 -1.86 -5.30 -3.24
CA SER A 63 -0.83 -6.27 -3.70
C SER A 63 0.55 -5.99 -3.06
N LEU A 64 0.88 -4.69 -2.84
CA LEU A 64 2.14 -4.27 -2.17
C LEU A 64 2.12 -4.66 -0.66
N LEU A 65 0.94 -4.56 -0.03
CA LEU A 65 0.70 -5.04 1.36
C LEU A 65 0.83 -6.57 1.44
N ASN A 66 0.40 -7.24 0.36
CA ASN A 66 0.50 -8.70 0.17
C ASN A 66 1.99 -9.16 0.02
N GLU A 67 2.90 -8.23 -0.37
CA GLU A 67 4.34 -8.54 -0.50
C GLU A 67 5.05 -8.60 0.87
N LEU A 68 6.18 -9.31 0.91
CA LEU A 68 6.99 -9.48 2.13
C LEU A 68 7.77 -8.16 2.42
N ASP A 69 7.58 -7.65 3.65
CA ASP A 69 8.11 -6.35 4.15
C ASP A 69 9.58 -6.03 3.75
N TRP A 70 10.53 -6.95 4.04
CA TRP A 70 11.96 -6.75 3.70
C TRP A 70 12.18 -6.46 2.20
N ASP A 71 11.51 -7.23 1.32
CA ASP A 71 11.63 -7.06 -0.15
C ASP A 71 11.14 -5.67 -0.59
N ILE A 72 9.95 -5.27 -0.09
CA ILE A 72 9.35 -3.91 -0.31
C ILE A 72 10.36 -2.79 0.05
N TYR A 73 11.01 -2.95 1.22
CA TYR A 73 11.96 -1.98 1.78
C TYR A 73 13.22 -1.85 0.91
N TYR A 74 13.73 -3.01 0.42
CA TYR A 74 14.94 -3.05 -0.43
C TYR A 74 14.68 -2.45 -1.83
N TRP A 75 13.46 -2.63 -2.36
CA TRP A 75 13.05 -2.01 -3.65
C TRP A 75 12.92 -0.47 -3.48
N ALA A 76 12.43 -0.04 -2.31
CA ALA A 76 12.29 1.39 -1.95
C ALA A 76 13.64 2.07 -1.58
N THR A 77 14.69 1.25 -1.31
CA THR A 77 16.06 1.75 -0.96
C THR A 77 17.12 1.38 -2.02
N LYS A 78 16.68 0.77 -3.16
CA LYS A 78 17.55 0.38 -4.32
C LYS A 78 18.57 -0.75 -4.01
N ASN A 79 18.30 -1.55 -2.98
CA ASN A 79 19.12 -2.75 -2.63
C ASN A 79 18.65 -3.98 -3.45
N PHE A 80 18.71 -3.86 -4.79
CA PHE A 80 18.29 -4.93 -5.74
C PHE A 80 19.31 -6.08 -5.83
N LYS A 81 20.50 -5.87 -5.24
CA LYS A 81 21.55 -6.91 -5.12
C LYS A 81 21.13 -8.03 -4.13
N THR A 82 20.48 -7.66 -3.01
CA THR A 82 20.02 -8.63 -1.98
C THR A 82 18.57 -9.11 -2.26
N SER A 83 17.69 -8.16 -2.68
CA SER A 83 16.31 -8.48 -3.13
C SER A 83 16.07 -7.87 -4.53
N PRO A 84 16.23 -8.67 -5.63
CA PRO A 84 16.03 -8.18 -7.01
C PRO A 84 14.55 -7.81 -7.29
N LEU A 85 14.36 -6.87 -8.22
CA LEU A 85 13.04 -6.39 -8.59
C LEU A 85 12.34 -7.41 -9.54
N PRO A 86 11.11 -7.90 -9.19
CA PRO A 86 10.32 -8.78 -10.07
C PRO A 86 9.52 -7.97 -11.14
N ASP A 87 9.18 -8.64 -12.24
CA ASP A 87 8.50 -8.03 -13.41
C ASP A 87 7.11 -7.42 -13.05
N LYS A 88 6.46 -8.00 -12.03
CA LYS A 88 5.17 -7.51 -11.49
C LYS A 88 5.27 -6.07 -10.89
N TRP A 89 6.47 -5.66 -10.42
CA TRP A 89 6.71 -4.28 -9.90
C TRP A 89 7.66 -3.47 -10.82
N ALA A 90 8.27 -4.14 -11.82
CA ALA A 90 9.22 -3.49 -12.76
C ALA A 90 8.52 -2.58 -13.82
N ASN A 91 7.17 -2.48 -13.74
CA ASN A 91 6.38 -1.52 -14.56
C ASN A 91 5.27 -0.85 -13.70
N SER A 92 5.43 -0.91 -12.36
CA SER A 92 4.48 -0.30 -11.39
C SER A 92 4.83 1.19 -11.11
N LYS A 93 3.81 2.06 -11.21
CA LYS A 93 3.91 3.47 -10.79
C LYS A 93 4.01 3.56 -9.25
N LEU A 94 3.17 2.77 -8.55
CA LEU A 94 3.08 2.71 -7.06
C LEU A 94 4.46 2.53 -6.38
N LEU A 95 5.24 1.57 -6.90
CA LEU A 95 6.61 1.28 -6.42
C LEU A 95 7.51 2.55 -6.47
N LYS A 96 7.45 3.25 -7.61
CA LYS A 96 8.26 4.46 -7.87
C LYS A 96 7.78 5.66 -7.02
N GLN A 97 6.44 5.72 -6.77
CA GLN A 97 5.84 6.70 -5.82
C GLN A 97 6.34 6.47 -4.38
N LEU A 98 6.52 5.18 -4.01
CA LEU A 98 7.05 4.76 -2.69
C LEU A 98 8.54 5.16 -2.53
N GLN A 99 9.30 5.07 -3.63
CA GLN A 99 10.73 5.48 -3.69
C GLN A 99 10.88 7.02 -3.62
N GLU A 100 10.00 7.75 -4.34
CA GLU A 100 9.91 9.24 -4.29
C GLU A 100 9.61 9.70 -2.84
N PHE A 101 8.62 9.04 -2.22
CA PHE A 101 8.23 9.24 -0.81
C PHE A 101 9.42 8.97 0.15
N SER A 102 10.10 7.82 -0.08
CA SER A 102 11.19 7.29 0.80
C SER A 102 12.34 8.30 1.06
N GLU A 103 12.52 9.26 0.13
CA GLU A 103 13.59 10.28 0.23
C GLU A 103 13.23 11.44 1.22
N ASN A 104 11.98 11.92 1.17
CA ASN A 104 11.55 13.16 1.90
C ASN A 104 10.46 12.91 2.97
N LYS A 105 10.23 11.63 3.31
CA LYS A 105 9.13 11.22 4.24
C LYS A 105 9.29 11.69 5.72
N GLU A 106 10.50 12.10 6.12
CA GLU A 106 10.76 12.70 7.45
C GLU A 106 11.33 14.13 7.32
N LYS A 107 11.42 14.62 6.07
CA LYS A 107 12.03 15.93 5.74
C LYS A 107 10.97 16.94 5.20
N GLU A 108 9.69 16.57 5.31
CA GLU A 108 8.54 17.38 4.86
C GLU A 108 8.06 18.37 5.97
N ILE A 109 6.87 18.97 5.77
CA ILE A 109 6.19 19.83 6.77
C ILE A 109 5.99 19.07 8.11
N MET A 1 -42.61 -28.38 23.71
CA MET A 1 -43.40 -27.18 24.10
C MET A 1 -42.95 -25.93 23.30
N GLY A 2 -43.84 -24.90 23.24
CA GLY A 2 -43.59 -23.68 22.45
C GLY A 2 -43.94 -23.83 20.96
N HIS A 3 -44.07 -22.69 20.26
CA HIS A 3 -44.40 -22.65 18.81
C HIS A 3 -43.27 -21.96 18.01
N HIS A 4 -43.14 -22.30 16.71
CA HIS A 4 -42.09 -21.73 15.82
C HIS A 4 -42.42 -20.25 15.47
N HIS A 5 -41.63 -19.31 16.04
CA HIS A 5 -41.87 -17.86 15.89
C HIS A 5 -40.61 -17.10 15.41
N HIS A 6 -40.78 -15.78 15.16
CA HIS A 6 -39.70 -14.89 14.67
C HIS A 6 -38.65 -14.62 15.78
N HIS A 7 -37.35 -14.73 15.44
CA HIS A 7 -36.24 -14.54 16.41
C HIS A 7 -35.17 -13.51 15.94
N HIS A 8 -34.98 -13.36 14.60
CA HIS A 8 -34.16 -12.26 14.03
C HIS A 8 -34.33 -12.15 12.49
N SER A 9 -33.98 -10.98 11.93
CA SER A 9 -33.98 -10.73 10.47
C SER A 9 -32.72 -9.93 10.06
N HIS A 10 -32.54 -9.71 8.74
CA HIS A 10 -31.37 -8.99 8.20
C HIS A 10 -31.80 -7.96 7.12
N MET A 11 -31.43 -6.69 7.34
CA MET A 11 -31.69 -5.59 6.38
C MET A 11 -30.70 -5.68 5.18
N ILE A 12 -31.13 -5.20 4.01
CA ILE A 12 -30.38 -5.36 2.75
C ILE A 12 -29.06 -4.52 2.75
N LYS A 13 -27.92 -5.22 2.57
CA LYS A 13 -26.57 -4.61 2.58
C LYS A 13 -26.38 -3.75 1.30
N ARG A 14 -26.75 -2.45 1.41
CA ARG A 14 -26.62 -1.48 0.31
C ARG A 14 -25.14 -1.17 0.00
N THR A 15 -24.34 -0.97 1.05
CA THR A 15 -22.88 -0.74 0.93
C THR A 15 -22.08 -1.93 1.53
N ASN A 16 -21.05 -2.37 0.81
CA ASN A 16 -20.17 -3.49 1.24
C ASN A 16 -18.70 -3.14 0.88
N GLU A 17 -17.97 -2.64 1.90
CA GLU A 17 -16.66 -1.96 1.76
C GLU A 17 -16.73 -0.75 0.77
N PRO A 18 -17.26 0.44 1.25
CA PRO A 18 -17.14 1.74 0.53
C PRO A 18 -15.67 2.13 0.22
N LEU A 19 -15.47 3.16 -0.62
CA LEU A 19 -14.13 3.53 -1.15
C LEU A 19 -13.22 4.11 -0.03
N ASP A 20 -13.78 4.99 0.82
CA ASP A 20 -13.04 5.57 1.97
C ASP A 20 -12.83 4.54 3.12
N LYS A 21 -13.76 3.58 3.28
CA LYS A 21 -13.57 2.46 4.24
C LYS A 21 -12.52 1.45 3.73
N LYS A 22 -12.44 1.27 2.40
CA LYS A 22 -11.39 0.46 1.75
C LYS A 22 -10.02 1.12 1.96
N ARG A 23 -9.99 2.43 1.68
CA ARG A 23 -8.81 3.31 1.86
C ARG A 23 -8.20 3.11 3.26
N ALA A 24 -9.08 3.22 4.29
CA ALA A 24 -8.72 3.00 5.70
C ALA A 24 -8.25 1.55 5.99
N ARG A 25 -8.95 0.56 5.38
CA ARG A 25 -8.64 -0.89 5.57
C ARG A 25 -7.24 -1.26 5.00
N LEU A 26 -6.84 -0.59 3.92
CA LEU A 26 -5.50 -0.76 3.31
C LEU A 26 -4.40 -0.14 4.22
N ILE A 27 -4.67 1.08 4.72
CA ILE A 27 -3.82 1.77 5.74
C ILE A 27 -3.61 0.87 7.01
N TYR A 28 -4.69 0.18 7.43
CA TYR A 28 -4.66 -0.76 8.58
C TYR A 28 -3.63 -1.91 8.37
N GLN A 29 -3.72 -2.57 7.20
CA GLN A 29 -2.86 -3.74 6.88
C GLN A 29 -1.39 -3.35 6.60
N SER A 30 -1.13 -2.05 6.37
CA SER A 30 0.25 -1.51 6.21
C SER A 30 0.86 -1.07 7.55
N ARG A 31 0.00 -0.61 8.49
CA ARG A 31 0.42 -0.19 9.84
C ARG A 31 0.70 -1.40 10.76
N LYS A 32 0.32 -2.60 10.31
CA LYS A 32 0.81 -3.87 10.88
C LYS A 32 1.83 -4.50 9.91
N ARG A 33 3.11 -4.56 10.34
CA ARG A 33 4.23 -5.12 9.54
C ARG A 33 5.30 -5.74 10.46
N GLY A 34 5.95 -6.83 10.00
CA GLY A 34 6.96 -7.57 10.79
C GLY A 34 8.28 -6.80 10.99
N ILE A 35 8.63 -5.90 10.05
CA ILE A 35 9.84 -5.05 10.14
C ILE A 35 9.46 -3.60 10.51
N LEU A 36 10.20 -2.99 11.46
CA LEU A 36 9.93 -1.61 11.95
C LEU A 36 10.11 -0.54 10.83
N GLU A 37 11.17 -0.69 10.01
CA GLU A 37 11.44 0.25 8.89
C GLU A 37 10.42 0.13 7.74
N THR A 38 9.98 -1.12 7.45
CA THR A 38 8.89 -1.39 6.49
C THR A 38 7.54 -0.89 7.02
N ASP A 39 7.37 -1.00 8.35
CA ASP A 39 6.15 -0.57 9.06
C ASP A 39 5.95 0.95 8.92
N LEU A 40 6.97 1.73 9.34
CA LEU A 40 6.95 3.22 9.26
C LEU A 40 6.95 3.74 7.80
N LEU A 41 7.53 2.94 6.88
CA LEU A 41 7.49 3.23 5.42
C LEU A 41 6.04 3.17 4.88
N LEU A 42 5.39 2.01 5.05
CA LEU A 42 4.02 1.76 4.51
C LEU A 42 2.92 2.49 5.32
N SER A 43 3.15 2.69 6.62
CA SER A 43 2.21 3.44 7.51
C SER A 43 2.07 4.91 7.08
N GLY A 44 3.21 5.62 6.99
CA GLY A 44 3.25 7.03 6.58
C GLY A 44 2.87 7.22 5.10
N PHE A 45 3.25 6.24 4.27
CA PHE A 45 2.86 6.17 2.84
C PHE A 45 1.32 6.10 2.71
N ALA A 46 0.71 5.30 3.58
CA ALA A 46 -0.73 5.06 3.56
C ALA A 46 -1.56 6.29 4.00
N ALA A 47 -1.06 7.00 5.02
CA ALA A 47 -1.72 8.24 5.52
C ALA A 47 -1.66 9.39 4.49
N LYS A 48 -0.54 9.47 3.75
CA LYS A 48 -0.27 10.57 2.79
C LYS A 48 -0.85 10.28 1.37
N TYR A 49 -0.46 9.13 0.79
CA TYR A 49 -0.73 8.80 -0.63
C TYR A 49 -2.16 8.28 -0.85
N LEU A 50 -2.62 7.31 -0.03
CA LEU A 50 -4.01 6.77 -0.17
C LEU A 50 -5.09 7.86 -0.07
N LYS A 51 -4.77 8.93 0.68
CA LYS A 51 -5.62 10.11 0.84
C LYS A 51 -6.02 10.73 -0.53
N LYS A 52 -5.02 10.80 -1.44
CA LYS A 52 -5.15 11.45 -2.77
C LYS A 52 -5.21 10.41 -3.94
N MET A 53 -4.85 9.14 -3.65
CA MET A 53 -4.68 8.06 -4.65
C MET A 53 -6.01 7.61 -5.29
N ASN A 54 -5.94 7.22 -6.60
CA ASN A 54 -7.10 6.73 -7.38
C ASN A 54 -7.52 5.29 -6.95
N GLU A 55 -8.80 4.98 -7.21
CA GLU A 55 -9.46 3.67 -6.91
C GLU A 55 -8.65 2.46 -7.43
N GLU A 56 -8.16 2.61 -8.67
CA GLU A 56 -7.39 1.57 -9.39
C GLU A 56 -6.03 1.28 -8.70
N GLU A 57 -5.33 2.36 -8.35
CA GLU A 57 -4.01 2.32 -7.68
C GLU A 57 -4.14 1.81 -6.21
N LEU A 58 -5.31 2.06 -5.57
CA LEU A 58 -5.64 1.47 -4.24
C LEU A 58 -5.66 -0.09 -4.29
N GLU A 59 -6.15 -0.66 -5.41
CA GLU A 59 -6.15 -2.12 -5.62
C GLU A 59 -4.72 -2.65 -5.91
N GLU A 60 -3.89 -1.81 -6.54
CA GLU A 60 -2.44 -2.08 -6.71
C GLU A 60 -1.72 -2.06 -5.33
N TYR A 61 -2.20 -1.19 -4.42
CA TYR A 61 -1.71 -1.13 -3.02
C TYR A 61 -2.16 -2.37 -2.21
N ASP A 62 -3.38 -2.86 -2.49
CA ASP A 62 -3.93 -4.11 -1.90
C ASP A 62 -2.95 -5.29 -2.18
N SER A 63 -2.41 -5.29 -3.42
CA SER A 63 -1.36 -6.25 -3.86
C SER A 63 -0.06 -6.14 -3.01
N LEU A 64 0.37 -4.88 -2.73
CA LEU A 64 1.60 -4.57 -1.96
C LEU A 64 1.54 -5.10 -0.50
N LEU A 65 0.31 -5.16 0.03
CA LEU A 65 0.05 -5.66 1.41
C LEU A 65 0.27 -7.19 1.56
N ASN A 66 0.23 -7.91 0.41
CA ASN A 66 0.54 -9.36 0.36
C ASN A 66 2.06 -9.62 0.18
N GLU A 67 2.84 -8.57 -0.18
CA GLU A 67 4.29 -8.68 -0.48
C GLU A 67 5.15 -8.77 0.81
N LEU A 68 6.41 -9.21 0.62
CA LEU A 68 7.37 -9.45 1.71
C LEU A 68 8.00 -8.14 2.23
N ASP A 69 8.03 -7.99 3.57
CA ASP A 69 8.48 -6.76 4.28
C ASP A 69 9.81 -6.14 3.79
N TRP A 70 10.95 -6.82 4.02
CA TRP A 70 12.28 -6.32 3.58
C TRP A 70 12.32 -6.06 2.05
N ASP A 71 11.66 -6.93 1.27
CA ASP A 71 11.64 -6.81 -0.21
C ASP A 71 11.01 -5.47 -0.66
N ILE A 72 9.85 -5.12 -0.07
CA ILE A 72 9.17 -3.81 -0.27
C ILE A 72 10.12 -2.62 0.02
N TYR A 73 10.85 -2.74 1.14
CA TYR A 73 11.81 -1.72 1.61
C TYR A 73 12.95 -1.48 0.58
N TYR A 74 13.50 -2.57 0.04
CA TYR A 74 14.65 -2.51 -0.89
C TYR A 74 14.24 -2.13 -2.33
N TRP A 75 12.98 -2.41 -2.72
CA TRP A 75 12.42 -1.90 -3.99
C TRP A 75 12.22 -0.37 -3.91
N ALA A 76 11.76 0.08 -2.74
CA ALA A 76 11.52 1.51 -2.44
C ALA A 76 12.84 2.32 -2.37
N THR A 77 13.89 1.71 -1.79
CA THR A 77 15.25 2.34 -1.68
C THR A 77 16.12 2.06 -2.93
N LYS A 78 15.60 1.21 -3.85
CA LYS A 78 16.28 0.81 -5.12
C LYS A 78 17.60 0.00 -4.85
N ASN A 79 17.68 -0.60 -3.64
CA ASN A 79 18.82 -1.44 -3.20
C ASN A 79 18.53 -2.94 -3.50
N PHE A 80 18.71 -3.33 -4.77
CA PHE A 80 18.34 -4.69 -5.25
C PHE A 80 19.43 -5.76 -4.95
N LYS A 81 20.45 -5.40 -4.13
CA LYS A 81 21.54 -6.31 -3.72
C LYS A 81 21.03 -7.55 -2.94
N THR A 82 20.09 -7.31 -2.01
CA THR A 82 19.47 -8.38 -1.18
C THR A 82 18.13 -8.84 -1.79
N SER A 83 17.39 -7.87 -2.37
CA SER A 83 16.00 -8.05 -2.84
C SER A 83 15.82 -7.43 -4.24
N PRO A 84 16.10 -8.21 -5.34
CA PRO A 84 15.85 -7.75 -6.74
C PRO A 84 14.37 -7.43 -7.03
N LEU A 85 14.13 -6.52 -7.98
CA LEU A 85 12.78 -6.10 -8.39
C LEU A 85 12.16 -7.12 -9.38
N PRO A 86 10.95 -7.70 -9.06
CA PRO A 86 10.19 -8.54 -10.00
C PRO A 86 9.50 -7.69 -11.11
N ASP A 87 9.26 -8.33 -12.26
CA ASP A 87 8.70 -7.68 -13.48
C ASP A 87 7.31 -7.03 -13.21
N LYS A 88 6.53 -7.60 -12.27
CA LYS A 88 5.22 -7.06 -11.84
C LYS A 88 5.33 -5.57 -11.35
N TRP A 89 6.30 -5.29 -10.45
CA TRP A 89 6.47 -3.93 -9.85
C TRP A 89 7.27 -2.99 -10.76
N ALA A 90 8.03 -3.57 -11.72
CA ALA A 90 8.88 -2.81 -12.67
C ALA A 90 8.09 -1.73 -13.47
N ASN A 91 6.77 -1.97 -13.68
CA ASN A 91 5.89 -1.06 -14.46
C ASN A 91 4.77 -0.42 -13.59
N SER A 92 4.75 -0.72 -12.28
CA SER A 92 3.67 -0.26 -11.35
C SER A 92 3.77 1.24 -11.02
N LYS A 93 2.63 1.95 -11.13
CA LYS A 93 2.46 3.35 -10.69
C LYS A 93 2.79 3.51 -9.19
N LEU A 94 2.27 2.56 -8.39
CA LEU A 94 2.43 2.52 -6.93
C LEU A 94 3.91 2.52 -6.48
N LEU A 95 4.74 1.67 -7.12
CA LEU A 95 6.18 1.53 -6.78
C LEU A 95 6.94 2.87 -6.96
N LYS A 96 6.59 3.60 -8.03
CA LYS A 96 7.18 4.93 -8.32
C LYS A 96 6.88 5.95 -7.19
N GLN A 97 5.63 5.90 -6.70
CA GLN A 97 5.18 6.70 -5.53
C GLN A 97 5.87 6.24 -4.22
N LEU A 98 6.10 4.91 -4.12
CA LEU A 98 6.71 4.27 -2.93
C LEU A 98 8.19 4.69 -2.78
N GLN A 99 8.89 4.79 -3.92
CA GLN A 99 10.28 5.33 -3.99
C GLN A 99 10.33 6.82 -3.60
N GLU A 100 9.31 7.60 -4.01
CA GLU A 100 9.18 9.03 -3.65
C GLU A 100 9.04 9.23 -2.13
N PHE A 101 8.26 8.35 -1.47
CA PHE A 101 8.10 8.41 -0.01
C PHE A 101 9.36 7.90 0.72
N SER A 102 9.90 6.77 0.24
CA SER A 102 11.06 6.07 0.84
C SER A 102 12.24 7.01 1.10
N GLU A 103 12.67 7.71 0.04
CA GLU A 103 13.86 8.59 0.06
C GLU A 103 13.56 9.93 0.76
N ASN A 104 12.27 10.31 0.79
CA ASN A 104 11.78 11.58 1.39
C ASN A 104 10.88 11.32 2.63
N LYS A 105 11.24 10.29 3.44
CA LYS A 105 10.57 10.06 4.76
C LYS A 105 10.94 11.18 5.75
N GLU A 106 10.14 12.26 5.70
CA GLU A 106 10.34 13.47 6.52
C GLU A 106 9.11 13.78 7.40
N LYS A 107 8.26 12.75 7.66
CA LYS A 107 7.07 12.87 8.54
C LYS A 107 7.49 12.97 10.03
N GLU A 108 7.97 14.16 10.38
CA GLU A 108 8.51 14.50 11.70
C GLU A 108 8.51 16.03 11.90
N ILE A 109 8.71 16.47 13.15
CA ILE A 109 8.69 17.91 13.52
C ILE A 109 10.10 18.54 13.33
N MET A 1 -44.11 6.48 -4.71
CA MET A 1 -42.67 6.36 -5.07
C MET A 1 -41.77 6.45 -3.81
N GLY A 2 -40.65 5.71 -3.79
CA GLY A 2 -39.71 5.75 -2.65
C GLY A 2 -38.71 4.59 -2.64
N HIS A 3 -37.43 4.92 -2.34
CA HIS A 3 -36.35 3.92 -2.17
C HIS A 3 -36.07 3.72 -0.66
N HIS A 4 -36.92 2.91 0.00
CA HIS A 4 -36.83 2.64 1.45
C HIS A 4 -35.75 1.55 1.73
N HIS A 5 -34.73 1.92 2.52
CA HIS A 5 -33.68 0.97 2.96
C HIS A 5 -34.27 -0.12 3.91
N HIS A 6 -33.83 -1.38 3.73
CA HIS A 6 -34.44 -2.56 4.39
C HIS A 6 -33.75 -2.87 5.75
N HIS A 7 -33.95 -1.96 6.74
CA HIS A 7 -33.29 -2.03 8.05
C HIS A 7 -34.02 -3.02 9.01
N HIS A 8 -33.73 -4.32 8.84
CA HIS A 8 -34.22 -5.40 9.73
C HIS A 8 -33.06 -6.38 10.01
N SER A 9 -32.72 -6.56 11.30
CA SER A 9 -31.51 -7.28 11.76
C SER A 9 -31.52 -8.79 11.42
N HIS A 10 -32.71 -9.40 11.21
CA HIS A 10 -32.83 -10.85 10.93
C HIS A 10 -32.31 -11.21 9.51
N MET A 11 -32.40 -10.25 8.56
CA MET A 11 -31.98 -10.47 7.15
C MET A 11 -30.44 -10.36 7.03
N ILE A 12 -29.79 -11.44 6.56
CA ILE A 12 -28.32 -11.54 6.47
C ILE A 12 -27.79 -10.81 5.20
N LYS A 13 -27.15 -9.65 5.42
CA LYS A 13 -26.55 -8.82 4.36
C LYS A 13 -25.09 -8.44 4.74
N ARG A 14 -24.15 -9.31 4.35
CA ARG A 14 -22.72 -9.19 4.72
C ARG A 14 -22.02 -8.01 3.99
N THR A 15 -22.25 -7.88 2.67
CA THR A 15 -21.62 -6.84 1.84
C THR A 15 -22.21 -5.43 2.15
N ASN A 16 -21.65 -4.80 3.19
CA ASN A 16 -21.94 -3.39 3.57
C ASN A 16 -20.63 -2.58 3.49
N GLU A 17 -19.87 -2.81 2.40
CA GLU A 17 -18.54 -2.21 2.16
C GLU A 17 -18.63 -0.95 1.25
N PRO A 18 -18.40 0.29 1.80
CA PRO A 18 -18.01 1.45 0.97
C PRO A 18 -16.53 1.36 0.52
N LEU A 19 -16.17 2.16 -0.49
CA LEU A 19 -14.79 2.24 -0.99
C LEU A 19 -13.84 2.81 0.11
N ASP A 20 -14.41 3.63 1.02
CA ASP A 20 -13.71 4.15 2.21
C ASP A 20 -13.28 3.04 3.20
N LYS A 21 -14.04 1.91 3.25
CA LYS A 21 -13.64 0.72 4.07
C LYS A 21 -12.45 -0.03 3.44
N LYS A 22 -12.30 0.05 2.10
CA LYS A 22 -11.09 -0.47 1.41
C LYS A 22 -9.87 0.41 1.76
N ARG A 23 -10.02 1.74 1.61
CA ARG A 23 -8.99 2.72 1.96
C ARG A 23 -8.54 2.60 3.44
N ALA A 24 -9.52 2.42 4.34
CA ALA A 24 -9.29 2.18 5.79
C ALA A 24 -8.56 0.84 6.04
N ARG A 25 -8.94 -0.20 5.26
CA ARG A 25 -8.29 -1.54 5.29
C ARG A 25 -6.80 -1.45 4.90
N LEU A 26 -6.50 -0.63 3.88
CA LEU A 26 -5.13 -0.51 3.32
C LEU A 26 -4.18 0.22 4.28
N ILE A 27 -4.67 1.33 4.88
CA ILE A 27 -3.95 2.05 5.96
C ILE A 27 -3.80 1.13 7.22
N TYR A 28 -4.73 0.20 7.42
CA TYR A 28 -4.69 -0.81 8.52
C TYR A 28 -3.63 -1.93 8.24
N GLN A 29 -3.53 -2.38 6.97
CA GLN A 29 -2.59 -3.45 6.55
C GLN A 29 -1.13 -2.92 6.45
N SER A 30 -0.98 -1.59 6.42
CA SER A 30 0.33 -0.91 6.51
C SER A 30 0.75 -0.69 7.99
N ARG A 31 -0.24 -0.78 8.90
CA ARG A 31 0.02 -0.78 10.37
C ARG A 31 0.34 -2.20 10.88
N LYS A 32 -0.07 -3.25 10.12
CA LYS A 32 0.34 -4.65 10.39
C LYS A 32 1.55 -4.99 9.50
N ARG A 33 2.71 -5.17 10.14
CA ARG A 33 4.02 -5.33 9.44
C ARG A 33 4.95 -6.28 10.23
N GLY A 34 5.91 -6.88 9.52
CA GLY A 34 6.99 -7.67 10.12
C GLY A 34 8.12 -6.82 10.73
N ILE A 35 8.45 -5.66 10.11
CA ILE A 35 9.47 -4.71 10.65
C ILE A 35 8.90 -3.27 10.73
N LEU A 36 9.48 -2.46 11.65
CA LEU A 36 9.06 -1.07 11.91
C LEU A 36 9.48 -0.09 10.78
N GLU A 37 10.58 -0.38 10.08
CA GLU A 37 11.05 0.48 8.94
C GLU A 37 10.07 0.45 7.75
N THR A 38 9.52 -0.74 7.46
CA THR A 38 8.46 -0.90 6.43
C THR A 38 7.11 -0.33 6.93
N ASP A 39 6.89 -0.34 8.26
CA ASP A 39 5.72 0.32 8.89
C ASP A 39 5.78 1.86 8.71
N LEU A 40 6.93 2.48 9.00
CA LEU A 40 7.14 3.94 8.84
C LEU A 40 7.11 4.35 7.34
N LEU A 41 7.50 3.39 6.48
CA LEU A 41 7.45 3.55 5.01
C LEU A 41 5.98 3.47 4.48
N LEU A 42 5.29 2.37 4.77
CA LEU A 42 3.92 2.12 4.25
C LEU A 42 2.82 2.93 4.96
N SER A 43 2.83 2.97 6.31
CA SER A 43 1.78 3.69 7.10
C SER A 43 1.90 5.24 6.93
N GLY A 44 3.14 5.73 6.72
CA GLY A 44 3.37 7.13 6.33
C GLY A 44 2.87 7.43 4.91
N PHE A 45 3.19 6.51 3.97
CA PHE A 45 2.69 6.51 2.57
C PHE A 45 1.13 6.43 2.55
N ALA A 46 0.57 5.71 3.53
CA ALA A 46 -0.87 5.48 3.63
C ALA A 46 -1.64 6.72 4.10
N ALA A 47 -1.05 7.47 5.05
CA ALA A 47 -1.64 8.72 5.56
C ALA A 47 -1.56 9.87 4.52
N LYS A 48 -0.48 9.85 3.72
CA LYS A 48 -0.20 10.93 2.74
C LYS A 48 -0.86 10.67 1.36
N TYR A 49 -0.56 9.51 0.74
CA TYR A 49 -0.94 9.21 -0.67
C TYR A 49 -2.41 8.74 -0.83
N LEU A 50 -2.91 7.86 0.09
CA LEU A 50 -4.33 7.35 0.02
C LEU A 50 -5.38 8.47 0.10
N LYS A 51 -4.98 9.61 0.66
CA LYS A 51 -5.82 10.82 0.75
C LYS A 51 -6.24 11.38 -0.64
N LYS A 52 -5.42 11.10 -1.68
CA LYS A 52 -5.69 11.51 -3.09
C LYS A 52 -5.91 10.28 -4.02
N MET A 53 -5.55 9.08 -3.53
CA MET A 53 -5.42 7.86 -4.34
C MET A 53 -6.78 7.27 -4.83
N ASN A 54 -6.87 6.98 -6.15
CA ASN A 54 -8.06 6.37 -6.79
C ASN A 54 -8.08 4.83 -6.63
N GLU A 55 -9.25 4.21 -6.94
CA GLU A 55 -9.50 2.74 -6.78
C GLU A 55 -8.41 1.87 -7.46
N GLU A 56 -8.06 2.26 -8.70
CA GLU A 56 -7.03 1.59 -9.54
C GLU A 56 -5.63 1.57 -8.86
N GLU A 57 -5.27 2.69 -8.22
CA GLU A 57 -3.99 2.85 -7.48
C GLU A 57 -4.07 2.15 -6.08
N LEU A 58 -5.28 2.12 -5.48
CA LEU A 58 -5.56 1.49 -4.17
C LEU A 58 -5.36 -0.05 -4.21
N GLU A 59 -5.89 -0.70 -5.27
CA GLU A 59 -5.75 -2.17 -5.46
C GLU A 59 -4.29 -2.57 -5.73
N GLU A 60 -3.53 -1.65 -6.35
CA GLU A 60 -2.07 -1.80 -6.52
C GLU A 60 -1.35 -1.72 -5.16
N TYR A 61 -1.79 -0.75 -4.32
CA TYR A 61 -1.25 -0.56 -2.95
C TYR A 61 -1.53 -1.80 -2.07
N ASP A 62 -2.71 -2.42 -2.25
CA ASP A 62 -3.07 -3.69 -1.57
C ASP A 62 -2.03 -4.78 -1.86
N SER A 63 -1.68 -4.93 -3.16
CA SER A 63 -0.66 -5.89 -3.63
C SER A 63 0.69 -5.71 -2.90
N LEU A 64 1.08 -4.43 -2.66
CA LEU A 64 2.32 -4.07 -1.95
C LEU A 64 2.28 -4.49 -0.46
N LEU A 65 1.09 -4.41 0.14
CA LEU A 65 0.83 -4.85 1.53
C LEU A 65 0.91 -6.40 1.67
N ASN A 66 0.61 -7.12 0.58
CA ASN A 66 0.71 -8.60 0.53
C ASN A 66 2.16 -9.07 0.19
N GLU A 67 3.09 -8.11 -0.09
CA GLU A 67 4.52 -8.41 -0.29
C GLU A 67 5.26 -8.49 1.07
N LEU A 68 6.46 -9.06 1.05
CA LEU A 68 7.30 -9.24 2.26
C LEU A 68 8.03 -7.94 2.62
N ASP A 69 7.96 -7.58 3.91
CA ASP A 69 8.44 -6.29 4.48
C ASP A 69 9.85 -5.86 4.01
N TRP A 70 10.87 -6.70 4.26
CA TRP A 70 12.27 -6.39 3.85
C TRP A 70 12.38 -6.22 2.32
N ASP A 71 11.59 -7.00 1.55
CA ASP A 71 11.60 -6.94 0.06
C ASP A 71 11.03 -5.59 -0.44
N ILE A 72 9.88 -5.18 0.13
CA ILE A 72 9.27 -3.83 -0.08
C ILE A 72 10.31 -2.71 0.16
N TYR A 73 11.02 -2.86 1.29
CA TYR A 73 12.04 -1.91 1.77
C TYR A 73 13.29 -1.89 0.84
N TYR A 74 13.70 -3.07 0.33
CA TYR A 74 14.88 -3.21 -0.56
C TYR A 74 14.59 -2.62 -1.96
N TRP A 75 13.39 -2.88 -2.51
CA TRP A 75 12.93 -2.30 -3.79
C TRP A 75 12.82 -0.75 -3.67
N ALA A 76 12.42 -0.29 -2.47
CA ALA A 76 12.33 1.13 -2.12
C ALA A 76 13.73 1.80 -1.96
N THR A 77 14.72 1.02 -1.49
CA THR A 77 16.13 1.50 -1.30
C THR A 77 17.07 1.02 -2.44
N LYS A 78 16.48 0.49 -3.53
CA LYS A 78 17.19 -0.03 -4.72
C LYS A 78 18.26 -1.11 -4.37
N ASN A 79 17.80 -2.29 -3.97
CA ASN A 79 18.67 -3.45 -3.63
C ASN A 79 18.02 -4.75 -4.17
N PHE A 80 18.54 -5.25 -5.30
CA PHE A 80 17.97 -6.41 -6.03
C PHE A 80 18.93 -7.62 -6.03
N LYS A 81 20.05 -7.47 -5.29
CA LYS A 81 21.02 -8.56 -5.05
C LYS A 81 20.46 -9.60 -4.04
N THR A 82 19.76 -9.09 -2.99
CA THR A 82 19.11 -9.94 -1.95
C THR A 82 17.60 -10.15 -2.23
N SER A 83 16.94 -9.13 -2.82
CA SER A 83 15.51 -9.20 -3.19
C SER A 83 15.28 -8.63 -4.61
N PRO A 84 15.30 -9.50 -5.69
CA PRO A 84 15.09 -9.06 -7.10
C PRO A 84 13.67 -8.46 -7.34
N LEU A 85 13.57 -7.59 -8.35
CA LEU A 85 12.32 -6.85 -8.66
C LEU A 85 11.42 -7.63 -9.65
N PRO A 86 10.12 -7.93 -9.28
CA PRO A 86 9.13 -8.50 -10.22
C PRO A 86 8.67 -7.47 -11.31
N ASP A 87 8.25 -7.98 -12.48
CA ASP A 87 7.74 -7.15 -13.61
C ASP A 87 6.52 -6.30 -13.20
N LYS A 88 5.69 -6.84 -12.27
CA LYS A 88 4.49 -6.15 -11.74
C LYS A 88 4.84 -4.85 -10.97
N TRP A 89 6.08 -4.77 -10.44
CA TRP A 89 6.59 -3.55 -9.76
C TRP A 89 7.54 -2.73 -10.67
N ALA A 90 8.19 -3.40 -11.64
CA ALA A 90 9.14 -2.76 -12.58
C ALA A 90 8.46 -1.67 -13.45
N ASN A 91 7.16 -1.86 -13.76
CA ASN A 91 6.35 -0.90 -14.55
C ASN A 91 5.35 -0.10 -13.66
N SER A 92 5.37 -0.34 -12.34
CA SER A 92 4.35 0.20 -11.40
C SER A 92 4.63 1.67 -10.98
N LYS A 93 3.60 2.52 -11.14
CA LYS A 93 3.60 3.93 -10.65
C LYS A 93 3.76 3.97 -9.11
N LEU A 94 3.11 3.00 -8.43
CA LEU A 94 3.12 2.87 -6.97
C LEU A 94 4.55 2.72 -6.39
N LEU A 95 5.35 1.80 -7.01
CA LEU A 95 6.75 1.53 -6.58
C LEU A 95 7.63 2.80 -6.73
N LYS A 96 7.42 3.53 -7.84
CA LYS A 96 8.13 4.80 -8.13
C LYS A 96 7.84 5.85 -7.04
N GLN A 97 6.53 6.03 -6.74
CA GLN A 97 6.04 6.93 -5.66
C GLN A 97 6.56 6.49 -4.27
N LEU A 98 6.70 5.16 -4.07
CA LEU A 98 7.22 4.56 -2.82
C LEU A 98 8.71 4.90 -2.59
N GLN A 99 9.51 4.78 -3.67
CA GLN A 99 10.95 5.15 -3.67
C GLN A 99 11.14 6.67 -3.44
N GLU A 100 10.24 7.47 -4.04
CA GLU A 100 10.20 8.93 -3.84
C GLU A 100 9.80 9.29 -2.38
N PHE A 101 8.91 8.47 -1.79
CA PHE A 101 8.55 8.60 -0.36
C PHE A 101 9.71 8.14 0.54
N SER A 102 10.49 7.12 0.12
CA SER A 102 11.69 6.65 0.86
C SER A 102 12.74 7.75 0.99
N GLU A 103 12.80 8.61 -0.04
CA GLU A 103 13.66 9.82 -0.04
C GLU A 103 13.05 10.95 0.84
N ASN A 104 11.71 11.03 0.90
CA ASN A 104 10.96 12.09 1.64
C ASN A 104 10.07 11.52 2.79
N LYS A 105 10.57 10.50 3.54
CA LYS A 105 9.84 9.97 4.73
C LYS A 105 9.82 11.03 5.85
N GLU A 106 11.01 11.50 6.23
CA GLU A 106 11.23 12.50 7.29
C GLU A 106 12.03 13.70 6.74
N LYS A 107 12.12 13.81 5.39
CA LYS A 107 13.06 14.74 4.70
C LYS A 107 12.34 15.82 3.85
N GLU A 108 11.01 15.67 3.67
CA GLU A 108 10.19 16.59 2.84
C GLU A 108 10.12 18.01 3.49
N ILE A 109 10.35 19.05 2.67
CA ILE A 109 10.36 20.48 3.12
C ILE A 109 9.61 21.40 2.14
N MET A 1 -45.93 -13.68 -12.70
CA MET A 1 -45.38 -14.96 -12.13
C MET A 1 -44.99 -14.73 -10.64
N GLY A 2 -43.68 -14.78 -10.27
CA GLY A 2 -43.17 -14.37 -8.95
C GLY A 2 -43.77 -15.07 -7.70
N HIS A 3 -44.24 -16.33 -7.86
CA HIS A 3 -44.91 -17.07 -6.75
C HIS A 3 -43.86 -17.68 -5.77
N HIS A 4 -43.26 -18.84 -6.12
CA HIS A 4 -42.22 -19.50 -5.26
C HIS A 4 -40.81 -19.01 -5.73
N HIS A 5 -40.43 -17.82 -5.26
CA HIS A 5 -39.23 -17.09 -5.74
C HIS A 5 -38.05 -17.16 -4.73
N HIS A 6 -36.81 -17.19 -5.25
CA HIS A 6 -35.57 -17.02 -4.44
C HIS A 6 -34.64 -15.99 -5.11
N HIS A 7 -33.91 -16.42 -6.17
CA HIS A 7 -33.02 -15.51 -6.96
C HIS A 7 -33.08 -15.88 -8.47
N HIS A 8 -32.35 -16.94 -8.87
CA HIS A 8 -32.08 -17.28 -10.31
C HIS A 8 -31.36 -16.10 -11.03
N SER A 9 -31.37 -16.11 -12.39
CA SER A 9 -30.92 -14.97 -13.23
C SER A 9 -29.39 -14.70 -13.13
N HIS A 10 -28.92 -13.61 -13.77
CA HIS A 10 -27.48 -13.24 -13.80
C HIS A 10 -27.09 -12.34 -12.60
N MET A 11 -27.91 -11.30 -12.33
CA MET A 11 -27.71 -10.31 -11.22
C MET A 11 -26.40 -9.46 -11.38
N ILE A 12 -26.17 -8.53 -10.42
CA ILE A 12 -24.96 -7.65 -10.39
C ILE A 12 -24.24 -7.77 -9.02
N LYS A 13 -22.89 -7.68 -9.04
CA LYS A 13 -22.05 -7.78 -7.82
C LYS A 13 -22.14 -6.48 -6.96
N ARG A 14 -23.04 -6.49 -5.97
CA ARG A 14 -23.29 -5.33 -5.08
C ARG A 14 -22.48 -5.42 -3.76
N THR A 15 -22.16 -6.65 -3.31
CA THR A 15 -21.36 -6.89 -2.09
C THR A 15 -19.87 -6.54 -2.31
N ASN A 16 -19.40 -5.44 -1.67
CA ASN A 16 -17.99 -5.02 -1.71
C ASN A 16 -17.60 -4.25 -0.40
N GLU A 17 -16.36 -3.75 -0.36
CA GLU A 17 -15.94 -2.77 0.67
C GLU A 17 -15.93 -1.34 0.04
N PRO A 18 -16.78 -0.38 0.57
CA PRO A 18 -16.74 1.06 0.14
C PRO A 18 -15.35 1.69 0.29
N LEU A 19 -15.04 2.73 -0.50
CA LEU A 19 -13.70 3.40 -0.50
C LEU A 19 -13.31 4.00 0.86
N ASP A 20 -14.31 4.41 1.64
CA ASP A 20 -14.12 4.84 3.05
C ASP A 20 -13.58 3.67 3.93
N LYS A 21 -14.22 2.49 3.80
CA LYS A 21 -13.81 1.27 4.53
C LYS A 21 -12.52 0.64 3.94
N LYS A 22 -12.31 0.83 2.62
CA LYS A 22 -11.16 0.25 1.88
C LYS A 22 -9.86 0.97 2.26
N ARG A 23 -9.89 2.31 2.13
CA ARG A 23 -8.77 3.21 2.52
C ARG A 23 -8.38 3.00 4.00
N ALA A 24 -9.39 2.85 4.88
CA ALA A 24 -9.18 2.51 6.31
C ALA A 24 -8.50 1.13 6.48
N ARG A 25 -8.99 0.12 5.71
CA ARG A 25 -8.48 -1.28 5.75
C ARG A 25 -7.04 -1.38 5.18
N LEU A 26 -6.69 -0.53 4.21
CA LEU A 26 -5.35 -0.52 3.59
C LEU A 26 -4.29 0.11 4.52
N ILE A 27 -4.65 1.26 5.16
CA ILE A 27 -3.80 1.88 6.22
C ILE A 27 -3.66 0.92 7.44
N TYR A 28 -4.71 0.15 7.71
CA TYR A 28 -4.69 -0.96 8.71
C TYR A 28 -3.63 -2.05 8.35
N GLN A 29 -3.61 -2.48 7.08
CA GLN A 29 -2.66 -3.51 6.57
C GLN A 29 -1.22 -2.97 6.42
N SER A 30 -1.05 -1.64 6.39
CA SER A 30 0.29 -0.99 6.38
C SER A 30 0.84 -0.85 7.81
N ARG A 31 -0.07 -0.78 8.81
CA ARG A 31 0.28 -0.77 10.24
C ARG A 31 0.45 -2.21 10.80
N LYS A 32 0.07 -3.23 10.01
CA LYS A 32 0.47 -4.64 10.26
C LYS A 32 1.51 -5.07 9.21
N ARG A 33 2.77 -5.29 9.64
CA ARG A 33 3.88 -5.74 8.77
C ARG A 33 4.72 -6.82 9.51
N GLY A 34 5.89 -7.14 8.95
CA GLY A 34 6.88 -8.04 9.58
C GLY A 34 7.95 -7.28 10.37
N ILE A 35 8.48 -6.19 9.77
CA ILE A 35 9.49 -5.31 10.41
C ILE A 35 8.95 -3.87 10.57
N LEU A 36 9.44 -3.16 11.61
CA LEU A 36 8.99 -1.80 11.95
C LEU A 36 9.47 -0.73 10.94
N GLU A 37 10.52 -1.03 10.17
CA GLU A 37 10.95 -0.16 9.04
C GLU A 37 9.89 -0.12 7.92
N THR A 38 9.33 -1.28 7.56
CA THR A 38 8.26 -1.36 6.54
C THR A 38 6.91 -0.81 7.09
N ASP A 39 6.68 -0.94 8.43
CA ASP A 39 5.54 -0.25 9.11
C ASP A 39 5.63 1.29 8.91
N LEU A 40 6.74 1.90 9.34
CA LEU A 40 6.97 3.37 9.22
C LEU A 40 6.98 3.85 7.74
N LEU A 41 7.46 2.97 6.84
CA LEU A 41 7.49 3.25 5.38
C LEU A 41 6.04 3.28 4.80
N LEU A 42 5.32 2.18 4.91
CA LEU A 42 3.99 2.02 4.27
C LEU A 42 2.87 2.81 4.98
N SER A 43 2.95 2.94 6.31
CA SER A 43 1.92 3.70 7.10
C SER A 43 2.01 5.22 6.83
N GLY A 44 3.23 5.74 6.67
CA GLY A 44 3.45 7.13 6.23
C GLY A 44 3.00 7.36 4.78
N PHE A 45 3.31 6.36 3.91
CA PHE A 45 2.85 6.27 2.51
C PHE A 45 1.30 6.19 2.47
N ALA A 46 0.72 5.53 3.48
CA ALA A 46 -0.72 5.31 3.57
C ALA A 46 -1.49 6.60 3.95
N ALA A 47 -0.92 7.38 4.88
CA ALA A 47 -1.50 8.68 5.30
C ALA A 47 -1.41 9.74 4.17
N LYS A 48 -0.33 9.68 3.37
CA LYS A 48 -0.01 10.68 2.34
C LYS A 48 -0.67 10.35 0.97
N TYR A 49 -0.44 9.13 0.47
CA TYR A 49 -0.82 8.72 -0.90
C TYR A 49 -2.28 8.27 -1.03
N LEU A 50 -2.83 7.49 -0.06
CA LEU A 50 -4.28 7.11 -0.07
C LEU A 50 -5.20 8.34 0.00
N LYS A 51 -4.65 9.45 0.50
CA LYS A 51 -5.34 10.76 0.56
C LYS A 51 -5.67 11.30 -0.87
N LYS A 52 -4.84 10.93 -1.88
CA LYS A 52 -4.98 11.41 -3.28
C LYS A 52 -5.23 10.26 -4.33
N MET A 53 -4.82 9.01 -4.01
CA MET A 53 -4.83 7.89 -5.01
C MET A 53 -6.26 7.41 -5.36
N ASN A 54 -6.40 6.96 -6.62
CA ASN A 54 -7.67 6.44 -7.17
C ASN A 54 -7.89 4.96 -6.77
N GLU A 55 -9.13 4.47 -6.98
CA GLU A 55 -9.56 3.09 -6.62
C GLU A 55 -8.58 2.01 -7.14
N GLU A 56 -8.18 2.14 -8.42
CA GLU A 56 -7.26 1.20 -9.11
C GLU A 56 -5.83 1.20 -8.48
N GLU A 57 -5.36 2.37 -8.04
CA GLU A 57 -4.04 2.53 -7.35
C GLU A 57 -4.09 1.93 -5.92
N LEU A 58 -5.21 2.15 -5.22
CA LEU A 58 -5.47 1.60 -3.87
C LEU A 58 -5.48 0.05 -3.82
N GLU A 59 -6.13 -0.61 -4.79
CA GLU A 59 -6.19 -2.10 -4.86
C GLU A 59 -4.85 -2.68 -5.34
N GLU A 60 -4.08 -1.88 -6.10
CA GLU A 60 -2.66 -2.20 -6.41
C GLU A 60 -1.79 -2.08 -5.14
N TYR A 61 -2.10 -1.08 -4.28
CA TYR A 61 -1.45 -0.90 -2.97
C TYR A 61 -1.77 -2.07 -2.02
N ASP A 62 -2.99 -2.63 -2.14
CA ASP A 62 -3.38 -3.87 -1.43
C ASP A 62 -2.40 -5.01 -1.77
N SER A 63 -2.12 -5.17 -3.08
CA SER A 63 -1.12 -6.16 -3.59
C SER A 63 0.30 -5.93 -3.02
N LEU A 64 0.66 -4.64 -2.79
CA LEU A 64 1.95 -4.27 -2.15
C LEU A 64 1.97 -4.69 -0.66
N LEU A 65 0.81 -4.62 0.00
CA LEU A 65 0.61 -5.09 1.40
C LEU A 65 0.65 -6.64 1.49
N ASN A 66 0.36 -7.31 0.36
CA ASN A 66 0.51 -8.79 0.24
C ASN A 66 1.95 -9.21 -0.22
N GLU A 67 2.90 -8.25 -0.30
CA GLU A 67 4.33 -8.54 -0.61
C GLU A 67 5.18 -8.76 0.66
N LEU A 68 6.43 -9.20 0.44
CA LEU A 68 7.42 -9.42 1.51
C LEU A 68 8.03 -8.08 1.99
N ASP A 69 8.01 -7.87 3.31
CA ASP A 69 8.36 -6.59 3.99
C ASP A 69 9.75 -6.02 3.59
N TRP A 70 10.81 -6.84 3.71
CA TRP A 70 12.18 -6.42 3.29
C TRP A 70 12.25 -6.07 1.79
N ASP A 71 11.50 -6.79 0.96
CA ASP A 71 11.43 -6.53 -0.50
C ASP A 71 10.84 -5.13 -0.77
N ILE A 72 9.67 -4.85 -0.17
CA ILE A 72 9.01 -3.52 -0.22
C ILE A 72 9.99 -2.38 0.16
N TYR A 73 10.75 -2.63 1.24
CA TYR A 73 11.73 -1.69 1.82
C TYR A 73 12.93 -1.45 0.87
N TYR A 74 13.45 -2.53 0.27
CA TYR A 74 14.65 -2.48 -0.62
C TYR A 74 14.33 -1.93 -2.03
N TRP A 75 13.07 -2.12 -2.51
CA TRP A 75 12.61 -1.50 -3.78
C TRP A 75 12.50 0.03 -3.61
N ALA A 76 11.94 0.44 -2.46
CA ALA A 76 11.72 1.86 -2.08
C ALA A 76 13.06 2.64 -1.94
N THR A 77 13.96 2.07 -1.13
CA THR A 77 15.32 2.65 -0.91
C THR A 77 16.21 2.53 -2.18
N LYS A 78 15.78 1.66 -3.13
CA LYS A 78 16.47 1.38 -4.41
C LYS A 78 17.87 0.73 -4.17
N ASN A 79 18.03 0.12 -2.97
CA ASN A 79 19.21 -0.68 -2.61
C ASN A 79 19.11 -2.05 -3.31
N PHE A 80 17.95 -2.72 -3.10
CA PHE A 80 17.65 -4.10 -3.53
C PHE A 80 18.56 -5.12 -2.80
N LYS A 81 19.80 -5.21 -3.31
CA LYS A 81 20.88 -6.11 -2.84
C LYS A 81 20.46 -7.60 -2.73
N THR A 82 19.68 -7.92 -1.70
CA THR A 82 19.19 -9.30 -1.41
C THR A 82 17.76 -9.52 -1.96
N SER A 83 17.01 -8.42 -2.13
CA SER A 83 15.60 -8.42 -2.61
C SER A 83 15.50 -7.76 -4.01
N PRO A 84 15.49 -8.56 -5.13
CA PRO A 84 15.39 -8.01 -6.51
C PRO A 84 13.96 -7.57 -6.90
N LEU A 85 13.83 -6.88 -8.05
CA LEU A 85 12.53 -6.36 -8.53
C LEU A 85 11.80 -7.41 -9.41
N PRO A 86 10.55 -7.86 -9.03
CA PRO A 86 9.71 -8.74 -9.87
C PRO A 86 9.10 -8.01 -11.11
N ASP A 87 8.56 -8.80 -12.06
CA ASP A 87 8.05 -8.31 -13.35
C ASP A 87 6.79 -7.42 -13.19
N LYS A 88 5.88 -7.85 -12.28
CA LYS A 88 4.61 -7.13 -11.97
C LYS A 88 4.86 -5.76 -11.27
N TRP A 89 6.09 -5.53 -10.78
CA TRP A 89 6.50 -4.22 -10.17
C TRP A 89 7.42 -3.42 -11.11
N ALA A 90 7.99 -4.09 -12.13
CA ALA A 90 8.72 -3.39 -13.21
C ALA A 90 7.74 -2.49 -14.01
N ASN A 91 8.03 -1.16 -14.00
CA ASN A 91 7.21 -0.09 -14.62
C ASN A 91 5.88 0.17 -13.85
N SER A 92 5.87 -0.13 -12.53
CA SER A 92 4.71 0.17 -11.64
C SER A 92 4.70 1.65 -11.18
N LYS A 93 3.54 2.33 -11.33
CA LYS A 93 3.34 3.72 -10.83
C LYS A 93 3.46 3.78 -9.29
N LEU A 94 2.82 2.79 -8.63
CA LEU A 94 2.84 2.63 -7.16
C LEU A 94 4.29 2.50 -6.61
N LEU A 95 5.12 1.74 -7.35
CA LEU A 95 6.55 1.56 -7.03
C LEU A 95 7.31 2.90 -7.08
N LYS A 96 7.10 3.65 -8.18
CA LYS A 96 7.74 4.98 -8.41
C LYS A 96 7.40 5.98 -7.28
N GLN A 97 6.12 5.95 -6.86
CA GLN A 97 5.59 6.72 -5.72
C GLN A 97 6.32 6.33 -4.40
N LEU A 98 6.54 5.02 -4.20
CA LEU A 98 7.17 4.46 -2.98
C LEU A 98 8.69 4.79 -2.90
N GLN A 99 9.36 4.80 -4.07
CA GLN A 99 10.81 5.10 -4.19
C GLN A 99 11.13 6.57 -3.84
N GLU A 100 10.37 7.51 -4.45
CA GLU A 100 10.52 8.95 -4.20
C GLU A 100 10.02 9.32 -2.78
N PHE A 101 9.06 8.52 -2.25
CA PHE A 101 8.58 8.66 -0.87
C PHE A 101 9.71 8.34 0.14
N SER A 102 10.38 7.18 -0.04
CA SER A 102 11.45 6.69 0.89
C SER A 102 12.59 7.74 1.07
N GLU A 103 12.79 8.57 0.04
CA GLU A 103 13.75 9.70 0.07
C GLU A 103 13.30 10.83 1.02
N ASN A 104 11.99 11.18 0.93
CA ASN A 104 11.41 12.37 1.61
C ASN A 104 10.33 12.00 2.65
N LYS A 105 10.38 10.74 3.17
CA LYS A 105 9.29 10.15 4.01
C LYS A 105 9.06 10.85 5.36
N GLU A 106 10.13 11.44 5.91
CA GLU A 106 10.10 12.12 7.23
C GLU A 106 10.36 13.65 7.08
N LYS A 107 10.15 14.19 5.86
CA LYS A 107 10.33 15.64 5.58
C LYS A 107 9.00 16.41 5.74
N GLU A 108 8.61 16.67 6.99
CA GLU A 108 7.50 17.59 7.32
C GLU A 108 8.06 18.91 7.90
N ILE A 109 7.16 19.83 8.37
CA ILE A 109 7.55 21.11 9.01
C ILE A 109 8.37 22.02 8.04
N MET A 1 -37.49 25.03 -16.33
CA MET A 1 -37.24 23.56 -16.31
C MET A 1 -37.15 23.03 -14.86
N GLY A 2 -38.26 22.51 -14.31
CA GLY A 2 -38.27 21.90 -12.98
C GLY A 2 -39.67 21.70 -12.38
N HIS A 3 -39.69 21.22 -11.12
CA HIS A 3 -40.90 21.11 -10.25
C HIS A 3 -41.92 20.02 -10.72
N HIS A 4 -41.62 19.27 -11.80
CA HIS A 4 -42.56 18.23 -12.36
C HIS A 4 -41.84 16.98 -12.94
N HIS A 5 -40.50 17.00 -13.03
CA HIS A 5 -39.73 15.93 -13.71
C HIS A 5 -39.59 14.64 -12.84
N HIS A 6 -39.32 14.83 -11.54
CA HIS A 6 -39.21 13.73 -10.54
C HIS A 6 -38.01 12.76 -10.83
N HIS A 7 -36.92 13.31 -11.41
CA HIS A 7 -35.67 12.56 -11.63
C HIS A 7 -34.97 12.31 -10.25
N HIS A 8 -35.35 11.20 -9.61
CA HIS A 8 -34.91 10.85 -8.24
C HIS A 8 -33.47 10.27 -8.19
N SER A 9 -32.95 9.81 -9.36
CA SER A 9 -31.60 9.21 -9.51
C SER A 9 -31.45 7.94 -8.62
N HIS A 10 -30.21 7.44 -8.42
CA HIS A 10 -29.90 6.35 -7.47
C HIS A 10 -28.65 6.72 -6.63
N MET A 11 -28.63 6.29 -5.36
CA MET A 11 -27.48 6.46 -4.44
C MET A 11 -26.83 5.08 -4.13
N ILE A 12 -25.89 5.05 -3.16
CA ILE A 12 -25.16 3.82 -2.78
C ILE A 12 -26.07 2.89 -1.91
N LYS A 13 -26.79 1.97 -2.58
CA LYS A 13 -27.66 0.96 -1.92
C LYS A 13 -26.96 -0.43 -1.90
N ARG A 14 -27.10 -1.15 -0.77
CA ARG A 14 -26.63 -2.54 -0.57
C ARG A 14 -25.10 -2.71 -0.82
N THR A 15 -24.31 -2.38 0.21
CA THR A 15 -22.84 -2.42 0.14
C THR A 15 -22.24 -3.03 1.42
N ASN A 16 -21.24 -3.91 1.25
CA ASN A 16 -20.48 -4.51 2.37
C ASN A 16 -19.31 -3.58 2.75
N GLU A 17 -18.54 -3.18 1.71
CA GLU A 17 -17.41 -2.26 1.83
C GLU A 17 -17.51 -1.16 0.73
N PRO A 18 -17.98 0.07 1.09
CA PRO A 18 -17.71 1.29 0.29
C PRO A 18 -16.19 1.56 0.15
N LEU A 19 -15.82 2.37 -0.85
CA LEU A 19 -14.40 2.67 -1.16
C LEU A 19 -13.71 3.42 0.03
N ASP A 20 -14.51 4.16 0.81
CA ASP A 20 -14.06 4.82 2.05
C ASP A 20 -13.56 3.79 3.09
N LYS A 21 -14.29 2.64 3.23
CA LYS A 21 -13.87 1.52 4.10
C LYS A 21 -12.58 0.82 3.57
N LYS A 22 -12.44 0.69 2.22
CA LYS A 22 -11.21 0.12 1.59
C LYS A 22 -9.97 0.97 1.94
N ARG A 23 -10.09 2.30 1.75
CA ARG A 23 -9.02 3.27 2.08
C ARG A 23 -8.56 3.12 3.55
N ALA A 24 -9.52 3.11 4.47
CA ALA A 24 -9.26 2.94 5.93
C ALA A 24 -8.60 1.58 6.27
N ARG A 25 -9.07 0.50 5.59
CA ARG A 25 -8.52 -0.87 5.75
C ARG A 25 -7.04 -0.95 5.28
N LEU A 26 -6.73 -0.31 4.14
CA LEU A 26 -5.38 -0.31 3.56
C LEU A 26 -4.37 0.39 4.47
N ILE A 27 -4.75 1.56 5.02
CA ILE A 27 -3.94 2.29 6.03
C ILE A 27 -3.64 1.39 7.25
N TYR A 28 -4.66 0.63 7.71
CA TYR A 28 -4.51 -0.37 8.79
C TYR A 28 -3.50 -1.50 8.40
N GLN A 29 -3.63 -2.04 7.18
CA GLN A 29 -2.75 -3.14 6.66
C GLN A 29 -1.31 -2.65 6.35
N SER A 30 -1.14 -1.32 6.26
CA SER A 30 0.17 -0.65 6.12
C SER A 30 0.90 -0.56 7.48
N ARG A 31 0.10 -0.27 8.53
CA ARG A 31 0.59 -0.24 9.93
C ARG A 31 0.67 -1.66 10.52
N LYS A 32 0.03 -2.63 9.82
CA LYS A 32 0.17 -4.06 10.11
C LYS A 32 1.40 -4.58 9.33
N ARG A 33 2.48 -4.95 10.05
CA ARG A 33 3.77 -5.30 9.38
C ARG A 33 4.61 -6.26 10.26
N GLY A 34 5.41 -7.10 9.59
CA GLY A 34 6.37 -8.00 10.26
C GLY A 34 7.60 -7.29 10.84
N ILE A 35 8.17 -6.33 10.07
CA ILE A 35 9.34 -5.55 10.53
C ILE A 35 9.00 -4.05 10.66
N LEU A 36 9.75 -3.35 11.53
CA LEU A 36 9.59 -1.89 11.80
C LEU A 36 10.11 -1.01 10.64
N GLU A 37 11.04 -1.55 9.84
CA GLU A 37 11.62 -0.82 8.68
C GLU A 37 10.55 -0.53 7.60
N THR A 38 9.86 -1.59 7.18
CA THR A 38 8.74 -1.51 6.21
C THR A 38 7.47 -0.89 6.85
N ASP A 39 7.32 -1.10 8.18
CA ASP A 39 6.21 -0.53 8.97
C ASP A 39 6.12 1.00 8.84
N LEU A 40 7.21 1.71 9.21
CA LEU A 40 7.28 3.20 9.16
C LEU A 40 7.24 3.72 7.69
N LEU A 41 7.72 2.89 6.75
CA LEU A 41 7.68 3.17 5.30
C LEU A 41 6.22 3.23 4.77
N LEU A 42 5.48 2.12 4.93
CA LEU A 42 4.09 1.98 4.43
C LEU A 42 3.05 2.74 5.26
N SER A 43 3.27 2.86 6.59
CA SER A 43 2.36 3.60 7.51
C SER A 43 2.30 5.10 7.13
N GLY A 44 3.50 5.68 6.92
CA GLY A 44 3.62 7.08 6.45
C GLY A 44 3.10 7.26 5.02
N PHE A 45 3.39 6.28 4.14
CA PHE A 45 2.94 6.26 2.73
C PHE A 45 1.38 6.24 2.64
N ALA A 46 0.75 5.44 3.51
CA ALA A 46 -0.71 5.28 3.53
C ALA A 46 -1.44 6.53 4.04
N ALA A 47 -0.87 7.16 5.07
CA ALA A 47 -1.43 8.39 5.67
C ALA A 47 -1.30 9.62 4.73
N LYS A 48 -0.30 9.57 3.82
CA LYS A 48 0.00 10.66 2.88
C LYS A 48 -0.73 10.51 1.51
N TYR A 49 -0.55 9.34 0.88
CA TYR A 49 -0.94 9.08 -0.54
C TYR A 49 -2.43 8.72 -0.72
N LEU A 50 -2.98 7.82 0.13
CA LEU A 50 -4.41 7.35 0.02
C LEU A 50 -5.44 8.51 0.04
N LYS A 51 -5.02 9.67 0.56
CA LYS A 51 -5.81 10.90 0.57
C LYS A 51 -6.28 11.32 -0.86
N LYS A 52 -5.37 11.21 -1.87
CA LYS A 52 -5.65 11.61 -3.28
C LYS A 52 -5.68 10.40 -4.25
N MET A 53 -5.01 9.29 -3.88
CA MET A 53 -4.76 8.15 -4.78
C MET A 53 -6.07 7.36 -5.09
N ASN A 54 -6.28 7.05 -6.40
CA ASN A 54 -7.54 6.49 -6.95
C ASN A 54 -7.81 5.03 -6.52
N GLU A 55 -9.10 4.66 -6.64
CA GLU A 55 -9.67 3.33 -6.26
C GLU A 55 -8.84 2.17 -6.82
N GLU A 56 -8.61 2.25 -8.13
CA GLU A 56 -7.86 1.25 -8.91
C GLU A 56 -6.37 1.16 -8.50
N GLU A 57 -5.76 2.32 -8.16
CA GLU A 57 -4.37 2.39 -7.65
C GLU A 57 -4.26 1.82 -6.21
N LEU A 58 -5.35 1.98 -5.43
CA LEU A 58 -5.48 1.44 -4.05
C LEU A 58 -5.47 -0.11 -4.02
N GLU A 59 -6.01 -0.73 -5.09
CA GLU A 59 -6.03 -2.21 -5.24
C GLU A 59 -4.64 -2.75 -5.63
N GLU A 60 -3.84 -1.93 -6.34
CA GLU A 60 -2.39 -2.22 -6.58
C GLU A 60 -1.61 -2.11 -5.25
N TYR A 61 -2.03 -1.16 -4.37
CA TYR A 61 -1.44 -1.00 -3.03
C TYR A 61 -1.74 -2.21 -2.11
N ASP A 62 -2.97 -2.76 -2.22
CA ASP A 62 -3.38 -3.99 -1.50
C ASP A 62 -2.45 -5.18 -1.85
N SER A 63 -2.08 -5.27 -3.15
CA SER A 63 -1.10 -6.26 -3.65
C SER A 63 0.28 -6.11 -2.96
N LEU A 64 0.73 -4.85 -2.76
CA LEU A 64 2.01 -4.53 -2.11
C LEU A 64 1.98 -4.87 -0.59
N LEU A 65 0.81 -4.67 0.04
CA LEU A 65 0.58 -5.02 1.47
C LEU A 65 0.57 -6.55 1.69
N ASN A 66 0.36 -7.31 0.61
CA ASN A 66 0.42 -8.79 0.60
C ASN A 66 1.82 -9.32 0.15
N GLU A 67 2.75 -8.40 -0.19
CA GLU A 67 4.17 -8.75 -0.50
C GLU A 67 4.98 -8.97 0.81
N LEU A 68 6.21 -9.51 0.65
CA LEU A 68 7.13 -9.77 1.78
C LEU A 68 7.75 -8.46 2.32
N ASP A 69 7.87 -8.39 3.67
CA ASP A 69 8.30 -7.17 4.40
C ASP A 69 9.61 -6.55 3.87
N TRP A 70 10.75 -7.26 4.08
CA TRP A 70 12.10 -6.76 3.71
C TRP A 70 12.19 -6.34 2.21
N ASP A 71 11.50 -7.10 1.33
CA ASP A 71 11.49 -6.85 -0.13
C ASP A 71 10.91 -5.46 -0.47
N ILE A 72 9.73 -5.13 0.09
CA ILE A 72 9.06 -3.80 -0.08
C ILE A 72 10.03 -2.65 0.28
N TYR A 73 10.74 -2.83 1.41
CA TYR A 73 11.70 -1.86 1.94
C TYR A 73 12.91 -1.67 1.00
N TYR A 74 13.47 -2.79 0.51
CA TYR A 74 14.69 -2.78 -0.34
C TYR A 74 14.43 -2.20 -1.75
N TRP A 75 13.21 -2.42 -2.30
CA TRP A 75 12.80 -1.82 -3.59
C TRP A 75 12.68 -0.29 -3.46
N ALA A 76 12.14 0.16 -2.32
CA ALA A 76 11.97 1.60 -1.99
C ALA A 76 13.33 2.28 -1.71
N THR A 77 14.27 1.53 -1.09
CA THR A 77 15.62 2.05 -0.70
C THR A 77 16.72 1.69 -1.73
N LYS A 78 16.31 1.25 -2.95
CA LYS A 78 17.23 1.01 -4.10
C LYS A 78 18.22 -0.19 -3.87
N ASN A 79 18.06 -0.92 -2.75
CA ASN A 79 18.96 -2.02 -2.36
C ASN A 79 18.49 -3.37 -2.99
N PHE A 80 18.63 -3.47 -4.33
CA PHE A 80 18.15 -4.64 -5.12
C PHE A 80 19.13 -5.84 -5.09
N LYS A 81 20.36 -5.62 -4.56
CA LYS A 81 21.38 -6.70 -4.41
C LYS A 81 20.85 -7.88 -3.55
N THR A 82 20.19 -7.52 -2.45
CA THR A 82 19.60 -8.49 -1.49
C THR A 82 18.17 -8.91 -1.92
N SER A 83 17.34 -7.94 -2.38
CA SER A 83 15.98 -8.24 -2.92
C SER A 83 15.81 -7.63 -4.33
N PRO A 84 16.06 -8.43 -5.42
CA PRO A 84 15.88 -7.97 -6.83
C PRO A 84 14.43 -7.56 -7.15
N LEU A 85 14.28 -6.61 -8.10
CA LEU A 85 12.97 -6.11 -8.51
C LEU A 85 12.30 -7.07 -9.55
N PRO A 86 11.09 -7.65 -9.24
CA PRO A 86 10.32 -8.45 -10.21
C PRO A 86 9.63 -7.58 -11.30
N ASP A 87 9.32 -8.22 -12.44
CA ASP A 87 8.67 -7.56 -13.61
C ASP A 87 7.28 -6.97 -13.25
N LYS A 88 6.59 -7.63 -12.29
CA LYS A 88 5.25 -7.21 -11.79
C LYS A 88 5.25 -5.81 -11.13
N TRP A 89 6.41 -5.36 -10.59
CA TRP A 89 6.56 -4.01 -9.99
C TRP A 89 7.40 -3.06 -10.87
N ALA A 90 8.06 -3.61 -11.91
CA ALA A 90 8.96 -2.83 -12.81
C ALA A 90 8.26 -1.62 -13.49
N ASN A 91 6.98 -1.80 -13.86
CA ASN A 91 6.19 -0.78 -14.59
C ASN A 91 5.06 -0.16 -13.70
N SER A 92 5.02 -0.56 -12.41
CA SER A 92 3.94 -0.17 -11.47
C SER A 92 4.04 1.31 -11.03
N LYS A 93 2.93 2.06 -11.21
CA LYS A 93 2.77 3.46 -10.73
C LYS A 93 3.10 3.59 -9.23
N LEU A 94 2.51 2.68 -8.45
CA LEU A 94 2.65 2.60 -6.97
C LEU A 94 4.13 2.57 -6.49
N LEU A 95 4.94 1.71 -7.13
CA LEU A 95 6.35 1.51 -6.73
C LEU A 95 7.17 2.80 -6.88
N LYS A 96 6.94 3.54 -7.98
CA LYS A 96 7.63 4.82 -8.24
C LYS A 96 7.22 5.89 -7.20
N GLN A 97 5.94 5.87 -6.80
CA GLN A 97 5.42 6.70 -5.68
C GLN A 97 6.15 6.36 -4.34
N LEU A 98 6.36 5.04 -4.11
CA LEU A 98 6.98 4.50 -2.89
C LEU A 98 8.47 4.89 -2.78
N GLN A 99 9.17 4.85 -3.92
CA GLN A 99 10.59 5.25 -4.04
C GLN A 99 10.77 6.78 -3.83
N GLU A 100 9.81 7.58 -4.38
CA GLU A 100 9.77 9.04 -4.17
C GLU A 100 9.58 9.39 -2.67
N PHE A 101 8.68 8.65 -1.99
CA PHE A 101 8.41 8.85 -0.56
C PHE A 101 9.60 8.39 0.32
N SER A 102 10.16 7.21 0.00
CA SER A 102 11.21 6.56 0.81
C SER A 102 12.40 7.49 1.13
N GLU A 103 12.94 8.13 0.09
CA GLU A 103 14.06 9.09 0.22
C GLU A 103 13.56 10.46 0.81
N ASN A 104 12.33 10.86 0.44
CA ASN A 104 11.77 12.20 0.74
C ASN A 104 10.60 12.15 1.77
N LYS A 105 10.72 11.29 2.81
CA LYS A 105 9.72 11.24 3.92
C LYS A 105 9.70 12.58 4.68
N GLU A 106 10.87 12.95 5.24
CA GLU A 106 11.10 14.24 5.94
C GLU A 106 12.56 14.69 5.69
N LYS A 107 13.52 14.01 6.38
CA LYS A 107 14.96 14.24 6.26
C LYS A 107 15.76 12.91 6.49
N GLU A 108 16.21 12.30 5.37
CA GLU A 108 17.03 11.07 5.40
C GLU A 108 17.78 10.86 4.06
N ILE A 109 18.60 9.78 3.98
CA ILE A 109 19.31 9.41 2.74
C ILE A 109 18.75 8.07 2.18
N MET A 1 -4.67 -4.42 -35.25
CA MET A 1 -4.57 -4.71 -33.79
C MET A 1 -4.81 -3.43 -32.96
N GLY A 2 -5.61 -3.54 -31.88
CA GLY A 2 -5.89 -2.41 -30.97
C GLY A 2 -7.38 -2.27 -30.66
N HIS A 3 -7.90 -3.21 -29.84
CA HIS A 3 -9.32 -3.19 -29.41
C HIS A 3 -9.48 -2.67 -27.97
N HIS A 4 -10.72 -2.29 -27.61
CA HIS A 4 -11.10 -1.81 -26.26
C HIS A 4 -12.49 -2.34 -25.87
N HIS A 5 -12.83 -2.23 -24.58
CA HIS A 5 -14.16 -2.61 -24.05
C HIS A 5 -15.16 -1.45 -24.23
N HIS A 6 -16.46 -1.79 -24.32
CA HIS A 6 -17.55 -0.81 -24.43
C HIS A 6 -17.82 -0.17 -23.03
N HIS A 7 -17.00 0.85 -22.69
CA HIS A 7 -17.06 1.52 -21.38
C HIS A 7 -17.89 2.84 -21.47
N HIS A 8 -19.22 2.66 -21.61
CA HIS A 8 -20.21 3.76 -21.70
C HIS A 8 -21.64 3.25 -21.41
N SER A 9 -21.76 2.00 -20.89
CA SER A 9 -23.05 1.33 -20.65
C SER A 9 -23.60 1.65 -19.24
N HIS A 10 -24.85 1.25 -18.98
CA HIS A 10 -25.51 1.44 -17.67
C HIS A 10 -25.09 0.35 -16.67
N MET A 11 -24.01 0.59 -15.90
CA MET A 11 -23.56 -0.32 -14.84
C MET A 11 -22.97 0.45 -13.63
N ILE A 12 -23.86 1.06 -12.84
CA ILE A 12 -23.54 1.58 -11.50
C ILE A 12 -24.07 0.54 -10.47
N LYS A 13 -23.33 -0.58 -10.34
CA LYS A 13 -23.78 -1.77 -9.59
C LYS A 13 -22.99 -1.97 -8.27
N ARG A 14 -21.72 -1.53 -8.25
CA ARG A 14 -20.82 -1.75 -7.09
C ARG A 14 -21.25 -0.94 -5.84
N THR A 15 -21.79 -1.65 -4.85
CA THR A 15 -22.00 -1.14 -3.47
C THR A 15 -21.09 -1.96 -2.50
N ASN A 16 -20.85 -1.44 -1.29
CA ASN A 16 -19.99 -2.09 -0.25
C ASN A 16 -18.48 -2.02 -0.61
N GLU A 17 -17.63 -2.28 0.41
CA GLU A 17 -16.20 -1.88 0.41
C GLU A 17 -16.07 -0.38 0.05
N PRO A 18 -16.66 0.56 0.90
CA PRO A 18 -16.58 2.03 0.65
C PRO A 18 -15.13 2.53 0.64
N LEU A 19 -14.81 3.51 -0.21
CA LEU A 19 -13.43 4.05 -0.35
C LEU A 19 -12.90 4.61 0.99
N ASP A 20 -13.81 5.14 1.81
CA ASP A 20 -13.50 5.59 3.19
C ASP A 20 -12.94 4.43 4.04
N LYS A 21 -13.67 3.29 4.00
CA LYS A 21 -13.32 2.04 4.73
C LYS A 21 -12.18 1.24 4.05
N LYS A 22 -12.04 1.38 2.71
CA LYS A 22 -11.00 0.66 1.94
C LYS A 22 -9.63 1.24 2.26
N ARG A 23 -9.57 2.59 2.25
CA ARG A 23 -8.38 3.35 2.68
C ARG A 23 -8.01 2.99 4.12
N ALA A 24 -9.00 2.98 5.03
CA ALA A 24 -8.79 2.62 6.47
C ALA A 24 -8.19 1.20 6.62
N ARG A 25 -8.73 0.24 5.85
CA ARG A 25 -8.32 -1.18 5.85
C ARG A 25 -6.90 -1.37 5.23
N LEU A 26 -6.57 -0.62 4.16
CA LEU A 26 -5.24 -0.71 3.50
C LEU A 26 -4.14 -0.05 4.38
N ILE A 27 -4.44 1.15 4.94
CA ILE A 27 -3.56 1.85 5.92
C ILE A 27 -3.38 0.99 7.22
N TYR A 28 -4.40 0.20 7.58
CA TYR A 28 -4.32 -0.78 8.69
C TYR A 28 -3.27 -1.88 8.37
N GLN A 29 -3.34 -2.46 7.18
CA GLN A 29 -2.44 -3.57 6.75
C GLN A 29 -1.06 -3.07 6.27
N SER A 30 -0.90 -1.74 6.18
CA SER A 30 0.44 -1.10 6.01
C SER A 30 1.10 -0.89 7.38
N ARG A 31 0.26 -0.72 8.42
CA ARG A 31 0.71 -0.71 9.82
C ARG A 31 0.81 -2.14 10.41
N LYS A 32 0.13 -3.11 9.77
CA LYS A 32 0.18 -4.52 10.17
C LYS A 32 1.28 -5.19 9.33
N ARG A 33 2.38 -5.56 9.99
CA ARG A 33 3.66 -5.90 9.32
C ARG A 33 4.45 -6.97 10.10
N GLY A 34 5.50 -7.49 9.45
CA GLY A 34 6.54 -8.28 10.13
C GLY A 34 7.49 -7.38 10.94
N ILE A 35 8.16 -6.42 10.25
CA ILE A 35 9.12 -5.48 10.89
C ILE A 35 8.54 -4.05 10.98
N LEU A 36 8.97 -3.30 12.02
CA LEU A 36 8.53 -1.92 12.28
C LEU A 36 9.16 -0.88 11.29
N GLU A 37 10.26 -1.26 10.60
CA GLU A 37 10.91 -0.37 9.60
C GLU A 37 10.03 -0.22 8.33
N THR A 38 9.51 -1.36 7.83
CA THR A 38 8.55 -1.38 6.70
C THR A 38 7.17 -0.81 7.14
N ASP A 39 6.82 -0.98 8.44
CA ASP A 39 5.67 -0.29 9.05
C ASP A 39 5.77 1.25 8.86
N LEU A 40 6.86 1.86 9.34
CA LEU A 40 7.07 3.33 9.23
C LEU A 40 7.10 3.82 7.75
N LEU A 41 7.61 2.97 6.85
CA LEU A 41 7.63 3.23 5.39
C LEU A 41 6.20 3.30 4.79
N LEU A 42 5.46 2.18 4.93
CA LEU A 42 4.12 2.01 4.32
C LEU A 42 3.01 2.79 5.07
N SER A 43 3.19 3.03 6.37
CA SER A 43 2.20 3.78 7.22
C SER A 43 2.07 5.24 6.75
N GLY A 44 3.23 5.91 6.60
CA GLY A 44 3.27 7.29 6.09
C GLY A 44 2.82 7.40 4.62
N PHE A 45 3.28 6.42 3.79
CA PHE A 45 2.90 6.32 2.37
C PHE A 45 1.38 6.17 2.21
N ALA A 46 0.81 5.32 3.07
CA ALA A 46 -0.62 5.01 3.05
C ALA A 46 -1.48 6.23 3.45
N ALA A 47 -1.06 6.91 4.53
CA ALA A 47 -1.78 8.09 5.08
C ALA A 47 -1.75 9.30 4.11
N LYS A 48 -0.65 9.43 3.34
CA LYS A 48 -0.46 10.55 2.39
C LYS A 48 -1.16 10.27 1.02
N TYR A 49 -0.82 9.12 0.42
CA TYR A 49 -1.18 8.81 -0.98
C TYR A 49 -2.63 8.28 -1.16
N LEU A 50 -3.10 7.40 -0.24
CA LEU A 50 -4.46 6.78 -0.39
C LEU A 50 -5.60 7.80 -0.43
N LYS A 51 -5.46 8.87 0.38
CA LYS A 51 -6.48 9.94 0.49
C LYS A 51 -6.74 10.64 -0.87
N LYS A 52 -5.69 10.75 -1.70
CA LYS A 52 -5.78 11.36 -3.04
C LYS A 52 -5.89 10.28 -4.17
N MET A 53 -5.60 9.00 -3.85
CA MET A 53 -5.74 7.88 -4.82
C MET A 53 -7.16 7.27 -4.81
N ASN A 54 -7.65 6.95 -6.02
CA ASN A 54 -8.97 6.31 -6.23
C ASN A 54 -8.82 4.76 -6.21
N GLU A 55 -9.95 4.03 -6.27
CA GLU A 55 -9.97 2.55 -6.08
C GLU A 55 -9.16 1.80 -7.18
N GLU A 56 -9.16 2.37 -8.40
CA GLU A 56 -8.38 1.85 -9.55
C GLU A 56 -6.85 1.95 -9.32
N GLU A 57 -6.42 2.95 -8.53
CA GLU A 57 -5.02 3.07 -8.05
C GLU A 57 -4.76 2.15 -6.82
N LEU A 58 -5.72 2.20 -5.86
CA LEU A 58 -5.69 1.40 -4.59
C LEU A 58 -5.62 -0.14 -4.80
N GLU A 59 -6.13 -0.65 -5.93
CA GLU A 59 -6.06 -2.11 -6.26
C GLU A 59 -4.59 -2.58 -6.46
N GLU A 60 -3.72 -1.69 -6.98
CA GLU A 60 -2.27 -1.95 -7.12
C GLU A 60 -1.59 -1.89 -5.73
N TYR A 61 -2.05 -0.94 -4.88
CA TYR A 61 -1.58 -0.81 -3.48
C TYR A 61 -2.03 -2.02 -2.62
N ASP A 62 -3.20 -2.58 -2.96
CA ASP A 62 -3.80 -3.75 -2.28
C ASP A 62 -2.84 -4.97 -2.37
N SER A 63 -2.15 -5.05 -3.52
CA SER A 63 -1.17 -6.11 -3.84
C SER A 63 0.18 -5.91 -3.08
N LEU A 64 0.54 -4.64 -2.80
CA LEU A 64 1.82 -4.28 -2.13
C LEU A 64 1.85 -4.77 -0.65
N LEU A 65 0.67 -4.79 -0.01
CA LEU A 65 0.50 -5.26 1.38
C LEU A 65 0.65 -6.81 1.50
N ASN A 66 0.51 -7.50 0.36
CA ASN A 66 0.72 -8.97 0.25
C ASN A 66 2.21 -9.33 0.10
N GLU A 67 3.06 -8.32 -0.16
CA GLU A 67 4.51 -8.52 -0.42
C GLU A 67 5.34 -8.60 0.88
N LEU A 68 6.59 -9.03 0.72
CA LEU A 68 7.51 -9.34 1.84
C LEU A 68 8.14 -8.04 2.40
N ASP A 69 8.05 -7.85 3.74
CA ASP A 69 8.54 -6.62 4.45
C ASP A 69 9.91 -6.08 3.96
N TRP A 70 10.98 -6.90 4.15
CA TRP A 70 12.36 -6.49 3.75
C TRP A 70 12.45 -6.19 2.24
N ASP A 71 11.72 -6.96 1.42
CA ASP A 71 11.70 -6.79 -0.04
C ASP A 71 11.08 -5.43 -0.44
N ILE A 72 9.92 -5.09 0.18
CA ILE A 72 9.24 -3.77 -0.01
C ILE A 72 10.20 -2.61 0.34
N TYR A 73 10.90 -2.77 1.48
CA TYR A 73 11.85 -1.78 2.00
C TYR A 73 13.04 -1.57 1.03
N TYR A 74 13.57 -2.68 0.49
CA TYR A 74 14.76 -2.64 -0.41
C TYR A 74 14.40 -2.11 -1.82
N TRP A 75 13.22 -2.47 -2.34
CA TRP A 75 12.71 -1.91 -3.60
C TRP A 75 12.51 -0.38 -3.47
N ALA A 76 12.00 0.04 -2.29
CA ALA A 76 11.75 1.45 -1.94
C ALA A 76 13.05 2.27 -1.75
N THR A 77 14.12 1.62 -1.23
CA THR A 77 15.45 2.27 -1.04
C THR A 77 16.39 2.03 -2.25
N LYS A 78 15.84 1.40 -3.32
CA LYS A 78 16.58 1.07 -4.57
C LYS A 78 17.71 0.00 -4.33
N ASN A 79 17.69 -0.65 -3.15
CA ASN A 79 18.66 -1.71 -2.79
C ASN A 79 18.21 -3.08 -3.40
N PHE A 80 18.22 -3.14 -4.75
CA PHE A 80 17.79 -4.35 -5.52
C PHE A 80 18.84 -5.49 -5.46
N LYS A 81 20.05 -5.15 -4.97
CA LYS A 81 21.16 -6.11 -4.83
C LYS A 81 20.82 -7.28 -3.86
N THR A 82 20.05 -6.98 -2.80
CA THR A 82 19.62 -7.99 -1.79
C THR A 82 18.27 -8.61 -2.19
N SER A 83 17.29 -7.73 -2.50
CA SER A 83 15.93 -8.12 -2.92
C SER A 83 15.70 -7.76 -4.41
N PRO A 84 15.69 -8.76 -5.34
CA PRO A 84 15.47 -8.52 -6.79
C PRO A 84 14.03 -8.06 -7.10
N LEU A 85 13.88 -7.20 -8.12
CA LEU A 85 12.58 -6.63 -8.51
C LEU A 85 11.80 -7.62 -9.43
N PRO A 86 10.55 -8.06 -9.04
CA PRO A 86 9.69 -8.91 -9.89
C PRO A 86 9.10 -8.15 -11.11
N ASP A 87 8.64 -8.91 -12.13
CA ASP A 87 8.00 -8.36 -13.35
C ASP A 87 6.66 -7.65 -13.01
N LYS A 88 5.94 -8.19 -12.00
CA LYS A 88 4.69 -7.59 -11.47
C LYS A 88 4.94 -6.37 -10.51
N TRP A 89 6.20 -5.90 -10.44
CA TRP A 89 6.55 -4.55 -9.86
C TRP A 89 7.60 -3.81 -10.74
N ALA A 90 7.95 -4.38 -11.90
CA ALA A 90 8.98 -3.82 -12.81
C ALA A 90 8.49 -2.50 -13.46
N ASN A 91 9.06 -1.37 -12.99
CA ASN A 91 8.71 0.01 -13.44
C ASN A 91 7.24 0.38 -13.12
N SER A 92 6.66 -0.27 -12.08
CA SER A 92 5.27 0.02 -11.62
C SER A 92 5.17 1.44 -11.03
N LYS A 93 4.06 2.13 -11.33
CA LYS A 93 3.80 3.53 -10.93
C LYS A 93 3.81 3.70 -9.39
N LEU A 94 3.19 2.74 -8.69
CA LEU A 94 3.16 2.68 -7.21
C LEU A 94 4.58 2.62 -6.60
N LEU A 95 5.45 1.77 -7.19
CA LEU A 95 6.85 1.62 -6.74
C LEU A 95 7.63 2.94 -6.90
N LYS A 96 7.46 3.60 -8.04
CA LYS A 96 8.13 4.91 -8.34
C LYS A 96 7.78 5.97 -7.27
N GLN A 97 6.50 6.01 -6.87
CA GLN A 97 6.02 6.86 -5.76
C GLN A 97 6.67 6.46 -4.41
N LEU A 98 6.74 5.13 -4.16
CA LEU A 98 7.28 4.55 -2.90
C LEU A 98 8.78 4.86 -2.71
N GLN A 99 9.54 4.79 -3.81
CA GLN A 99 10.99 5.10 -3.84
C GLN A 99 11.25 6.60 -3.55
N GLU A 100 10.51 7.47 -4.26
CA GLU A 100 10.59 8.93 -4.10
C GLU A 100 10.01 9.38 -2.73
N PHE A 101 9.10 8.59 -2.16
CA PHE A 101 8.55 8.82 -0.81
C PHE A 101 9.57 8.43 0.29
N SER A 102 10.34 7.35 0.08
CA SER A 102 11.37 6.89 1.07
C SER A 102 12.36 8.01 1.42
N GLU A 103 12.78 8.77 0.39
CA GLU A 103 13.64 9.97 0.57
C GLU A 103 12.85 11.23 1.03
N ASN A 104 11.52 11.16 1.03
CA ASN A 104 10.63 12.26 1.49
C ASN A 104 9.76 11.87 2.72
N LYS A 105 10.16 10.81 3.46
CA LYS A 105 9.50 10.43 4.75
C LYS A 105 9.82 11.49 5.84
N GLU A 106 11.12 11.75 6.03
CA GLU A 106 11.62 12.76 7.01
C GLU A 106 12.42 13.86 6.28
N LYS A 107 12.31 13.90 4.94
CA LYS A 107 13.08 14.78 4.03
C LYS A 107 14.62 14.53 4.13
N GLU A 108 15.15 13.83 3.12
CA GLU A 108 16.59 13.49 3.01
C GLU A 108 17.02 13.54 1.51
N ILE A 109 18.28 13.13 1.23
CA ILE A 109 18.78 12.99 -0.15
C ILE A 109 18.15 11.76 -0.82
N MET A 1 -46.78 -24.30 -25.24
CA MET A 1 -45.47 -25.03 -25.18
C MET A 1 -44.29 -24.10 -25.56
N GLY A 2 -43.05 -24.62 -25.53
CA GLY A 2 -41.88 -23.88 -26.01
C GLY A 2 -40.62 -24.04 -25.15
N HIS A 3 -39.57 -23.31 -25.53
CA HIS A 3 -38.28 -23.30 -24.81
C HIS A 3 -38.33 -22.30 -23.60
N HIS A 4 -38.69 -22.83 -22.43
CA HIS A 4 -38.78 -22.06 -21.17
C HIS A 4 -37.42 -22.07 -20.43
N HIS A 5 -36.69 -20.93 -20.46
CA HIS A 5 -35.35 -20.79 -19.85
C HIS A 5 -35.40 -20.15 -18.44
N HIS A 6 -34.33 -20.36 -17.66
CA HIS A 6 -34.17 -19.77 -16.30
C HIS A 6 -33.46 -18.40 -16.35
N HIS A 7 -33.76 -17.53 -15.36
CA HIS A 7 -33.14 -16.20 -15.20
C HIS A 7 -32.87 -15.88 -13.70
N HIS A 8 -32.02 -14.88 -13.43
CA HIS A 8 -31.76 -14.37 -12.06
C HIS A 8 -32.92 -13.47 -11.56
N SER A 9 -32.97 -13.25 -10.24
CA SER A 9 -34.01 -12.43 -9.59
C SER A 9 -33.84 -10.93 -9.97
N HIS A 10 -33.02 -10.16 -9.20
CA HIS A 10 -32.78 -8.70 -9.45
C HIS A 10 -31.40 -8.29 -8.87
N MET A 11 -30.73 -7.32 -9.54
CA MET A 11 -29.54 -6.64 -9.01
C MET A 11 -29.96 -5.46 -8.10
N ILE A 12 -29.66 -5.56 -6.80
CA ILE A 12 -29.97 -4.48 -5.81
C ILE A 12 -28.92 -3.35 -5.93
N LYS A 13 -29.36 -2.16 -6.37
CA LYS A 13 -28.50 -0.97 -6.45
C LYS A 13 -28.16 -0.45 -5.03
N ARG A 14 -26.96 -0.80 -4.56
CA ARG A 14 -26.42 -0.32 -3.27
C ARG A 14 -24.89 -0.44 -3.28
N THR A 15 -24.19 0.65 -2.89
CA THR A 15 -22.72 0.66 -2.78
C THR A 15 -22.24 -0.10 -1.53
N ASN A 16 -22.24 -1.44 -1.62
CA ASN A 16 -21.78 -2.34 -0.56
C ASN A 16 -20.24 -2.27 -0.42
N GLU A 17 -19.78 -2.12 0.85
CA GLU A 17 -18.37 -1.82 1.21
C GLU A 17 -17.94 -0.44 0.63
N PRO A 18 -18.10 0.68 1.43
CA PRO A 18 -17.53 2.01 1.06
C PRO A 18 -16.03 1.95 0.69
N LEU A 19 -15.63 2.77 -0.29
CA LEU A 19 -14.22 2.90 -0.70
C LEU A 19 -13.36 3.57 0.42
N ASP A 20 -14.04 4.33 1.28
CA ASP A 20 -13.48 4.80 2.57
C ASP A 20 -13.05 3.61 3.49
N LYS A 21 -13.84 2.50 3.48
CA LYS A 21 -13.49 1.26 4.21
C LYS A 21 -12.33 0.49 3.52
N LYS A 22 -12.30 0.52 2.17
CA LYS A 22 -11.14 0.04 1.37
C LYS A 22 -9.85 0.78 1.79
N ARG A 23 -9.96 2.11 1.85
CA ARG A 23 -8.86 3.04 2.18
C ARG A 23 -8.35 2.79 3.62
N ALA A 24 -9.28 2.65 4.57
CA ALA A 24 -8.95 2.35 5.99
C ALA A 24 -8.28 0.97 6.15
N ARG A 25 -8.76 -0.03 5.37
CA ARG A 25 -8.19 -1.40 5.34
C ARG A 25 -6.71 -1.39 4.93
N LEU A 26 -6.38 -0.57 3.93
CA LEU A 26 -5.01 -0.45 3.40
C LEU A 26 -4.05 0.15 4.45
N ILE A 27 -4.45 1.31 5.01
CA ILE A 27 -3.70 1.98 6.10
C ILE A 27 -3.50 1.02 7.32
N TYR A 28 -4.51 0.16 7.56
CA TYR A 28 -4.47 -0.92 8.58
C TYR A 28 -3.38 -1.97 8.26
N GLN A 29 -3.37 -2.48 7.01
CA GLN A 29 -2.36 -3.50 6.55
C GLN A 29 -0.93 -2.90 6.43
N SER A 30 -0.87 -1.57 6.36
CA SER A 30 0.40 -0.80 6.41
C SER A 30 0.94 -0.73 7.85
N ARG A 31 0.00 -0.56 8.81
CA ARG A 31 0.29 -0.52 10.27
C ARG A 31 0.51 -1.93 10.85
N LYS A 32 0.22 -2.99 10.07
CA LYS A 32 0.59 -4.38 10.41
C LYS A 32 1.72 -4.84 9.47
N ARG A 33 2.94 -5.02 10.03
CA ARG A 33 4.14 -5.43 9.25
C ARG A 33 5.14 -6.20 10.15
N GLY A 34 5.88 -7.16 9.56
CA GLY A 34 6.91 -7.91 10.27
C GLY A 34 8.23 -7.13 10.49
N ILE A 35 8.41 -6.02 9.72
CA ILE A 35 9.62 -5.16 9.79
C ILE A 35 9.22 -3.73 10.22
N LEU A 36 9.93 -3.17 11.23
CA LEU A 36 9.67 -1.79 11.74
C LEU A 36 10.02 -0.71 10.68
N GLU A 37 11.10 -0.93 9.91
CA GLU A 37 11.49 -0.03 8.80
C GLU A 37 10.39 0.03 7.72
N THR A 38 9.89 -1.14 7.31
CA THR A 38 8.81 -1.27 6.31
C THR A 38 7.45 -0.78 6.87
N ASP A 39 7.25 -0.95 8.19
CA ASP A 39 6.02 -0.55 8.89
C ASP A 39 5.82 0.98 8.81
N LEU A 40 6.82 1.73 9.28
CA LEU A 40 6.79 3.22 9.28
C LEU A 40 6.82 3.79 7.83
N LEU A 41 7.47 3.05 6.92
CA LEU A 41 7.48 3.37 5.46
C LEU A 41 6.04 3.34 4.87
N LEU A 42 5.38 2.18 4.97
CA LEU A 42 4.04 1.98 4.38
C LEU A 42 2.95 2.76 5.13
N SER A 43 3.06 2.85 6.47
CA SER A 43 2.09 3.62 7.32
C SER A 43 2.11 5.13 7.00
N GLY A 44 3.32 5.70 6.86
CA GLY A 44 3.48 7.10 6.44
C GLY A 44 2.98 7.35 5.01
N PHE A 45 3.28 6.39 4.11
CA PHE A 45 2.79 6.38 2.71
C PHE A 45 1.25 6.27 2.66
N ALA A 46 0.69 5.50 3.61
CA ALA A 46 -0.75 5.19 3.64
C ALA A 46 -1.61 6.40 4.08
N ALA A 47 -1.16 7.07 5.13
CA ALA A 47 -1.84 8.28 5.67
C ALA A 47 -1.75 9.49 4.71
N LYS A 48 -0.67 9.51 3.88
CA LYS A 48 -0.35 10.63 2.98
C LYS A 48 -0.95 10.47 1.55
N TYR A 49 -0.66 9.33 0.90
CA TYR A 49 -0.96 9.10 -0.54
C TYR A 49 -2.41 8.68 -0.82
N LEU A 50 -2.98 7.86 0.07
CA LEU A 50 -4.38 7.37 -0.08
C LEU A 50 -5.43 8.51 -0.10
N LYS A 51 -5.05 9.67 0.46
CA LYS A 51 -5.91 10.88 0.51
C LYS A 51 -6.43 11.31 -0.90
N LYS A 52 -5.54 11.27 -1.91
CA LYS A 52 -5.86 11.71 -3.29
C LYS A 52 -5.82 10.54 -4.31
N MET A 53 -5.35 9.34 -3.89
CA MET A 53 -5.27 8.16 -4.79
C MET A 53 -6.66 7.54 -5.09
N ASN A 54 -6.85 7.20 -6.38
CA ASN A 54 -8.10 6.59 -6.90
C ASN A 54 -8.21 5.09 -6.53
N GLU A 55 -9.39 4.51 -6.85
CA GLU A 55 -9.71 3.06 -6.64
C GLU A 55 -8.60 2.13 -7.22
N GLU A 56 -8.16 2.48 -8.44
CA GLU A 56 -7.17 1.68 -9.20
C GLU A 56 -5.77 1.72 -8.55
N GLU A 57 -5.41 2.89 -8.00
CA GLU A 57 -4.16 3.08 -7.25
C GLU A 57 -4.17 2.26 -5.94
N LEU A 58 -5.28 2.40 -5.20
CA LEU A 58 -5.55 1.68 -3.92
C LEU A 58 -5.49 0.13 -4.04
N GLU A 59 -6.03 -0.44 -5.13
CA GLU A 59 -6.02 -1.91 -5.33
C GLU A 59 -4.63 -2.43 -5.77
N GLU A 60 -3.85 -1.56 -6.45
CA GLU A 60 -2.41 -1.84 -6.74
C GLU A 60 -1.61 -1.83 -5.41
N TYR A 61 -1.98 -0.89 -4.51
CA TYR A 61 -1.40 -0.77 -3.15
C TYR A 61 -1.79 -1.98 -2.26
N ASP A 62 -3.01 -2.51 -2.45
CA ASP A 62 -3.49 -3.71 -1.74
C ASP A 62 -2.54 -4.90 -2.02
N SER A 63 -2.23 -5.09 -3.32
CA SER A 63 -1.28 -6.13 -3.79
C SER A 63 0.12 -5.99 -3.16
N LEU A 64 0.57 -4.73 -2.94
CA LEU A 64 1.86 -4.42 -2.27
C LEU A 64 1.82 -4.83 -0.77
N LEU A 65 0.66 -4.67 -0.14
CA LEU A 65 0.44 -5.05 1.27
C LEU A 65 0.31 -6.58 1.46
N ASN A 66 0.07 -7.32 0.34
CA ASN A 66 0.13 -8.80 0.31
C ASN A 66 1.56 -9.32 -0.04
N GLU A 67 2.54 -8.40 -0.23
CA GLU A 67 3.96 -8.77 -0.50
C GLU A 67 4.76 -8.99 0.81
N LEU A 68 5.99 -9.49 0.65
CA LEU A 68 6.94 -9.73 1.75
C LEU A 68 7.52 -8.40 2.26
N ASP A 69 7.31 -8.12 3.56
CA ASP A 69 7.69 -6.84 4.22
C ASP A 69 9.14 -6.33 3.89
N TRP A 70 10.19 -7.14 4.17
CA TRP A 70 11.59 -6.74 3.87
C TRP A 70 11.79 -6.35 2.38
N ASP A 71 11.24 -7.18 1.49
CA ASP A 71 11.38 -6.99 0.02
C ASP A 71 10.79 -5.63 -0.44
N ILE A 72 9.62 -5.25 0.14
CA ILE A 72 8.98 -3.94 -0.10
C ILE A 72 9.93 -2.76 0.19
N TYR A 73 10.67 -2.85 1.31
CA TYR A 73 11.62 -1.80 1.76
C TYR A 73 12.84 -1.70 0.80
N TYR A 74 13.32 -2.86 0.32
CA TYR A 74 14.47 -2.93 -0.62
C TYR A 74 14.10 -2.44 -2.04
N TRP A 75 12.81 -2.58 -2.41
CA TRP A 75 12.27 -2.05 -3.68
C TRP A 75 12.00 -0.54 -3.58
N ALA A 76 11.54 -0.10 -2.39
CA ALA A 76 11.32 1.33 -2.08
C ALA A 76 12.64 2.13 -2.11
N THR A 77 13.73 1.47 -1.70
CA THR A 77 15.09 2.01 -1.81
C THR A 77 15.78 1.44 -3.08
N LYS A 78 17.08 1.72 -3.25
CA LYS A 78 17.89 1.14 -4.35
C LYS A 78 18.79 0.00 -3.82
N ASN A 79 18.26 -0.74 -2.83
CA ASN A 79 18.93 -1.93 -2.23
C ASN A 79 18.43 -3.24 -2.92
N PHE A 80 18.43 -3.23 -4.28
CA PHE A 80 17.99 -4.37 -5.11
C PHE A 80 19.06 -5.52 -5.18
N LYS A 81 20.03 -5.52 -4.25
CA LYS A 81 21.09 -6.55 -4.17
C LYS A 81 20.53 -7.87 -3.57
N THR A 82 20.11 -7.81 -2.28
CA THR A 82 19.58 -8.99 -1.54
C THR A 82 18.11 -9.32 -1.95
N SER A 83 17.32 -8.28 -2.28
CA SER A 83 15.95 -8.46 -2.83
C SER A 83 15.83 -7.68 -4.16
N PRO A 84 16.11 -8.33 -5.33
CA PRO A 84 15.95 -7.70 -6.66
C PRO A 84 14.46 -7.51 -7.06
N LEU A 85 14.22 -6.63 -8.03
CA LEU A 85 12.87 -6.24 -8.43
C LEU A 85 12.24 -7.29 -9.40
N PRO A 86 11.03 -7.86 -9.07
CA PRO A 86 10.32 -8.82 -9.94
C PRO A 86 9.53 -8.10 -11.06
N ASP A 87 9.15 -8.87 -12.10
CA ASP A 87 8.47 -8.36 -13.32
C ASP A 87 7.10 -7.71 -13.01
N LYS A 88 6.43 -8.22 -11.95
CA LYS A 88 5.14 -7.70 -11.46
C LYS A 88 5.25 -6.26 -10.88
N TRP A 89 6.46 -5.87 -10.40
CA TRP A 89 6.71 -4.49 -9.88
C TRP A 89 7.77 -3.73 -10.72
N ALA A 90 8.24 -4.34 -11.83
CA ALA A 90 9.23 -3.71 -12.74
C ALA A 90 8.63 -2.44 -13.40
N ASN A 91 9.02 -1.26 -12.87
CA ASN A 91 8.54 0.07 -13.29
C ASN A 91 7.03 0.26 -12.96
N SER A 92 6.58 -0.35 -11.85
CA SER A 92 5.22 -0.15 -11.30
C SER A 92 5.00 1.33 -10.91
N LYS A 93 3.83 1.88 -11.27
CA LYS A 93 3.46 3.30 -11.01
C LYS A 93 3.46 3.59 -9.49
N LEU A 94 2.79 2.70 -8.73
CA LEU A 94 2.79 2.72 -7.25
C LEU A 94 4.23 2.71 -6.67
N LEU A 95 5.06 1.80 -7.18
CA LEU A 95 6.46 1.62 -6.71
C LEU A 95 7.27 2.92 -6.85
N LYS A 96 7.11 3.62 -7.98
CA LYS A 96 7.82 4.89 -8.25
C LYS A 96 7.44 5.98 -7.23
N GLN A 97 6.15 6.02 -6.84
CA GLN A 97 5.65 6.91 -5.75
C GLN A 97 6.29 6.54 -4.38
N LEU A 98 6.47 5.23 -4.15
CA LEU A 98 7.05 4.67 -2.90
C LEU A 98 8.59 4.96 -2.81
N GLN A 99 9.27 4.91 -3.96
CA GLN A 99 10.72 5.25 -4.09
C GLN A 99 10.97 6.76 -3.86
N GLU A 100 10.09 7.60 -4.44
CA GLU A 100 10.08 9.05 -4.20
C GLU A 100 9.77 9.37 -2.72
N PHE A 101 8.85 8.58 -2.13
CA PHE A 101 8.48 8.71 -0.71
C PHE A 101 9.66 8.38 0.23
N SER A 102 10.39 7.28 -0.07
CA SER A 102 11.57 6.84 0.72
C SER A 102 12.59 7.98 0.92
N GLU A 103 12.84 8.73 -0.18
CA GLU A 103 13.70 9.93 -0.16
C GLU A 103 13.13 11.02 0.79
N ASN A 104 11.83 11.33 0.60
CA ASN A 104 11.15 12.47 1.26
C ASN A 104 10.34 12.05 2.51
N LYS A 105 10.58 10.84 3.03
CA LYS A 105 9.89 10.30 4.21
C LYS A 105 10.08 11.21 5.45
N GLU A 106 11.33 11.64 5.66
CA GLU A 106 11.73 12.53 6.78
C GLU A 106 12.20 13.90 6.25
N LYS A 107 12.23 14.06 4.92
CA LYS A 107 12.93 15.17 4.23
C LYS A 107 11.95 16.06 3.43
N GLU A 108 10.65 15.76 3.51
CA GLU A 108 9.60 16.46 2.76
C GLU A 108 9.39 17.90 3.30
N ILE A 109 9.41 18.88 2.37
CA ILE A 109 9.21 20.34 2.63
C ILE A 109 9.82 20.85 3.95
N MET A 1 -3.37 4.75 -31.90
CA MET A 1 -3.61 3.81 -30.77
C MET A 1 -4.81 2.89 -31.05
N GLY A 2 -4.70 1.62 -30.59
CA GLY A 2 -5.77 0.62 -30.76
C GLY A 2 -5.70 -0.53 -29.75
N HIS A 3 -4.91 -0.36 -28.67
CA HIS A 3 -4.80 -1.36 -27.60
C HIS A 3 -6.06 -1.33 -26.68
N HIS A 4 -6.99 -2.26 -26.93
CA HIS A 4 -8.25 -2.37 -26.16
C HIS A 4 -8.43 -3.79 -25.58
N HIS A 5 -7.32 -4.49 -25.31
CA HIS A 5 -7.32 -5.83 -24.67
C HIS A 5 -7.91 -5.74 -23.23
N HIS A 6 -9.21 -6.05 -23.10
CA HIS A 6 -9.96 -5.96 -21.82
C HIS A 6 -10.93 -7.16 -21.65
N HIS A 7 -11.17 -7.52 -20.39
CA HIS A 7 -12.22 -8.50 -19.99
C HIS A 7 -13.03 -7.93 -18.80
N HIS A 8 -12.32 -7.23 -17.88
CA HIS A 8 -12.91 -6.58 -16.69
C HIS A 8 -13.60 -7.63 -15.75
N SER A 9 -13.23 -8.92 -15.90
CA SER A 9 -13.85 -10.03 -15.16
C SER A 9 -13.30 -10.09 -13.72
N HIS A 10 -13.96 -9.33 -12.81
CA HIS A 10 -13.58 -9.24 -11.39
C HIS A 10 -13.91 -10.57 -10.66
N MET A 11 -12.86 -11.29 -10.22
CA MET A 11 -12.99 -12.59 -9.49
C MET A 11 -13.88 -12.43 -8.23
N ILE A 12 -15.14 -12.94 -8.33
CA ILE A 12 -16.20 -12.81 -7.31
C ILE A 12 -16.60 -11.31 -7.09
N LYS A 13 -17.90 -11.00 -7.15
CA LYS A 13 -18.42 -9.63 -6.92
C LYS A 13 -18.61 -9.39 -5.39
N ARG A 14 -17.52 -9.65 -4.65
CA ARG A 14 -17.44 -9.58 -3.18
C ARG A 14 -17.56 -8.12 -2.67
N THR A 15 -16.97 -7.18 -3.44
CA THR A 15 -16.88 -5.75 -3.07
C THR A 15 -18.25 -5.03 -3.13
N ASN A 16 -19.04 -5.22 -2.06
CA ASN A 16 -20.30 -4.49 -1.81
C ASN A 16 -20.06 -3.33 -0.81
N GLU A 17 -18.92 -3.42 -0.08
CA GLU A 17 -18.48 -2.38 0.88
C GLU A 17 -18.22 -1.01 0.18
N PRO A 18 -18.45 0.13 0.90
CA PRO A 18 -17.98 1.48 0.45
C PRO A 18 -16.46 1.54 0.14
N LEU A 19 -16.09 2.45 -0.78
CA LEU A 19 -14.70 2.69 -1.18
C LEU A 19 -13.88 3.29 0.00
N ASP A 20 -14.58 4.07 0.86
CA ASP A 20 -14.03 4.60 2.13
C ASP A 20 -13.54 3.47 3.07
N LYS A 21 -14.31 2.36 3.13
CA LYS A 21 -13.94 1.18 3.94
C LYS A 21 -12.62 0.53 3.46
N LYS A 22 -12.44 0.40 2.13
CA LYS A 22 -11.19 -0.14 1.55
C LYS A 22 -9.97 0.74 1.93
N ARG A 23 -10.13 2.07 1.78
CA ARG A 23 -9.10 3.08 2.20
C ARG A 23 -8.61 2.83 3.66
N ALA A 24 -9.58 2.63 4.57
CA ALA A 24 -9.29 2.32 5.99
C ALA A 24 -8.60 0.94 6.16
N ARG A 25 -9.06 -0.06 5.40
CA ARG A 25 -8.50 -1.45 5.42
C ARG A 25 -7.02 -1.50 4.98
N LEU A 26 -6.64 -0.62 4.05
CA LEU A 26 -5.27 -0.56 3.51
C LEU A 26 -4.29 0.01 4.57
N ILE A 27 -4.67 1.15 5.16
CA ILE A 27 -3.94 1.78 6.28
C ILE A 27 -3.87 0.83 7.51
N TYR A 28 -4.92 0.00 7.68
CA TYR A 28 -4.95 -1.08 8.68
C TYR A 28 -3.84 -2.14 8.43
N GLN A 29 -3.69 -2.57 7.16
CA GLN A 29 -2.68 -3.60 6.75
C GLN A 29 -1.22 -3.07 6.85
N SER A 30 -1.04 -1.73 6.79
CA SER A 30 0.30 -1.10 6.95
C SER A 30 0.73 -1.10 8.45
N ARG A 31 -0.22 -1.38 9.37
CA ARG A 31 0.06 -1.56 10.82
C ARG A 31 0.50 -3.00 11.18
N LYS A 32 0.26 -3.99 10.29
CA LYS A 32 0.81 -5.36 10.48
C LYS A 32 1.96 -5.59 9.48
N ARG A 33 3.19 -5.69 10.00
CA ARG A 33 4.43 -5.85 9.22
C ARG A 33 5.48 -6.64 10.07
N GLY A 34 6.42 -7.32 9.40
CA GLY A 34 7.49 -8.06 10.09
C GLY A 34 8.52 -7.16 10.78
N ILE A 35 8.69 -5.93 10.24
CA ILE A 35 9.71 -4.96 10.71
C ILE A 35 9.14 -3.52 10.79
N LEU A 36 9.76 -2.69 11.66
CA LEU A 36 9.43 -1.26 11.78
C LEU A 36 9.97 -0.44 10.58
N GLU A 37 11.03 -0.95 9.90
CA GLU A 37 11.63 -0.31 8.70
C GLU A 37 10.57 -0.06 7.59
N THR A 38 9.87 -1.14 7.20
CA THR A 38 8.79 -1.09 6.21
C THR A 38 7.49 -0.48 6.78
N ASP A 39 7.27 -0.67 8.10
CA ASP A 39 6.07 -0.13 8.80
C ASP A 39 6.01 1.42 8.72
N LEU A 40 7.13 2.10 9.05
CA LEU A 40 7.27 3.57 8.94
C LEU A 40 7.11 4.06 7.47
N LEU A 41 7.62 3.22 6.54
CA LEU A 41 7.55 3.48 5.09
C LEU A 41 6.07 3.46 4.58
N LEU A 42 5.35 2.36 4.85
CA LEU A 42 3.96 2.15 4.36
C LEU A 42 2.92 2.99 5.12
N SER A 43 3.10 3.17 6.44
CA SER A 43 2.15 3.95 7.28
C SER A 43 2.21 5.46 6.92
N GLY A 44 3.43 5.98 6.67
CA GLY A 44 3.61 7.35 6.16
C GLY A 44 3.08 7.52 4.73
N PHE A 45 3.36 6.51 3.89
CA PHE A 45 2.87 6.43 2.49
C PHE A 45 1.33 6.36 2.47
N ALA A 46 0.74 5.72 3.49
CA ALA A 46 -0.71 5.56 3.62
C ALA A 46 -1.39 6.89 4.04
N ALA A 47 -0.75 7.61 4.96
CA ALA A 47 -1.26 8.91 5.46
C ALA A 47 -1.03 10.06 4.45
N LYS A 48 -0.10 9.87 3.51
CA LYS A 48 0.18 10.86 2.45
C LYS A 48 -0.61 10.58 1.14
N TYR A 49 -0.41 9.38 0.56
CA TYR A 49 -0.86 9.06 -0.82
C TYR A 49 -2.35 8.64 -0.94
N LEU A 50 -2.88 7.84 0.02
CA LEU A 50 -4.30 7.33 -0.05
C LEU A 50 -5.36 8.46 -0.12
N LYS A 51 -4.98 9.66 0.33
CA LYS A 51 -5.81 10.89 0.26
C LYS A 51 -6.10 11.27 -1.23
N LYS A 52 -5.07 11.14 -2.07
CA LYS A 52 -5.11 11.55 -3.51
C LYS A 52 -5.21 10.33 -4.48
N MET A 53 -5.04 9.11 -3.96
CA MET A 53 -4.95 7.86 -4.74
C MET A 53 -6.34 7.40 -5.29
N ASN A 54 -6.34 6.85 -6.52
CA ASN A 54 -7.58 6.34 -7.18
C ASN A 54 -8.01 4.96 -6.64
N GLU A 55 -9.30 4.62 -6.84
CA GLU A 55 -9.93 3.35 -6.40
C GLU A 55 -9.13 2.10 -6.85
N GLU A 56 -8.80 2.08 -8.15
CA GLU A 56 -7.98 1.03 -8.79
C GLU A 56 -6.55 0.95 -8.20
N GLU A 57 -5.93 2.13 -7.98
CA GLU A 57 -4.57 2.24 -7.39
C GLU A 57 -4.53 1.79 -5.91
N LEU A 58 -5.67 1.96 -5.20
CA LEU A 58 -5.84 1.46 -3.81
C LEU A 58 -5.73 -0.08 -3.75
N GLU A 59 -6.26 -0.78 -4.77
CA GLU A 59 -6.14 -2.25 -4.91
C GLU A 59 -4.71 -2.67 -5.34
N GLU A 60 -4.03 -1.78 -6.06
CA GLU A 60 -2.60 -1.95 -6.38
C GLU A 60 -1.74 -1.83 -5.09
N TYR A 61 -2.13 -0.87 -4.21
CA TYR A 61 -1.51 -0.71 -2.87
C TYR A 61 -1.82 -1.92 -1.98
N ASP A 62 -3.04 -2.50 -2.14
CA ASP A 62 -3.43 -3.75 -1.45
C ASP A 62 -2.48 -4.90 -1.85
N SER A 63 -2.15 -4.97 -3.15
CA SER A 63 -1.17 -5.95 -3.70
C SER A 63 0.23 -5.76 -3.05
N LEU A 64 0.62 -4.50 -2.82
CA LEU A 64 1.88 -4.15 -2.12
C LEU A 64 1.84 -4.61 -0.63
N LEU A 65 0.64 -4.57 -0.02
CA LEU A 65 0.39 -5.06 1.34
C LEU A 65 0.37 -6.61 1.39
N ASN A 66 0.14 -7.27 0.23
CA ASN A 66 0.27 -8.75 0.07
C ASN A 66 1.73 -9.17 -0.26
N GLU A 67 2.65 -8.19 -0.40
CA GLU A 67 4.11 -8.45 -0.55
C GLU A 67 4.83 -8.52 0.82
N LEU A 68 6.01 -9.17 0.84
CA LEU A 68 6.84 -9.31 2.05
C LEU A 68 7.55 -7.96 2.36
N ASP A 69 7.50 -7.55 3.66
CA ASP A 69 8.07 -6.27 4.17
C ASP A 69 9.52 -5.97 3.65
N TRP A 70 10.46 -6.92 3.83
CA TRP A 70 11.87 -6.77 3.36
C TRP A 70 11.94 -6.36 1.87
N ASP A 71 11.17 -7.05 1.01
CA ASP A 71 11.08 -6.73 -0.44
C ASP A 71 10.64 -5.27 -0.67
N ILE A 72 9.50 -4.90 -0.08
CA ILE A 72 8.89 -3.54 -0.19
C ILE A 72 9.91 -2.41 0.13
N TYR A 73 10.67 -2.62 1.23
CA TYR A 73 11.63 -1.63 1.74
C TYR A 73 12.86 -1.50 0.80
N TYR A 74 13.40 -2.64 0.35
CA TYR A 74 14.61 -2.67 -0.51
C TYR A 74 14.33 -2.25 -1.98
N TRP A 75 13.06 -2.34 -2.39
CA TRP A 75 12.61 -1.78 -3.69
C TRP A 75 12.59 -0.23 -3.61
N ALA A 76 12.00 0.27 -2.51
CA ALA A 76 11.87 1.72 -2.24
C ALA A 76 13.25 2.41 -2.13
N THR A 77 14.13 1.82 -1.31
CA THR A 77 15.49 2.35 -1.05
C THR A 77 16.46 2.07 -2.22
N LYS A 78 15.96 1.45 -3.31
CA LYS A 78 16.71 1.20 -4.58
C LYS A 78 17.90 0.22 -4.37
N ASN A 79 17.78 -0.63 -3.33
CA ASN A 79 18.78 -1.67 -3.01
C ASN A 79 18.86 -2.74 -4.13
N PHE A 80 17.81 -3.60 -4.23
CA PHE A 80 17.67 -4.68 -5.26
C PHE A 80 18.78 -5.79 -5.16
N LYS A 81 19.67 -5.67 -4.17
CA LYS A 81 20.82 -6.59 -3.98
C LYS A 81 20.36 -7.90 -3.30
N THR A 82 19.79 -7.76 -2.09
CA THR A 82 19.26 -8.90 -1.29
C THR A 82 17.79 -9.23 -1.64
N SER A 83 17.01 -8.19 -2.01
CA SER A 83 15.61 -8.36 -2.48
C SER A 83 15.43 -7.75 -3.90
N PRO A 84 15.59 -8.59 -5.00
CA PRO A 84 15.47 -8.11 -6.41
C PRO A 84 14.03 -7.71 -6.81
N LEU A 85 13.89 -6.95 -7.91
CA LEU A 85 12.58 -6.42 -8.36
C LEU A 85 11.89 -7.37 -9.39
N PRO A 86 10.63 -7.84 -9.12
CA PRO A 86 9.81 -8.58 -10.11
C PRO A 86 9.20 -7.67 -11.20
N ASP A 87 8.83 -8.28 -12.35
CA ASP A 87 8.29 -7.58 -13.55
C ASP A 87 6.94 -6.85 -13.25
N LYS A 88 6.18 -7.38 -12.27
CA LYS A 88 4.91 -6.80 -11.78
C LYS A 88 5.08 -5.33 -11.30
N TRP A 89 6.18 -5.05 -10.56
CA TRP A 89 6.45 -3.71 -10.01
C TRP A 89 7.39 -2.88 -10.91
N ALA A 90 8.12 -3.55 -11.83
CA ALA A 90 9.10 -2.91 -12.74
C ALA A 90 8.49 -1.73 -13.57
N ASN A 91 7.21 -1.88 -13.93
CA ASN A 91 6.46 -0.87 -14.72
C ASN A 91 5.33 -0.18 -13.88
N SER A 92 5.27 -0.48 -12.58
CA SER A 92 4.24 0.08 -11.65
C SER A 92 4.65 1.49 -11.16
N LYS A 93 3.73 2.46 -11.28
CA LYS A 93 3.94 3.84 -10.80
C LYS A 93 3.95 3.89 -9.26
N LEU A 94 3.08 3.07 -8.61
CA LEU A 94 2.99 2.94 -7.13
C LEU A 94 4.38 2.70 -6.49
N LEU A 95 5.13 1.78 -7.11
CA LEU A 95 6.51 1.46 -6.71
C LEU A 95 7.44 2.69 -6.78
N LYS A 96 7.35 3.43 -7.88
CA LYS A 96 8.21 4.60 -8.17
C LYS A 96 7.89 5.80 -7.24
N GLN A 97 6.62 5.89 -6.80
CA GLN A 97 6.17 6.87 -5.78
C GLN A 97 6.69 6.48 -4.38
N LEU A 98 6.77 5.16 -4.13
CA LEU A 98 7.36 4.56 -2.90
C LEU A 98 8.90 4.78 -2.85
N GLN A 99 9.55 4.70 -4.05
CA GLN A 99 11.01 4.97 -4.20
C GLN A 99 11.34 6.45 -3.94
N GLU A 100 10.42 7.33 -4.34
CA GLU A 100 10.47 8.74 -3.95
C GLU A 100 10.36 8.87 -2.41
N PHE A 101 9.28 8.30 -1.85
CA PHE A 101 8.92 8.47 -0.43
C PHE A 101 10.03 7.99 0.55
N SER A 102 10.73 6.91 0.19
CA SER A 102 11.89 6.39 0.97
C SER A 102 12.99 7.46 1.18
N GLU A 103 13.23 8.29 0.16
CA GLU A 103 14.17 9.44 0.23
C GLU A 103 13.50 10.67 0.91
N ASN A 104 12.19 10.86 0.63
CA ASN A 104 11.42 12.03 1.11
C ASN A 104 10.65 11.74 2.44
N LYS A 105 11.18 10.78 3.23
CA LYS A 105 10.68 10.48 4.60
C LYS A 105 10.76 11.73 5.50
N GLU A 106 11.92 12.40 5.46
CA GLU A 106 12.22 13.60 6.30
C GLU A 106 12.10 14.92 5.49
N LYS A 107 11.31 14.88 4.39
CA LYS A 107 10.92 16.07 3.61
C LYS A 107 9.41 16.29 3.85
N GLU A 108 9.11 16.95 4.97
CA GLU A 108 7.75 17.04 5.52
C GLU A 108 7.13 18.45 5.31
N ILE A 109 5.80 18.49 5.16
CA ILE A 109 5.05 19.72 4.86
C ILE A 109 4.71 20.48 6.18
N MET A 1 -41.18 15.56 15.67
CA MET A 1 -41.52 15.98 14.27
C MET A 1 -40.57 15.31 13.26
N GLY A 2 -41.14 14.62 12.23
CA GLY A 2 -40.34 14.07 11.12
C GLY A 2 -39.73 12.66 11.39
N HIS A 3 -39.20 12.46 12.61
CA HIS A 3 -38.56 11.19 13.02
C HIS A 3 -39.62 10.04 13.09
N HIS A 4 -39.55 9.10 12.13
CA HIS A 4 -40.54 8.01 12.00
C HIS A 4 -39.88 6.60 12.12
N HIS A 5 -40.73 5.56 12.25
CA HIS A 5 -40.29 4.14 12.37
C HIS A 5 -40.36 3.42 11.01
N HIS A 6 -39.73 2.23 10.93
CA HIS A 6 -39.67 1.40 9.70
C HIS A 6 -41.05 0.75 9.37
N HIS A 7 -41.36 0.61 8.06
CA HIS A 7 -42.61 -0.04 7.59
C HIS A 7 -42.33 -1.08 6.46
N HIS A 8 -41.67 -0.64 5.35
CA HIS A 8 -41.45 -1.51 4.16
C HIS A 8 -40.36 -2.59 4.41
N SER A 9 -40.80 -3.84 4.65
CA SER A 9 -39.89 -4.98 4.92
C SER A 9 -39.44 -5.67 3.61
N HIS A 10 -38.36 -5.15 3.00
CA HIS A 10 -37.77 -5.72 1.75
C HIS A 10 -36.22 -5.80 1.85
N MET A 11 -35.65 -6.80 1.15
CA MET A 11 -34.21 -7.13 1.22
C MET A 11 -33.37 -6.32 0.20
N ILE A 12 -32.53 -5.39 0.69
CA ILE A 12 -31.63 -4.58 -0.16
C ILE A 12 -30.21 -5.21 -0.18
N LYS A 13 -29.86 -5.86 -1.30
CA LYS A 13 -28.54 -6.50 -1.49
C LYS A 13 -27.48 -5.45 -1.96
N ARG A 14 -26.60 -5.04 -1.02
CA ARG A 14 -25.46 -4.10 -1.28
C ARG A 14 -24.21 -4.53 -0.48
N THR A 15 -23.04 -4.46 -1.13
CA THR A 15 -21.73 -4.69 -0.50
C THR A 15 -21.34 -3.47 0.37
N ASN A 16 -21.08 -3.69 1.67
CA ASN A 16 -20.69 -2.63 2.62
C ASN A 16 -19.18 -2.33 2.52
N GLU A 17 -18.78 -1.68 1.40
CA GLU A 17 -17.40 -1.22 1.17
C GLU A 17 -17.39 0.11 0.35
N PRO A 18 -17.68 1.28 1.01
CA PRO A 18 -17.26 2.60 0.48
C PRO A 18 -15.71 2.76 0.49
N LEU A 19 -15.21 3.80 -0.20
CA LEU A 19 -13.76 4.15 -0.19
C LEU A 19 -13.32 4.62 1.20
N ASP A 20 -14.27 5.18 1.97
CA ASP A 20 -14.07 5.50 3.40
C ASP A 20 -13.60 4.27 4.21
N LYS A 21 -14.26 3.10 3.95
CA LYS A 21 -13.89 1.82 4.57
C LYS A 21 -12.60 1.21 3.95
N LYS A 22 -12.51 1.17 2.60
CA LYS A 22 -11.40 0.46 1.91
C LYS A 22 -10.04 1.18 2.08
N ARG A 23 -9.99 2.52 1.88
CA ARG A 23 -8.76 3.33 2.15
C ARG A 23 -8.25 3.12 3.58
N ALA A 24 -9.14 3.28 4.58
CA ALA A 24 -8.81 3.08 6.00
C ALA A 24 -8.28 1.65 6.30
N ARG A 25 -8.89 0.66 5.62
CA ARG A 25 -8.51 -0.77 5.72
C ARG A 25 -7.08 -1.01 5.17
N LEU A 26 -6.74 -0.37 4.02
CA LEU A 26 -5.41 -0.53 3.37
C LEU A 26 -4.28 0.15 4.19
N ILE A 27 -4.56 1.34 4.74
CA ILE A 27 -3.63 2.07 5.68
C ILE A 27 -3.34 1.20 6.94
N TYR A 28 -4.35 0.41 7.34
CA TYR A 28 -4.28 -0.57 8.45
C TYR A 28 -3.49 -1.86 8.04
N GLN A 29 -3.73 -2.38 6.81
CA GLN A 29 -3.08 -3.62 6.29
C GLN A 29 -1.60 -3.39 5.88
N SER A 30 -1.25 -2.11 5.65
CA SER A 30 0.14 -1.69 5.36
C SER A 30 0.94 -1.55 6.68
N ARG A 31 0.23 -1.04 7.68
CA ARG A 31 0.76 -0.81 9.04
C ARG A 31 0.82 -2.15 9.82
N LYS A 32 0.11 -3.19 9.33
CA LYS A 32 0.39 -4.58 9.73
C LYS A 32 1.53 -5.11 8.85
N ARG A 33 2.69 -5.39 9.47
CA ARG A 33 3.96 -5.63 8.75
C ARG A 33 4.88 -6.56 9.57
N GLY A 34 5.98 -7.02 8.96
CA GLY A 34 7.03 -7.73 9.70
C GLY A 34 7.92 -6.79 10.52
N ILE A 35 8.93 -6.20 9.86
CA ILE A 35 9.88 -5.25 10.51
C ILE A 35 9.26 -3.84 10.68
N LEU A 36 9.79 -3.09 11.66
CA LEU A 36 9.35 -1.72 12.00
C LEU A 36 9.81 -0.67 10.95
N GLU A 37 10.89 -0.99 10.21
CA GLU A 37 11.40 -0.13 9.12
C GLU A 37 10.37 0.02 7.98
N THR A 38 9.86 -1.13 7.48
CA THR A 38 8.80 -1.15 6.45
C THR A 38 7.41 -0.78 7.03
N ASP A 39 7.21 -1.08 8.33
CA ASP A 39 5.96 -0.73 9.07
C ASP A 39 5.65 0.79 8.98
N LEU A 40 6.61 1.61 9.47
CA LEU A 40 6.51 3.09 9.44
C LEU A 40 6.52 3.63 7.98
N LEU A 41 7.30 2.95 7.11
CA LEU A 41 7.41 3.31 5.67
C LEU A 41 6.03 3.27 4.97
N LEU A 42 5.36 2.10 5.02
CA LEU A 42 4.04 1.90 4.37
C LEU A 42 2.88 2.58 5.14
N SER A 43 3.02 2.74 6.47
CA SER A 43 2.01 3.45 7.32
C SER A 43 1.93 4.95 6.95
N GLY A 44 3.10 5.62 6.93
CA GLY A 44 3.18 7.04 6.52
C GLY A 44 2.83 7.27 5.05
N PHE A 45 3.28 6.32 4.19
CA PHE A 45 2.95 6.29 2.74
C PHE A 45 1.43 6.20 2.52
N ALA A 46 0.79 5.37 3.32
CA ALA A 46 -0.65 5.11 3.24
C ALA A 46 -1.49 6.34 3.65
N ALA A 47 -1.13 6.94 4.80
CA ALA A 47 -1.84 8.11 5.37
C ALA A 47 -1.75 9.35 4.45
N LYS A 48 -0.66 9.41 3.66
CA LYS A 48 -0.37 10.55 2.75
C LYS A 48 -0.98 10.33 1.34
N TYR A 49 -0.64 9.19 0.70
CA TYR A 49 -0.97 8.91 -0.72
C TYR A 49 -2.44 8.45 -0.91
N LEU A 50 -2.94 7.52 -0.06
CA LEU A 50 -4.36 7.00 -0.16
C LEU A 50 -5.41 8.12 0.00
N LYS A 51 -5.02 9.18 0.70
CA LYS A 51 -5.84 10.40 0.89
C LYS A 51 -6.29 11.02 -0.46
N LYS A 52 -5.43 10.88 -1.50
CA LYS A 52 -5.68 11.42 -2.86
C LYS A 52 -5.72 10.31 -3.95
N MET A 53 -5.34 9.07 -3.57
CA MET A 53 -5.21 7.92 -4.51
C MET A 53 -6.59 7.42 -5.01
N ASN A 54 -6.67 7.13 -6.34
CA ASN A 54 -7.90 6.63 -7.00
C ASN A 54 -8.20 5.14 -6.65
N GLU A 55 -9.49 4.77 -6.86
CA GLU A 55 -10.04 3.42 -6.61
C GLU A 55 -9.19 2.31 -7.27
N GLU A 56 -8.75 2.59 -8.50
CA GLU A 56 -7.96 1.66 -9.34
C GLU A 56 -6.58 1.38 -8.71
N GLU A 57 -5.90 2.48 -8.34
CA GLU A 57 -4.54 2.46 -7.76
C GLU A 57 -4.51 1.83 -6.34
N LEU A 58 -5.63 1.99 -5.60
CA LEU A 58 -5.83 1.37 -4.26
C LEU A 58 -5.75 -0.18 -4.32
N GLU A 59 -6.26 -0.75 -5.41
CA GLU A 59 -6.26 -2.21 -5.65
C GLU A 59 -4.84 -2.72 -6.01
N GLU A 60 -4.03 -1.84 -6.64
CA GLU A 60 -2.58 -2.08 -6.87
C GLU A 60 -1.81 -2.02 -5.52
N TYR A 61 -2.20 -1.06 -4.66
CA TYR A 61 -1.63 -0.91 -3.30
C TYR A 61 -1.88 -2.15 -2.43
N ASP A 62 -3.10 -2.72 -2.54
CA ASP A 62 -3.51 -3.95 -1.82
C ASP A 62 -2.52 -5.13 -2.11
N SER A 63 -2.11 -5.24 -3.38
CA SER A 63 -1.12 -6.25 -3.85
C SER A 63 0.24 -6.14 -3.11
N LEU A 64 0.68 -4.89 -2.84
CA LEU A 64 1.96 -4.60 -2.13
C LEU A 64 1.90 -5.03 -0.63
N LEU A 65 0.68 -4.98 -0.05
CA LEU A 65 0.47 -5.30 1.39
C LEU A 65 0.52 -6.82 1.67
N ASN A 66 0.44 -7.62 0.59
CA ASN A 66 0.59 -9.09 0.65
C ASN A 66 2.06 -9.53 0.32
N GLU A 67 2.97 -8.55 0.13
CA GLU A 67 4.42 -8.81 -0.10
C GLU A 67 5.21 -8.86 1.23
N LEU A 68 6.47 -9.35 1.18
CA LEU A 68 7.34 -9.42 2.36
C LEU A 68 7.96 -8.05 2.68
N ASP A 69 7.93 -7.70 3.96
CA ASP A 69 8.43 -6.41 4.50
C ASP A 69 9.86 -6.04 4.02
N TRP A 70 10.84 -6.95 4.23
CA TRP A 70 12.25 -6.75 3.79
C TRP A 70 12.37 -6.47 2.28
N ASP A 71 11.56 -7.17 1.47
CA ASP A 71 11.57 -7.03 0.00
C ASP A 71 11.07 -5.63 -0.43
N ILE A 72 9.88 -5.26 0.10
CA ILE A 72 9.25 -3.92 -0.09
C ILE A 72 10.26 -2.78 0.26
N TYR A 73 10.99 -3.00 1.37
CA TYR A 73 11.99 -2.06 1.89
C TYR A 73 13.16 -1.87 0.89
N TYR A 74 13.71 -2.98 0.37
CA TYR A 74 14.88 -2.95 -0.54
C TYR A 74 14.53 -2.51 -1.98
N TRP A 75 13.23 -2.47 -2.31
CA TRP A 75 12.75 -1.92 -3.59
C TRP A 75 12.51 -0.39 -3.48
N ALA A 76 12.05 0.06 -2.28
CA ALA A 76 11.90 1.51 -1.97
C ALA A 76 13.27 2.19 -1.84
N THR A 77 14.13 1.61 -0.99
CA THR A 77 15.55 1.98 -0.86
C THR A 77 16.37 1.33 -2.01
N LYS A 78 17.64 1.70 -2.16
CA LYS A 78 18.44 1.30 -3.36
C LYS A 78 19.30 0.03 -3.09
N ASN A 79 18.75 -0.96 -2.35
CA ASN A 79 19.48 -2.19 -1.95
C ASN A 79 18.90 -3.43 -2.70
N PHE A 80 18.81 -3.31 -4.03
CA PHE A 80 18.30 -4.38 -4.93
C PHE A 80 19.25 -5.61 -4.97
N LYS A 81 20.49 -5.43 -4.46
CA LYS A 81 21.49 -6.51 -4.29
C LYS A 81 20.97 -7.70 -3.44
N THR A 82 20.10 -7.40 -2.45
CA THR A 82 19.50 -8.44 -1.57
C THR A 82 18.16 -8.91 -2.16
N SER A 83 17.23 -7.96 -2.36
CA SER A 83 15.90 -8.24 -2.97
C SER A 83 15.84 -7.74 -4.42
N PRO A 84 15.99 -8.67 -5.44
CA PRO A 84 15.87 -8.30 -6.87
C PRO A 84 14.42 -7.87 -7.22
N LEU A 85 14.29 -6.89 -8.13
CA LEU A 85 12.99 -6.33 -8.52
C LEU A 85 12.26 -7.28 -9.52
N PRO A 86 11.05 -7.83 -9.16
CA PRO A 86 10.27 -8.73 -10.05
C PRO A 86 9.54 -7.97 -11.18
N ASP A 87 9.06 -8.74 -12.17
CA ASP A 87 8.27 -8.22 -13.32
C ASP A 87 7.00 -7.47 -12.87
N LYS A 88 6.37 -7.97 -11.80
CA LYS A 88 5.13 -7.40 -11.22
C LYS A 88 5.29 -5.95 -10.70
N TRP A 89 6.53 -5.55 -10.32
CA TRP A 89 6.83 -4.17 -9.85
C TRP A 89 7.72 -3.38 -10.83
N ALA A 90 8.28 -4.07 -11.84
CA ALA A 90 9.19 -3.45 -12.85
C ALA A 90 8.50 -2.33 -13.66
N ASN A 91 7.18 -2.46 -13.90
CA ASN A 91 6.38 -1.48 -14.69
C ASN A 91 5.32 -0.76 -13.83
N SER A 92 5.35 -0.98 -12.50
CA SER A 92 4.33 -0.44 -11.56
C SER A 92 4.64 1.01 -11.13
N LYS A 93 3.61 1.87 -11.24
CA LYS A 93 3.67 3.28 -10.79
C LYS A 93 3.80 3.36 -9.25
N LEU A 94 3.10 2.45 -8.53
CA LEU A 94 3.09 2.36 -7.05
C LEU A 94 4.51 2.30 -6.45
N LEU A 95 5.39 1.53 -7.09
CA LEU A 95 6.82 1.39 -6.69
C LEU A 95 7.55 2.75 -6.75
N LYS A 96 7.30 3.51 -7.83
CA LYS A 96 7.91 4.84 -8.08
C LYS A 96 7.40 5.87 -7.06
N GLN A 97 6.12 5.73 -6.66
CA GLN A 97 5.50 6.50 -5.57
C GLN A 97 6.21 6.23 -4.22
N LEU A 98 6.53 4.95 -3.98
CA LEU A 98 7.15 4.48 -2.72
C LEU A 98 8.64 4.90 -2.63
N GLN A 99 9.33 4.96 -3.79
CA GLN A 99 10.73 5.42 -3.88
C GLN A 99 10.88 6.95 -3.67
N GLU A 100 9.96 7.76 -4.26
CA GLU A 100 9.97 9.23 -4.04
C GLU A 100 9.57 9.56 -2.58
N PHE A 101 8.69 8.72 -1.99
CA PHE A 101 8.33 8.79 -0.57
C PHE A 101 9.54 8.44 0.32
N SER A 102 10.26 7.35 -0.02
CA SER A 102 11.46 6.88 0.76
C SER A 102 12.53 7.99 0.88
N GLU A 103 12.51 8.94 -0.07
CA GLU A 103 13.26 10.20 0.03
C GLU A 103 12.54 11.22 0.96
N ASN A 104 11.38 11.74 0.48
CA ASN A 104 10.69 12.92 1.07
C ASN A 104 9.68 12.57 2.21
N LYS A 105 9.85 11.39 2.84
CA LYS A 105 8.96 10.91 3.93
C LYS A 105 8.97 11.82 5.17
N GLU A 106 10.17 12.32 5.52
CA GLU A 106 10.38 13.17 6.72
C GLU A 106 11.10 14.47 6.33
N LYS A 107 12.43 14.41 6.18
CA LYS A 107 13.30 15.55 5.82
C LYS A 107 14.69 15.07 5.33
N GLU A 108 14.68 13.94 4.60
CA GLU A 108 15.91 13.18 4.29
C GLU A 108 15.92 12.65 2.83
N ILE A 109 16.87 11.76 2.52
CA ILE A 109 16.95 11.05 1.22
C ILE A 109 16.83 9.52 1.40
N MET A 1 -15.56 15.96 -22.69
CA MET A 1 -15.26 17.38 -22.39
C MET A 1 -15.63 17.74 -20.92
N GLY A 2 -16.94 17.78 -20.62
CA GLY A 2 -17.45 18.24 -19.32
C GLY A 2 -17.55 17.15 -18.25
N HIS A 3 -17.69 15.86 -18.64
CA HIS A 3 -17.89 14.74 -17.68
C HIS A 3 -16.55 14.30 -17.04
N HIS A 4 -16.10 15.05 -16.02
CA HIS A 4 -14.86 14.71 -15.24
C HIS A 4 -15.21 13.87 -14.00
N HIS A 5 -16.32 14.23 -13.31
CA HIS A 5 -16.80 13.52 -12.11
C HIS A 5 -18.34 13.64 -11.97
N HIS A 6 -19.06 13.32 -13.07
CA HIS A 6 -20.53 13.32 -13.11
C HIS A 6 -21.06 12.07 -13.84
N HIS A 7 -21.90 11.29 -13.14
CA HIS A 7 -22.59 10.08 -13.66
C HIS A 7 -24.10 10.15 -13.32
N HIS A 8 -24.86 9.08 -13.61
CA HIS A 8 -26.29 8.97 -13.20
C HIS A 8 -26.43 8.89 -11.67
N SER A 9 -27.61 9.24 -11.15
CA SER A 9 -27.93 9.17 -9.69
C SER A 9 -27.84 7.70 -9.20
N HIS A 10 -27.26 7.52 -7.99
CA HIS A 10 -26.88 6.22 -7.40
C HIS A 10 -25.74 5.56 -8.23
N MET A 11 -24.48 5.75 -7.79
CA MET A 11 -23.28 5.19 -8.46
C MET A 11 -23.24 3.64 -8.34
N ILE A 12 -22.69 2.97 -9.37
CA ILE A 12 -22.56 1.49 -9.39
C ILE A 12 -21.56 1.00 -8.31
N LYS A 13 -22.11 0.61 -7.14
CA LYS A 13 -21.35 0.01 -6.03
C LYS A 13 -21.89 -1.40 -5.74
N ARG A 14 -21.00 -2.40 -5.82
CA ARG A 14 -21.35 -3.84 -5.74
C ARG A 14 -21.69 -4.28 -4.30
N THR A 15 -20.94 -3.73 -3.33
CA THR A 15 -21.11 -4.01 -1.89
C THR A 15 -21.41 -2.72 -1.08
N ASN A 16 -21.69 -2.90 0.22
CA ASN A 16 -21.94 -1.79 1.17
C ASN A 16 -20.63 -1.02 1.53
N GLU A 17 -19.46 -1.60 1.13
CA GLU A 17 -18.12 -1.04 1.41
C GLU A 17 -17.88 0.34 0.75
N PRO A 18 -17.74 1.45 1.55
CA PRO A 18 -17.26 2.75 1.03
C PRO A 18 -15.74 2.75 0.74
N LEU A 19 -15.30 3.75 -0.04
CA LEU A 19 -13.86 3.99 -0.32
C LEU A 19 -13.08 4.33 0.96
N ASP A 20 -13.79 4.89 1.95
CA ASP A 20 -13.25 5.13 3.31
C ASP A 20 -12.88 3.80 4.04
N LYS A 21 -13.71 2.74 3.89
CA LYS A 21 -13.40 1.40 4.48
C LYS A 21 -12.24 0.70 3.76
N LYS A 22 -12.17 0.84 2.41
CA LYS A 22 -11.02 0.33 1.63
C LYS A 22 -9.70 1.01 2.06
N ARG A 23 -9.72 2.36 2.03
CA ARG A 23 -8.58 3.20 2.42
C ARG A 23 -8.10 2.88 3.86
N ALA A 24 -9.04 2.86 4.83
CA ALA A 24 -8.75 2.57 6.25
C ALA A 24 -8.15 1.15 6.43
N ARG A 25 -8.69 0.17 5.69
CA ARG A 25 -8.22 -1.23 5.69
C ARG A 25 -6.76 -1.36 5.18
N LEU A 26 -6.45 -0.67 4.08
CA LEU A 26 -5.11 -0.73 3.45
C LEU A 26 -4.04 0.00 4.32
N ILE A 27 -4.39 1.19 4.87
CA ILE A 27 -3.54 1.91 5.86
C ILE A 27 -3.34 1.07 7.15
N TYR A 28 -4.37 0.30 7.52
CA TYR A 28 -4.32 -0.64 8.66
C TYR A 28 -3.30 -1.78 8.39
N GLN A 29 -3.35 -2.38 7.19
CA GLN A 29 -2.46 -3.53 6.81
C GLN A 29 -1.03 -3.08 6.41
N SER A 30 -0.84 -1.77 6.26
CA SER A 30 0.51 -1.16 6.16
C SER A 30 1.06 -0.87 7.57
N ARG A 31 0.12 -0.61 8.50
CA ARG A 31 0.39 -0.45 9.94
C ARG A 31 0.53 -1.82 10.65
N LYS A 32 0.15 -2.92 9.96
CA LYS A 32 0.50 -4.30 10.38
C LYS A 32 1.64 -4.79 9.46
N ARG A 33 2.84 -5.03 10.02
CA ARG A 33 4.04 -5.37 9.22
C ARG A 33 5.02 -6.25 10.01
N GLY A 34 5.80 -7.09 9.29
CA GLY A 34 6.81 -7.97 9.90
C GLY A 34 7.90 -7.22 10.68
N ILE A 35 8.43 -6.13 10.09
CA ILE A 35 9.43 -5.25 10.74
C ILE A 35 8.87 -3.81 10.89
N LEU A 36 9.38 -3.11 11.93
CA LEU A 36 8.97 -1.73 12.28
C LEU A 36 9.50 -0.70 11.24
N GLU A 37 10.64 -1.00 10.59
CA GLU A 37 11.25 -0.13 9.55
C GLU A 37 10.30 0.08 8.34
N THR A 38 9.83 -1.04 7.77
CA THR A 38 8.86 -1.03 6.64
C THR A 38 7.45 -0.60 7.12
N ASP A 39 7.14 -0.89 8.40
CA ASP A 39 5.86 -0.52 9.05
C ASP A 39 5.58 1.01 8.90
N LEU A 40 6.51 1.83 9.41
CA LEU A 40 6.40 3.31 9.34
C LEU A 40 6.52 3.83 7.88
N LEU A 41 7.34 3.12 7.05
CA LEU A 41 7.52 3.44 5.61
C LEU A 41 6.19 3.42 4.85
N LEU A 42 5.48 2.28 4.95
CA LEU A 42 4.20 2.05 4.25
C LEU A 42 3.03 2.83 4.91
N SER A 43 3.05 2.97 6.24
CA SER A 43 1.97 3.67 6.99
C SER A 43 1.93 5.18 6.70
N GLY A 44 3.13 5.81 6.66
CA GLY A 44 3.26 7.23 6.28
C GLY A 44 2.88 7.47 4.81
N PHE A 45 3.34 6.54 3.94
CA PHE A 45 2.95 6.49 2.51
C PHE A 45 1.43 6.35 2.34
N ALA A 46 0.82 5.50 3.20
CA ALA A 46 -0.60 5.16 3.13
C ALA A 46 -1.52 6.33 3.54
N ALA A 47 -1.15 7.02 4.64
CA ALA A 47 -1.93 8.16 5.18
C ALA A 47 -1.95 9.36 4.21
N LYS A 48 -0.91 9.49 3.39
CA LYS A 48 -0.72 10.59 2.43
C LYS A 48 -1.34 10.28 1.04
N TYR A 49 -0.91 9.15 0.44
CA TYR A 49 -1.23 8.80 -0.98
C TYR A 49 -2.66 8.23 -1.16
N LEU A 50 -3.12 7.37 -0.23
CA LEU A 50 -4.51 6.77 -0.30
C LEU A 50 -5.61 7.86 -0.19
N LYS A 51 -5.27 9.00 0.41
CA LYS A 51 -6.18 10.16 0.55
C LYS A 51 -6.63 10.69 -0.84
N LYS A 52 -5.72 10.63 -1.83
CA LYS A 52 -5.94 11.20 -3.18
C LYS A 52 -5.95 10.14 -4.32
N MET A 53 -5.53 8.89 -4.03
CA MET A 53 -5.56 7.80 -5.06
C MET A 53 -6.99 7.24 -5.25
N ASN A 54 -7.32 6.94 -6.52
CA ASN A 54 -8.60 6.33 -6.92
C ASN A 54 -8.60 4.84 -6.50
N GLU A 55 -9.80 4.24 -6.43
CA GLU A 55 -10.00 2.83 -6.01
C GLU A 55 -9.08 1.85 -6.78
N GLU A 56 -8.96 2.09 -8.10
CA GLU A 56 -8.08 1.31 -9.02
C GLU A 56 -6.59 1.27 -8.56
N GLU A 57 -6.07 2.43 -8.10
CA GLU A 57 -4.68 2.55 -7.60
C GLU A 57 -4.54 1.93 -6.19
N LEU A 58 -5.62 2.05 -5.40
CA LEU A 58 -5.75 1.34 -4.09
C LEU A 58 -5.78 -0.21 -4.26
N GLU A 59 -6.31 -0.71 -5.40
CA GLU A 59 -6.29 -2.15 -5.73
C GLU A 59 -4.83 -2.63 -6.01
N GLU A 60 -4.06 -1.74 -6.66
CA GLU A 60 -2.60 -1.93 -6.86
C GLU A 60 -1.85 -1.85 -5.51
N TYR A 61 -2.30 -0.97 -4.60
CA TYR A 61 -1.70 -0.84 -3.25
C TYR A 61 -1.90 -2.13 -2.40
N ASP A 62 -3.03 -2.82 -2.62
CA ASP A 62 -3.31 -4.12 -2.00
C ASP A 62 -2.24 -5.17 -2.41
N SER A 63 -1.79 -5.10 -3.68
CA SER A 63 -0.71 -5.96 -4.23
C SER A 63 0.62 -5.77 -3.47
N LEU A 64 0.90 -4.51 -3.06
CA LEU A 64 2.11 -4.14 -2.29
C LEU A 64 2.06 -4.74 -0.86
N LEU A 65 0.84 -4.80 -0.30
CA LEU A 65 0.60 -5.44 1.03
C LEU A 65 0.67 -6.99 0.95
N ASN A 66 0.48 -7.53 -0.28
CA ASN A 66 0.63 -8.98 -0.57
C ASN A 66 2.12 -9.40 -0.73
N GLU A 67 3.04 -8.41 -0.74
CA GLU A 67 4.50 -8.65 -0.81
C GLU A 67 5.11 -8.81 0.62
N LEU A 68 6.43 -9.09 0.68
CA LEU A 68 7.14 -9.34 1.97
C LEU A 68 7.77 -8.04 2.51
N ASP A 69 7.67 -7.83 3.84
CA ASP A 69 8.14 -6.58 4.53
C ASP A 69 9.59 -6.15 4.15
N TRP A 70 10.57 -7.07 4.30
CA TRP A 70 11.97 -6.79 3.92
C TRP A 70 12.11 -6.46 2.41
N ASP A 71 11.42 -7.22 1.55
CA ASP A 71 11.49 -7.04 0.07
C ASP A 71 11.02 -5.63 -0.35
N ILE A 72 9.85 -5.22 0.18
CA ILE A 72 9.28 -3.86 -0.02
C ILE A 72 10.29 -2.75 0.39
N TYR A 73 10.95 -2.99 1.54
CA TYR A 73 11.96 -2.08 2.11
C TYR A 73 13.15 -1.86 1.14
N TYR A 74 13.65 -2.97 0.55
CA TYR A 74 14.82 -2.95 -0.35
C TYR A 74 14.48 -2.43 -1.77
N TRP A 75 13.20 -2.53 -2.18
CA TRP A 75 12.73 -1.96 -3.46
C TRP A 75 12.56 -0.43 -3.36
N ALA A 76 12.02 0.02 -2.22
CA ALA A 76 11.81 1.45 -1.91
C ALA A 76 13.15 2.21 -1.77
N THR A 77 14.06 1.65 -0.95
CA THR A 77 15.42 2.23 -0.71
C THR A 77 16.38 2.01 -1.90
N LYS A 78 15.89 1.31 -2.96
CA LYS A 78 16.63 1.07 -4.22
C LYS A 78 17.90 0.19 -4.00
N ASN A 79 17.85 -0.69 -2.99
CA ASN A 79 18.91 -1.67 -2.70
C ASN A 79 19.00 -2.73 -3.84
N PHE A 80 17.97 -3.63 -3.91
CA PHE A 80 17.85 -4.73 -4.91
C PHE A 80 18.93 -5.86 -4.79
N LYS A 81 20.00 -5.63 -4.01
CA LYS A 81 21.09 -6.60 -3.76
C LYS A 81 20.56 -7.90 -3.11
N THR A 82 19.85 -7.74 -1.99
CA THR A 82 19.32 -8.85 -1.18
C THR A 82 17.98 -9.38 -1.75
N SER A 83 17.17 -8.41 -2.22
CA SER A 83 15.80 -8.64 -2.70
C SER A 83 15.62 -8.00 -4.10
N PRO A 84 15.86 -8.79 -5.22
CA PRO A 84 15.68 -8.30 -6.62
C PRO A 84 14.21 -7.92 -6.96
N LEU A 85 14.04 -7.15 -8.04
CA LEU A 85 12.75 -6.53 -8.40
C LEU A 85 11.90 -7.42 -9.36
N PRO A 86 10.62 -7.74 -8.99
CA PRO A 86 9.64 -8.39 -9.92
C PRO A 86 9.21 -7.46 -11.10
N ASP A 87 8.84 -8.07 -12.24
CA ASP A 87 8.44 -7.35 -13.48
C ASP A 87 7.20 -6.45 -13.28
N LYS A 88 6.21 -6.95 -12.50
CA LYS A 88 4.95 -6.20 -12.21
C LYS A 88 5.18 -4.97 -11.29
N TRP A 89 6.39 -4.83 -10.72
CA TRP A 89 6.79 -3.61 -9.99
C TRP A 89 7.70 -2.69 -10.83
N ALA A 90 8.53 -3.29 -11.72
CA ALA A 90 9.47 -2.54 -12.59
C ALA A 90 8.77 -1.45 -13.42
N ASN A 91 7.58 -1.80 -13.96
CA ASN A 91 6.77 -0.89 -14.79
C ASN A 91 5.50 -0.37 -14.02
N SER A 92 5.54 -0.48 -12.68
CA SER A 92 4.45 0.05 -11.81
C SER A 92 4.76 1.48 -11.33
N LYS A 93 3.76 2.36 -11.41
CA LYS A 93 3.88 3.74 -10.89
C LYS A 93 3.92 3.74 -9.34
N LEU A 94 3.15 2.83 -8.70
CA LEU A 94 3.07 2.71 -7.22
C LEU A 94 4.45 2.53 -6.58
N LEU A 95 5.27 1.63 -7.18
CA LEU A 95 6.66 1.39 -6.75
C LEU A 95 7.51 2.67 -6.85
N LYS A 96 7.35 3.41 -7.97
CA LYS A 96 8.09 4.67 -8.21
C LYS A 96 7.67 5.78 -7.21
N GLN A 97 6.40 5.77 -6.80
CA GLN A 97 5.87 6.69 -5.77
C GLN A 97 6.39 6.32 -4.36
N LEU A 98 6.58 5.00 -4.13
CA LEU A 98 7.14 4.47 -2.88
C LEU A 98 8.66 4.81 -2.78
N GLN A 99 9.33 4.83 -3.94
CA GLN A 99 10.74 5.28 -4.07
C GLN A 99 10.87 6.80 -3.85
N GLU A 100 9.90 7.58 -4.38
CA GLU A 100 9.78 9.04 -4.13
C GLU A 100 9.65 9.33 -2.61
N PHE A 101 8.68 8.65 -1.97
CA PHE A 101 8.40 8.83 -0.53
C PHE A 101 9.58 8.39 0.36
N SER A 102 10.15 7.21 0.07
CA SER A 102 11.20 6.58 0.91
C SER A 102 12.47 7.45 1.03
N GLU A 103 12.87 8.13 -0.07
CA GLU A 103 14.01 9.08 -0.06
C GLU A 103 13.59 10.46 0.52
N ASN A 104 12.32 10.87 0.29
CA ASN A 104 11.77 12.19 0.71
C ASN A 104 10.93 12.08 2.00
N LYS A 105 11.27 11.11 2.89
CA LYS A 105 10.63 11.00 4.22
C LYS A 105 11.09 12.17 5.13
N GLU A 106 10.36 13.29 5.05
CA GLU A 106 10.65 14.52 5.83
C GLU A 106 9.57 14.74 6.92
N LYS A 107 8.98 13.60 7.39
CA LYS A 107 8.02 13.52 8.51
C LYS A 107 6.73 14.37 8.33
N GLU A 108 6.43 14.73 7.06
CA GLU A 108 5.17 15.41 6.69
C GLU A 108 3.98 14.40 6.70
N ILE A 109 3.33 14.26 7.86
CA ILE A 109 2.22 13.30 8.06
C ILE A 109 0.85 14.01 7.99
N MET A 1 0.27 5.55 19.61
CA MET A 1 -0.40 6.28 20.72
C MET A 1 -0.05 5.61 22.08
N GLY A 2 -0.65 6.06 23.21
CA GLY A 2 -0.40 5.48 24.54
C GLY A 2 -0.64 3.96 24.62
N HIS A 3 -1.72 3.49 23.97
CA HIS A 3 -2.04 2.05 23.85
C HIS A 3 -2.10 1.61 22.37
N HIS A 4 -1.67 0.36 22.11
CA HIS A 4 -1.78 -0.28 20.79
C HIS A 4 -3.25 -0.71 20.54
N HIS A 5 -3.89 -0.17 19.50
CA HIS A 5 -5.33 -0.41 19.20
C HIS A 5 -5.54 -1.75 18.46
N HIS A 6 -6.39 -2.63 19.03
CA HIS A 6 -6.71 -3.96 18.46
C HIS A 6 -8.15 -4.40 18.83
N HIS A 7 -8.98 -4.69 17.82
CA HIS A 7 -10.38 -5.16 18.03
C HIS A 7 -10.43 -6.70 18.13
N HIS A 8 -11.15 -7.21 19.14
CA HIS A 8 -11.35 -8.66 19.35
C HIS A 8 -12.63 -9.15 18.61
N SER A 9 -13.75 -8.42 18.80
CA SER A 9 -15.02 -8.67 18.08
C SER A 9 -14.93 -8.12 16.63
N HIS A 10 -15.54 -8.84 15.68
CA HIS A 10 -15.48 -8.50 14.23
C HIS A 10 -16.61 -9.18 13.42
N MET A 11 -17.69 -9.58 14.12
CA MET A 11 -18.82 -10.32 13.51
C MET A 11 -19.71 -9.38 12.65
N ILE A 12 -19.72 -9.63 11.33
CA ILE A 12 -20.48 -8.85 10.34
C ILE A 12 -22.01 -9.10 10.49
N LYS A 13 -22.79 -8.02 10.47
CA LYS A 13 -24.28 -8.07 10.59
C LYS A 13 -24.89 -7.28 9.41
N ARG A 14 -24.54 -7.70 8.17
CA ARG A 14 -24.81 -6.95 6.92
C ARG A 14 -24.37 -5.47 7.06
N THR A 15 -23.07 -5.28 7.28
CA THR A 15 -22.47 -3.94 7.48
C THR A 15 -21.91 -3.40 6.15
N ASN A 16 -22.34 -2.18 5.78
CA ASN A 16 -21.83 -1.48 4.57
C ASN A 16 -20.29 -1.23 4.68
N GLU A 17 -19.53 -1.81 3.75
CA GLU A 17 -18.08 -1.60 3.60
C GLU A 17 -17.80 -0.67 2.37
N PRO A 18 -17.79 0.70 2.55
CA PRO A 18 -17.49 1.64 1.45
C PRO A 18 -16.00 1.61 0.99
N LEU A 19 -15.72 2.35 -0.08
CA LEU A 19 -14.35 2.51 -0.62
C LEU A 19 -13.47 3.33 0.38
N ASP A 20 -14.12 4.20 1.18
CA ASP A 20 -13.46 4.92 2.29
C ASP A 20 -13.01 3.94 3.42
N LYS A 21 -13.82 2.90 3.68
CA LYS A 21 -13.44 1.81 4.62
C LYS A 21 -12.36 0.89 4.03
N LYS A 22 -12.31 0.73 2.70
CA LYS A 22 -11.19 0.02 2.02
C LYS A 22 -9.88 0.81 2.21
N ARG A 23 -9.96 2.12 1.95
CA ARG A 23 -8.84 3.07 2.15
C ARG A 23 -8.31 3.01 3.60
N ALA A 24 -9.23 3.08 4.58
CA ALA A 24 -8.91 2.96 6.02
C ALA A 24 -8.29 1.58 6.37
N ARG A 25 -8.85 0.51 5.75
CA ARG A 25 -8.41 -0.89 5.94
C ARG A 25 -6.98 -1.12 5.38
N LEU A 26 -6.66 -0.50 4.23
CA LEU A 26 -5.32 -0.61 3.61
C LEU A 26 -4.25 0.18 4.40
N ILE A 27 -4.63 1.37 4.94
CA ILE A 27 -3.78 2.15 5.89
C ILE A 27 -3.55 1.34 7.21
N TYR A 28 -4.54 0.52 7.60
CA TYR A 28 -4.44 -0.41 8.75
C TYR A 28 -3.46 -1.58 8.45
N GLN A 29 -3.61 -2.20 7.27
CA GLN A 29 -2.75 -3.33 6.82
C GLN A 29 -1.28 -2.88 6.60
N SER A 30 -1.10 -1.62 6.19
CA SER A 30 0.22 -1.03 5.87
C SER A 30 1.07 -0.80 7.14
N ARG A 31 0.42 -0.24 8.17
CA ARG A 31 1.04 0.02 9.48
C ARG A 31 1.11 -1.26 10.34
N LYS A 32 0.60 -2.38 9.81
CA LYS A 32 0.69 -3.69 10.46
C LYS A 32 1.67 -4.58 9.65
N ARG A 33 2.84 -4.87 10.23
CA ARG A 33 3.92 -5.68 9.58
C ARG A 33 4.73 -6.44 10.66
N GLY A 34 5.99 -6.84 10.34
CA GLY A 34 6.86 -7.57 11.29
C GLY A 34 8.20 -6.86 11.57
N ILE A 35 8.40 -5.67 10.99
CA ILE A 35 9.68 -4.89 11.10
C ILE A 35 9.38 -3.39 11.09
N LEU A 36 9.80 -2.68 12.17
CA LEU A 36 9.43 -1.26 12.43
C LEU A 36 9.80 -0.31 11.25
N GLU A 37 10.84 -0.68 10.47
CA GLU A 37 11.25 0.08 9.26
C GLU A 37 10.14 0.09 8.18
N THR A 38 9.63 -1.11 7.82
CA THR A 38 8.54 -1.26 6.82
C THR A 38 7.16 -0.84 7.40
N ASP A 39 6.95 -1.04 8.72
CA ASP A 39 5.74 -0.52 9.43
C ASP A 39 5.57 1.01 9.22
N LEU A 40 6.63 1.78 9.56
CA LEU A 40 6.62 3.26 9.42
C LEU A 40 6.67 3.72 7.94
N LEU A 41 7.37 2.95 7.09
CA LEU A 41 7.46 3.22 5.62
C LEU A 41 6.05 3.20 4.96
N LEU A 42 5.35 2.06 5.11
CA LEU A 42 4.01 1.86 4.52
C LEU A 42 2.90 2.64 5.27
N SER A 43 3.07 2.88 6.59
CA SER A 43 2.09 3.68 7.40
C SER A 43 2.04 5.14 6.93
N GLY A 44 3.22 5.77 6.86
CA GLY A 44 3.35 7.16 6.39
C GLY A 44 2.95 7.31 4.92
N PHE A 45 3.34 6.31 4.10
CA PHE A 45 2.96 6.25 2.67
C PHE A 45 1.43 6.15 2.50
N ALA A 46 0.79 5.29 3.30
CA ALA A 46 -0.64 5.01 3.17
C ALA A 46 -1.53 6.20 3.60
N ALA A 47 -1.23 6.79 4.75
CA ALA A 47 -1.99 7.94 5.30
C ALA A 47 -1.90 9.19 4.39
N LYS A 48 -0.81 9.27 3.62
CA LYS A 48 -0.49 10.40 2.73
C LYS A 48 -1.08 10.18 1.29
N TYR A 49 -0.70 9.02 0.70
CA TYR A 49 -1.00 8.70 -0.73
C TYR A 49 -2.43 8.17 -0.97
N LEU A 50 -2.96 7.26 -0.11
CA LEU A 50 -4.35 6.74 -0.27
C LEU A 50 -5.41 7.87 -0.25
N LYS A 51 -5.06 8.95 0.44
CA LYS A 51 -5.89 10.15 0.57
C LYS A 51 -6.01 10.93 -0.78
N LYS A 52 -4.95 10.88 -1.63
CA LYS A 52 -5.01 11.43 -3.01
C LYS A 52 -5.40 10.35 -4.07
N MET A 53 -5.09 9.07 -3.80
CA MET A 53 -5.21 7.97 -4.81
C MET A 53 -6.67 7.47 -4.97
N ASN A 54 -7.02 7.09 -6.21
CA ASN A 54 -8.36 6.57 -6.58
C ASN A 54 -8.42 5.02 -6.44
N GLU A 55 -9.60 4.43 -6.73
CA GLU A 55 -9.87 2.97 -6.60
C GLU A 55 -8.76 2.10 -7.27
N GLU A 56 -8.40 2.49 -8.49
CA GLU A 56 -7.46 1.76 -9.36
C GLU A 56 -6.02 1.74 -8.77
N GLU A 57 -5.62 2.85 -8.15
CA GLU A 57 -4.31 2.97 -7.46
C GLU A 57 -4.31 2.23 -6.09
N LEU A 58 -5.44 2.32 -5.35
CA LEU A 58 -5.64 1.59 -4.06
C LEU A 58 -5.52 0.06 -4.19
N GLU A 59 -6.08 -0.52 -5.28
CA GLU A 59 -6.02 -1.99 -5.52
C GLU A 59 -4.60 -2.43 -5.99
N GLU A 60 -3.88 -1.51 -6.67
CA GLU A 60 -2.43 -1.70 -6.98
C GLU A 60 -1.62 -1.73 -5.66
N TYR A 61 -2.02 -0.87 -4.69
CA TYR A 61 -1.43 -0.82 -3.35
C TYR A 61 -1.77 -2.06 -2.50
N ASP A 62 -3.00 -2.58 -2.69
CA ASP A 62 -3.45 -3.84 -2.05
C ASP A 62 -2.52 -5.01 -2.45
N SER A 63 -2.12 -5.02 -3.73
CA SER A 63 -1.14 -6.00 -4.28
C SER A 63 0.24 -5.87 -3.59
N LEU A 64 0.65 -4.62 -3.25
CA LEU A 64 1.91 -4.34 -2.53
C LEU A 64 1.82 -4.80 -1.05
N LEU A 65 0.61 -4.74 -0.47
CA LEU A 65 0.36 -5.25 0.89
C LEU A 65 0.35 -6.80 0.92
N ASN A 66 0.03 -7.41 -0.23
CA ASN A 66 0.14 -8.88 -0.42
C ASN A 66 1.62 -9.32 -0.67
N GLU A 67 2.55 -8.34 -0.78
CA GLU A 67 4.00 -8.60 -0.92
C GLU A 67 4.72 -8.78 0.44
N LEU A 68 6.00 -9.17 0.34
CA LEU A 68 6.85 -9.53 1.50
C LEU A 68 7.47 -8.29 2.19
N ASP A 69 7.42 -8.29 3.54
CA ASP A 69 7.86 -7.16 4.42
C ASP A 69 9.22 -6.53 4.01
N TRP A 70 10.31 -7.33 4.10
CA TRP A 70 11.68 -6.86 3.78
C TRP A 70 11.86 -6.47 2.31
N ASP A 71 11.26 -7.24 1.39
CA ASP A 71 11.39 -7.03 -0.06
C ASP A 71 10.84 -5.65 -0.49
N ILE A 72 9.66 -5.27 0.06
CA ILE A 72 9.06 -3.92 -0.12
C ILE A 72 10.05 -2.80 0.25
N TYR A 73 10.74 -2.98 1.39
CA TYR A 73 11.74 -2.01 1.89
C TYR A 73 12.96 -1.90 0.94
N TYR A 74 13.41 -3.05 0.40
CA TYR A 74 14.60 -3.12 -0.49
C TYR A 74 14.30 -2.56 -1.91
N TRP A 75 13.02 -2.61 -2.33
CA TRP A 75 12.58 -2.01 -3.61
C TRP A 75 12.36 -0.48 -3.45
N ALA A 76 11.90 -0.06 -2.25
CA ALA A 76 11.74 1.37 -1.89
C ALA A 76 13.11 2.09 -1.84
N THR A 77 14.12 1.36 -1.35
CA THR A 77 15.54 1.76 -1.41
C THR A 77 16.19 1.22 -2.71
N LYS A 78 17.51 1.36 -2.84
CA LYS A 78 18.26 0.85 -4.01
C LYS A 78 19.01 -0.47 -3.68
N ASN A 79 18.41 -1.26 -2.77
CA ASN A 79 18.97 -2.55 -2.29
C ASN A 79 18.47 -3.74 -3.16
N PHE A 80 18.43 -3.51 -4.49
CA PHE A 80 18.01 -4.54 -5.48
C PHE A 80 19.05 -5.69 -5.60
N LYS A 81 20.28 -5.44 -5.11
CA LYS A 81 21.30 -6.47 -4.89
C LYS A 81 20.80 -7.53 -3.88
N THR A 82 20.24 -7.06 -2.75
CA THR A 82 19.79 -7.91 -1.63
C THR A 82 18.50 -8.69 -2.00
N SER A 83 17.50 -7.97 -2.55
CA SER A 83 16.25 -8.57 -3.08
C SER A 83 15.97 -8.07 -4.51
N PRO A 84 15.97 -8.98 -5.54
CA PRO A 84 15.75 -8.57 -6.96
C PRO A 84 14.28 -8.11 -7.22
N LEU A 85 14.13 -7.13 -8.12
CA LEU A 85 12.81 -6.53 -8.44
C LEU A 85 11.99 -7.44 -9.41
N PRO A 86 10.73 -7.87 -9.02
CA PRO A 86 9.81 -8.58 -9.93
C PRO A 86 9.29 -7.68 -11.07
N ASP A 87 9.01 -8.29 -12.25
CA ASP A 87 8.58 -7.57 -13.47
C ASP A 87 7.24 -6.82 -13.28
N LYS A 88 6.34 -7.38 -12.45
CA LYS A 88 5.05 -6.75 -12.08
C LYS A 88 5.23 -5.36 -11.39
N TRP A 89 6.38 -5.16 -10.70
CA TRP A 89 6.71 -3.87 -10.05
C TRP A 89 7.67 -3.04 -10.93
N ALA A 90 8.45 -3.72 -11.79
CA ALA A 90 9.39 -3.07 -12.75
C ALA A 90 8.68 -2.10 -13.72
N ASN A 91 7.37 -2.33 -13.95
CA ASN A 91 6.52 -1.49 -14.83
C ASN A 91 5.38 -0.77 -14.04
N SER A 92 5.39 -0.86 -12.69
CA SER A 92 4.34 -0.24 -11.83
C SER A 92 4.72 1.19 -11.41
N LYS A 93 3.77 2.13 -11.50
CA LYS A 93 3.96 3.52 -11.04
C LYS A 93 4.04 3.59 -9.50
N LEU A 94 3.23 2.74 -8.81
CA LEU A 94 3.17 2.67 -7.32
C LEU A 94 4.56 2.47 -6.68
N LEU A 95 5.34 1.55 -7.27
CA LEU A 95 6.74 1.28 -6.84
C LEU A 95 7.59 2.56 -6.85
N LYS A 96 7.46 3.35 -7.93
CA LYS A 96 8.23 4.60 -8.11
C LYS A 96 7.79 5.67 -7.09
N GLN A 97 6.49 5.66 -6.75
CA GLN A 97 5.92 6.53 -5.69
C GLN A 97 6.47 6.14 -4.29
N LEU A 98 6.64 4.83 -4.07
CA LEU A 98 7.19 4.26 -2.81
C LEU A 98 8.68 4.65 -2.63
N GLN A 99 9.42 4.62 -3.75
CA GLN A 99 10.83 5.08 -3.84
C GLN A 99 10.94 6.60 -3.60
N GLU A 100 10.03 7.38 -4.21
CA GLU A 100 9.98 8.84 -4.02
C GLU A 100 9.70 9.19 -2.55
N PHE A 101 8.68 8.57 -1.95
CA PHE A 101 8.35 8.76 -0.52
C PHE A 101 9.52 8.32 0.40
N SER A 102 10.23 7.23 0.00
CA SER A 102 11.38 6.69 0.77
C SER A 102 12.47 7.76 1.01
N GLU A 103 12.79 8.57 -0.03
CA GLU A 103 13.72 9.72 0.12
C GLU A 103 13.00 10.96 0.71
N ASN A 104 11.67 11.10 0.47
CA ASN A 104 10.87 12.26 0.98
C ASN A 104 10.33 12.02 2.42
N LYS A 105 10.84 10.98 3.12
CA LYS A 105 10.57 10.76 4.57
C LYS A 105 11.24 11.87 5.42
N GLU A 106 10.57 13.03 5.50
CA GLU A 106 11.06 14.24 6.19
C GLU A 106 10.00 14.73 7.22
N LYS A 107 8.72 14.63 6.83
CA LYS A 107 7.56 15.12 7.60
C LYS A 107 7.00 14.00 8.51
N GLU A 108 7.53 13.94 9.73
CA GLU A 108 7.08 12.99 10.78
C GLU A 108 6.44 13.74 11.98
N ILE A 109 5.64 13.01 12.78
CA ILE A 109 4.99 13.54 14.01
C ILE A 109 5.56 12.85 15.27
N MET A 1 -2.81 -20.04 -1.07
CA MET A 1 -2.24 -20.33 -2.42
C MET A 1 -2.78 -21.68 -2.96
N GLY A 2 -2.85 -21.80 -4.30
CA GLY A 2 -3.25 -23.05 -4.97
C GLY A 2 -4.75 -23.35 -4.93
N HIS A 3 -5.11 -24.57 -5.37
CA HIS A 3 -6.52 -25.04 -5.40
C HIS A 3 -6.99 -25.48 -3.99
N HIS A 4 -8.09 -24.86 -3.50
CA HIS A 4 -8.77 -25.25 -2.24
C HIS A 4 -10.27 -25.50 -2.54
N HIS A 5 -10.79 -26.69 -2.15
CA HIS A 5 -12.16 -27.16 -2.51
C HIS A 5 -12.34 -27.32 -4.04
N HIS A 6 -13.58 -27.50 -4.51
CA HIS A 6 -13.89 -27.51 -5.97
C HIS A 6 -13.63 -26.13 -6.62
N HIS A 7 -13.53 -26.10 -7.96
CA HIS A 7 -13.33 -24.85 -8.72
C HIS A 7 -14.64 -24.03 -8.78
N HIS A 8 -14.65 -22.90 -8.06
CA HIS A 8 -15.80 -21.96 -8.02
C HIS A 8 -15.31 -20.51 -7.85
N SER A 9 -14.19 -20.32 -7.10
CA SER A 9 -13.55 -19.00 -6.84
C SER A 9 -14.57 -17.99 -6.21
N HIS A 10 -14.29 -16.67 -6.34
CA HIS A 10 -15.26 -15.60 -6.02
C HIS A 10 -14.91 -14.27 -6.74
N MET A 11 -15.48 -14.07 -7.94
CA MET A 11 -15.56 -12.73 -8.57
C MET A 11 -16.58 -11.86 -7.79
N ILE A 12 -17.51 -12.58 -7.15
CA ILE A 12 -18.51 -12.04 -6.22
C ILE A 12 -17.83 -11.34 -5.02
N LYS A 13 -18.37 -10.14 -4.64
CA LYS A 13 -17.87 -9.26 -3.57
C LYS A 13 -16.46 -8.67 -3.86
N ARG A 14 -16.40 -7.35 -4.06
CA ARG A 14 -15.13 -6.59 -4.15
C ARG A 14 -15.01 -5.61 -2.96
N THR A 15 -16.03 -4.74 -2.78
CA THR A 15 -16.14 -3.82 -1.62
C THR A 15 -17.60 -3.82 -1.06
N ASN A 16 -18.57 -3.33 -1.88
CA ASN A 16 -19.99 -3.11 -1.48
C ASN A 16 -20.12 -2.08 -0.31
N GLU A 17 -19.07 -1.26 -0.14
CA GLU A 17 -18.91 -0.33 1.01
C GLU A 17 -18.28 1.02 0.54
N PRO A 18 -18.36 2.14 1.35
CA PRO A 18 -17.66 3.41 1.04
C PRO A 18 -16.12 3.25 0.87
N LEU A 19 -15.54 4.11 0.01
CA LEU A 19 -14.08 4.18 -0.26
C LEU A 19 -13.26 4.48 1.01
N ASP A 20 -13.90 5.20 1.96
CA ASP A 20 -13.35 5.44 3.32
C ASP A 20 -12.93 4.12 4.02
N LYS A 21 -13.84 3.13 4.01
CA LYS A 21 -13.60 1.80 4.65
C LYS A 21 -12.45 1.03 3.97
N LYS A 22 -12.46 1.01 2.63
CA LYS A 22 -11.42 0.31 1.82
C LYS A 22 -10.02 0.91 2.08
N ARG A 23 -9.92 2.25 1.99
CA ARG A 23 -8.68 3.01 2.27
C ARG A 23 -8.16 2.74 3.70
N ALA A 24 -9.07 2.83 4.69
CA ALA A 24 -8.75 2.59 6.12
C ALA A 24 -8.16 1.17 6.34
N ARG A 25 -8.75 0.18 5.63
CA ARG A 25 -8.30 -1.23 5.65
C ARG A 25 -6.90 -1.42 5.02
N LEU A 26 -6.63 -0.72 3.89
CA LEU A 26 -5.32 -0.85 3.19
C LEU A 26 -4.17 -0.16 3.98
N ILE A 27 -4.48 1.04 4.55
CA ILE A 27 -3.56 1.76 5.50
C ILE A 27 -3.24 0.87 6.73
N TYR A 28 -4.28 0.15 7.21
CA TYR A 28 -4.16 -0.81 8.33
C TYR A 28 -3.17 -1.95 8.02
N GLN A 29 -3.39 -2.66 6.89
CA GLN A 29 -2.60 -3.87 6.50
C GLN A 29 -1.14 -3.54 6.11
N SER A 30 -0.89 -2.30 5.70
CA SER A 30 0.48 -1.81 5.41
C SER A 30 1.28 -1.59 6.70
N ARG A 31 0.55 -1.27 7.78
CA ARG A 31 1.15 -1.13 9.11
C ARG A 31 1.22 -2.50 9.83
N LYS A 32 0.43 -3.51 9.40
CA LYS A 32 0.56 -4.87 9.98
C LYS A 32 1.65 -5.61 9.20
N ARG A 33 2.81 -5.78 9.83
CA ARG A 33 4.02 -6.34 9.17
C ARG A 33 4.84 -7.19 10.18
N GLY A 34 5.86 -7.89 9.66
CA GLY A 34 6.87 -8.56 10.49
C GLY A 34 7.77 -7.55 11.22
N ILE A 35 8.28 -6.54 10.48
CA ILE A 35 9.14 -5.47 11.04
C ILE A 35 8.41 -4.10 11.10
N LEU A 36 8.62 -3.37 12.21
CA LEU A 36 8.14 -1.99 12.39
C LEU A 36 8.98 -0.96 11.59
N GLU A 37 10.13 -1.41 11.05
CA GLU A 37 10.97 -0.62 10.12
C GLU A 37 10.14 -0.19 8.87
N THR A 38 9.48 -1.18 8.25
CA THR A 38 8.60 -0.97 7.07
C THR A 38 7.27 -0.28 7.45
N ASP A 39 6.80 -0.47 8.72
CA ASP A 39 5.63 0.28 9.27
C ASP A 39 5.84 1.81 9.13
N LEU A 40 7.04 2.30 9.56
CA LEU A 40 7.41 3.75 9.44
C LEU A 40 7.35 4.27 7.97
N LEU A 41 7.70 3.39 7.02
CA LEU A 41 7.67 3.70 5.58
C LEU A 41 6.21 3.78 5.03
N LEU A 42 5.48 2.67 5.18
CA LEU A 42 4.14 2.47 4.59
C LEU A 42 3.03 3.26 5.32
N SER A 43 3.21 3.57 6.62
CA SER A 43 2.23 4.36 7.42
C SER A 43 2.12 5.80 6.89
N GLY A 44 3.27 6.48 6.75
CA GLY A 44 3.33 7.84 6.18
C GLY A 44 2.91 7.91 4.71
N PHE A 45 3.31 6.87 3.95
CA PHE A 45 2.92 6.70 2.53
C PHE A 45 1.39 6.51 2.38
N ALA A 46 0.80 5.70 3.25
CA ALA A 46 -0.64 5.36 3.19
C ALA A 46 -1.54 6.54 3.60
N ALA A 47 -1.19 7.20 4.71
CA ALA A 47 -1.95 8.35 5.25
C ALA A 47 -1.98 9.54 4.24
N LYS A 48 -0.90 9.68 3.46
CA LYS A 48 -0.73 10.78 2.49
C LYS A 48 -1.35 10.44 1.11
N TYR A 49 -0.93 9.30 0.53
CA TYR A 49 -1.31 8.90 -0.85
C TYR A 49 -2.76 8.38 -0.93
N LEU A 50 -3.15 7.43 -0.04
CA LEU A 50 -4.55 6.86 -0.04
C LEU A 50 -5.63 7.93 0.22
N LYS A 51 -5.24 9.02 0.88
CA LYS A 51 -6.13 10.17 1.16
C LYS A 51 -6.77 10.74 -0.15
N LYS A 52 -5.99 10.67 -1.25
CA LYS A 52 -6.40 11.17 -2.59
C LYS A 52 -6.37 10.07 -3.68
N MET A 53 -5.96 8.83 -3.31
CA MET A 53 -5.79 7.72 -4.25
C MET A 53 -7.13 7.07 -4.68
N ASN A 54 -7.24 6.75 -5.98
CA ASN A 54 -8.43 6.10 -6.59
C ASN A 54 -8.30 4.56 -6.55
N GLU A 55 -9.42 3.84 -6.78
CA GLU A 55 -9.47 2.34 -6.65
C GLU A 55 -8.47 1.61 -7.56
N GLU A 56 -8.26 2.14 -8.77
CA GLU A 56 -7.30 1.56 -9.77
C GLU A 56 -5.86 1.43 -9.18
N GLU A 57 -5.42 2.49 -8.48
CA GLU A 57 -4.11 2.53 -7.79
C GLU A 57 -4.17 1.71 -6.46
N LEU A 58 -5.36 1.70 -5.80
CA LEU A 58 -5.62 0.92 -4.56
C LEU A 58 -5.51 -0.61 -4.79
N GLU A 59 -5.81 -1.09 -6.01
CA GLU A 59 -5.65 -2.51 -6.39
C GLU A 59 -4.15 -2.91 -6.36
N GLU A 60 -3.32 -2.03 -6.92
CA GLU A 60 -1.85 -2.19 -6.96
C GLU A 60 -1.25 -2.01 -5.54
N TYR A 61 -1.86 -1.12 -4.73
CA TYR A 61 -1.48 -0.93 -3.32
C TYR A 61 -1.83 -2.15 -2.45
N ASP A 62 -2.95 -2.82 -2.78
CA ASP A 62 -3.36 -4.08 -2.12
C ASP A 62 -2.31 -5.18 -2.40
N SER A 63 -1.85 -5.24 -3.65
CA SER A 63 -0.75 -6.14 -4.08
C SER A 63 0.55 -5.92 -3.26
N LEU A 64 0.79 -4.66 -2.83
CA LEU A 64 1.96 -4.29 -1.98
C LEU A 64 1.82 -4.85 -0.55
N LEU A 65 0.56 -4.88 -0.05
CA LEU A 65 0.22 -5.47 1.27
C LEU A 65 0.48 -7.00 1.26
N ASN A 66 0.26 -7.61 0.08
CA ASN A 66 0.46 -9.05 -0.16
C ASN A 66 1.97 -9.46 -0.12
N GLU A 67 2.87 -8.48 -0.35
CA GLU A 67 4.34 -8.70 -0.39
C GLU A 67 4.94 -8.85 1.03
N LEU A 68 6.26 -9.15 1.10
CA LEU A 68 6.98 -9.23 2.38
C LEU A 68 7.69 -7.90 2.69
N ASP A 69 7.58 -7.47 3.95
CA ASP A 69 8.03 -6.13 4.45
C ASP A 69 9.51 -5.79 4.13
N TRP A 70 10.43 -6.73 4.38
CA TRP A 70 11.86 -6.58 4.01
C TRP A 70 12.05 -6.23 2.52
N ASP A 71 11.38 -7.01 1.64
CA ASP A 71 11.45 -6.84 0.17
C ASP A 71 10.88 -5.48 -0.28
N ILE A 72 9.71 -5.11 0.29
CA ILE A 72 9.04 -3.79 0.06
C ILE A 72 10.03 -2.62 0.32
N TYR A 73 10.75 -2.71 1.44
CA TYR A 73 11.73 -1.69 1.86
C TYR A 73 12.97 -1.65 0.93
N TYR A 74 13.44 -2.84 0.49
CA TYR A 74 14.63 -2.96 -0.39
C TYR A 74 14.35 -2.49 -1.84
N TRP A 75 13.08 -2.53 -2.26
CA TRP A 75 12.63 -1.99 -3.56
C TRP A 75 12.40 -0.45 -3.46
N ALA A 76 11.92 0.01 -2.29
CA ALA A 76 11.72 1.46 -2.02
C ALA A 76 13.07 2.22 -1.92
N THR A 77 14.10 1.53 -1.41
CA THR A 77 15.50 2.03 -1.40
C THR A 77 16.28 1.41 -2.59
N LYS A 78 17.55 1.82 -2.78
CA LYS A 78 18.41 1.24 -3.83
C LYS A 78 19.16 0.00 -3.26
N ASN A 79 18.38 -1.05 -2.91
CA ASN A 79 18.92 -2.34 -2.39
C ASN A 79 18.33 -3.52 -3.22
N PHE A 80 18.27 -3.31 -4.54
CA PHE A 80 17.73 -4.29 -5.51
C PHE A 80 18.61 -5.56 -5.63
N LYS A 81 19.91 -5.43 -5.36
CA LYS A 81 20.84 -6.59 -5.33
C LYS A 81 20.62 -7.45 -4.05
N THR A 82 20.02 -6.85 -3.01
CA THR A 82 19.66 -7.57 -1.76
C THR A 82 18.36 -8.37 -1.98
N SER A 83 17.30 -7.66 -2.43
CA SER A 83 16.01 -8.27 -2.86
C SER A 83 15.69 -7.83 -4.31
N PRO A 84 15.82 -8.75 -5.33
CA PRO A 84 15.59 -8.43 -6.77
C PRO A 84 14.15 -7.94 -7.05
N LEU A 85 14.03 -6.86 -7.85
CA LEU A 85 12.73 -6.31 -8.25
C LEU A 85 12.04 -7.22 -9.30
N PRO A 86 10.79 -7.71 -9.05
CA PRO A 86 10.04 -8.51 -10.03
C PRO A 86 9.28 -7.63 -11.06
N ASP A 87 8.88 -8.24 -12.19
CA ASP A 87 8.20 -7.55 -13.33
C ASP A 87 6.88 -6.87 -12.90
N LYS A 88 6.16 -7.51 -11.94
CA LYS A 88 4.90 -6.98 -11.37
C LYS A 88 5.07 -5.58 -10.73
N TRP A 89 6.29 -5.25 -10.25
CA TRP A 89 6.61 -3.90 -9.68
C TRP A 89 7.46 -3.04 -10.61
N ALA A 90 8.21 -3.67 -11.53
CA ALA A 90 9.12 -2.98 -12.48
C ALA A 90 8.40 -1.89 -13.31
N ASN A 91 7.15 -2.21 -13.72
CA ASN A 91 6.28 -1.31 -14.53
C ASN A 91 5.23 -0.53 -13.67
N SER A 92 5.24 -0.74 -12.34
CA SER A 92 4.20 -0.18 -11.43
C SER A 92 4.35 1.34 -11.19
N LYS A 93 3.20 2.04 -11.20
CA LYS A 93 3.12 3.46 -10.79
C LYS A 93 3.45 3.60 -9.29
N LEU A 94 2.79 2.74 -8.48
CA LEU A 94 2.89 2.71 -7.01
C LEU A 94 4.34 2.60 -6.50
N LEU A 95 5.14 1.73 -7.14
CA LEU A 95 6.55 1.49 -6.74
C LEU A 95 7.39 2.78 -6.85
N LYS A 96 7.20 3.54 -7.95
CA LYS A 96 7.95 4.79 -8.19
C LYS A 96 7.48 5.92 -7.24
N GLN A 97 6.18 5.87 -6.84
CA GLN A 97 5.64 6.75 -5.77
C GLN A 97 6.38 6.45 -4.44
N LEU A 98 6.52 5.15 -4.13
CA LEU A 98 7.11 4.63 -2.88
C LEU A 98 8.63 4.91 -2.78
N GLN A 99 9.35 4.79 -3.92
CA GLN A 99 10.81 5.06 -4.01
C GLN A 99 11.14 6.55 -3.79
N GLU A 100 10.45 7.43 -4.53
CA GLU A 100 10.67 8.89 -4.46
C GLU A 100 10.14 9.49 -3.13
N PHE A 101 9.15 8.79 -2.52
CA PHE A 101 8.70 9.11 -1.14
C PHE A 101 9.74 8.64 -0.09
N SER A 102 10.25 7.39 -0.23
CA SER A 102 11.15 6.74 0.77
C SER A 102 12.43 7.57 1.04
N GLU A 103 13.09 7.95 -0.06
CA GLU A 103 14.37 8.70 -0.02
C GLU A 103 14.18 10.17 0.45
N ASN A 104 12.96 10.71 0.32
CA ASN A 104 12.64 12.12 0.67
C ASN A 104 11.54 12.24 1.76
N LYS A 105 11.30 11.16 2.53
CA LYS A 105 10.18 11.03 3.46
C LYS A 105 10.11 12.18 4.51
N GLU A 106 11.11 12.21 5.42
CA GLU A 106 11.19 13.24 6.49
C GLU A 106 12.24 14.30 6.12
N LYS A 107 12.55 14.39 4.81
CA LYS A 107 13.67 15.21 4.29
C LYS A 107 13.13 16.37 3.43
N GLU A 108 11.88 16.80 3.71
CA GLU A 108 11.19 17.88 3.00
C GLU A 108 11.80 19.27 3.32
N ILE A 109 12.09 20.05 2.26
CA ILE A 109 12.67 21.41 2.36
C ILE A 109 11.76 22.43 1.65
N MET A 1 -11.71 -26.73 -22.98
CA MET A 1 -11.47 -25.32 -23.39
C MET A 1 -11.26 -24.43 -22.14
N GLY A 2 -11.43 -23.09 -22.28
CA GLY A 2 -11.15 -22.15 -21.17
C GLY A 2 -9.66 -21.78 -21.07
N HIS A 3 -8.93 -21.95 -22.18
CA HIS A 3 -7.49 -21.67 -22.29
C HIS A 3 -7.20 -20.15 -22.43
N HIS A 4 -8.25 -19.37 -22.76
CA HIS A 4 -8.15 -17.90 -22.95
C HIS A 4 -7.51 -17.17 -21.74
N HIS A 5 -6.31 -16.61 -21.95
CA HIS A 5 -5.58 -15.82 -20.93
C HIS A 5 -6.13 -14.36 -20.94
N HIS A 6 -7.38 -14.22 -20.46
CA HIS A 6 -8.12 -12.94 -20.43
C HIS A 6 -8.93 -12.85 -19.11
N HIS A 7 -8.58 -11.87 -18.26
CA HIS A 7 -9.18 -11.71 -16.92
C HIS A 7 -10.55 -10.98 -17.01
N HIS A 8 -11.60 -11.56 -16.39
CA HIS A 8 -12.94 -10.95 -16.34
C HIS A 8 -13.01 -9.86 -15.23
N SER A 9 -13.96 -8.92 -15.40
CA SER A 9 -14.18 -7.78 -14.47
C SER A 9 -14.69 -8.22 -13.07
N HIS A 10 -14.70 -7.27 -12.12
CA HIS A 10 -15.16 -7.50 -10.73
C HIS A 10 -16.71 -7.31 -10.63
N MET A 11 -17.45 -7.96 -11.54
CA MET A 11 -18.92 -7.73 -11.71
C MET A 11 -19.76 -8.55 -10.68
N ILE A 12 -19.71 -8.09 -9.42
CA ILE A 12 -20.56 -8.54 -8.30
C ILE A 12 -21.22 -7.30 -7.66
N LYS A 13 -22.57 -7.22 -7.72
CA LYS A 13 -23.36 -6.07 -7.22
C LYS A 13 -23.28 -5.95 -5.68
N ARG A 14 -22.26 -5.21 -5.20
CA ARG A 14 -22.07 -4.88 -3.77
C ARG A 14 -21.73 -3.38 -3.60
N THR A 15 -22.64 -2.65 -2.93
CA THR A 15 -22.38 -1.24 -2.52
C THR A 15 -21.72 -1.17 -1.12
N ASN A 16 -21.38 -2.34 -0.54
CA ASN A 16 -20.51 -2.43 0.66
C ASN A 16 -19.02 -2.38 0.24
N GLU A 17 -18.12 -2.19 1.23
CA GLU A 17 -16.69 -1.83 1.01
C GLU A 17 -16.57 -0.52 0.19
N PRO A 18 -16.89 0.68 0.82
CA PRO A 18 -16.66 2.01 0.21
C PRO A 18 -15.16 2.31 -0.11
N LEU A 19 -14.93 3.42 -0.83
CA LEU A 19 -13.57 3.96 -1.09
C LEU A 19 -12.95 4.53 0.20
N ASP A 20 -13.81 5.09 1.07
CA ASP A 20 -13.41 5.56 2.41
C ASP A 20 -12.93 4.38 3.30
N LYS A 21 -13.74 3.30 3.36
CA LYS A 21 -13.39 2.09 4.13
C LYS A 21 -12.25 1.28 3.46
N LYS A 22 -12.09 1.41 2.13
CA LYS A 22 -10.94 0.81 1.41
C LYS A 22 -9.62 1.46 1.87
N ARG A 23 -9.58 2.81 1.83
CA ARG A 23 -8.45 3.61 2.36
C ARG A 23 -8.09 3.19 3.81
N ALA A 24 -9.11 3.17 4.69
CA ALA A 24 -8.93 2.80 6.12
C ALA A 24 -8.33 1.37 6.28
N ARG A 25 -8.93 0.42 5.55
CA ARG A 25 -8.54 -1.02 5.56
C ARG A 25 -7.10 -1.27 5.02
N LEU A 26 -6.67 -0.44 4.05
CA LEU A 26 -5.31 -0.58 3.45
C LEU A 26 -4.22 0.06 4.36
N ILE A 27 -4.52 1.24 4.94
CA ILE A 27 -3.66 1.89 5.99
C ILE A 27 -3.53 0.95 7.25
N TYR A 28 -4.57 0.14 7.47
CA TYR A 28 -4.63 -0.85 8.55
C TYR A 28 -3.65 -2.04 8.32
N GLN A 29 -3.67 -2.60 7.08
CA GLN A 29 -2.79 -3.75 6.71
C GLN A 29 -1.32 -3.32 6.47
N SER A 30 -1.12 -2.05 6.13
CA SER A 30 0.23 -1.49 5.84
C SER A 30 1.11 -1.42 7.09
N ARG A 31 0.47 -1.12 8.23
CA ARG A 31 1.14 -1.07 9.54
C ARG A 31 1.22 -2.47 10.21
N LYS A 32 0.68 -3.52 9.56
CA LYS A 32 0.97 -4.92 9.94
C LYS A 32 2.29 -5.35 9.27
N ARG A 33 3.36 -5.54 10.07
CA ARG A 33 4.74 -5.76 9.55
C ARG A 33 5.59 -6.62 10.51
N GLY A 34 6.59 -7.33 9.95
CA GLY A 34 7.59 -8.05 10.75
C GLY A 34 8.68 -7.13 11.33
N ILE A 35 8.91 -5.98 10.63
CA ILE A 35 9.94 -4.97 11.03
C ILE A 35 9.35 -3.54 11.08
N LEU A 36 9.97 -2.69 11.93
CA LEU A 36 9.61 -1.26 12.04
C LEU A 36 10.06 -0.45 10.81
N GLU A 37 11.13 -0.90 10.11
CA GLU A 37 11.67 -0.20 8.91
C GLU A 37 10.59 -0.02 7.80
N THR A 38 9.94 -1.13 7.42
CA THR A 38 8.85 -1.12 6.42
C THR A 38 7.54 -0.53 7.00
N ASP A 39 7.33 -0.65 8.33
CA ASP A 39 6.19 0.00 9.03
C ASP A 39 6.21 1.53 8.85
N LEU A 40 7.38 2.17 9.14
CA LEU A 40 7.60 3.62 8.97
C LEU A 40 7.43 4.05 7.49
N LEU A 41 7.74 3.12 6.58
CA LEU A 41 7.57 3.30 5.12
C LEU A 41 6.08 3.28 4.70
N LEU A 42 5.38 2.17 4.96
CA LEU A 42 4.01 1.91 4.47
C LEU A 42 2.91 2.69 5.25
N SER A 43 3.05 2.81 6.58
CA SER A 43 2.08 3.57 7.43
C SER A 43 2.03 5.07 7.06
N GLY A 44 3.23 5.66 6.88
CA GLY A 44 3.36 7.07 6.44
C GLY A 44 2.91 7.30 4.98
N PHE A 45 3.31 6.36 4.09
CA PHE A 45 2.89 6.35 2.66
C PHE A 45 1.36 6.28 2.54
N ALA A 46 0.76 5.48 3.42
CA ALA A 46 -0.67 5.28 3.47
C ALA A 46 -1.42 6.54 3.98
N ALA A 47 -0.80 7.23 4.95
CA ALA A 47 -1.35 8.49 5.51
C ALA A 47 -1.22 9.69 4.53
N LYS A 48 -0.26 9.64 3.61
CA LYS A 48 -0.05 10.72 2.60
C LYS A 48 -0.82 10.46 1.27
N TYR A 49 -0.56 9.29 0.64
CA TYR A 49 -0.97 8.98 -0.75
C TYR A 49 -2.45 8.51 -0.88
N LEU A 50 -2.89 7.56 -0.02
CA LEU A 50 -4.27 6.96 -0.11
C LEU A 50 -5.40 8.01 -0.09
N LYS A 51 -5.16 9.11 0.63
CA LYS A 51 -6.11 10.24 0.79
C LYS A 51 -6.55 10.84 -0.57
N LYS A 52 -5.63 10.83 -1.56
CA LYS A 52 -5.88 11.36 -2.94
C LYS A 52 -5.74 10.27 -4.03
N MET A 53 -5.40 9.03 -3.63
CA MET A 53 -5.21 7.90 -4.55
C MET A 53 -6.56 7.35 -5.09
N ASN A 54 -6.58 6.99 -6.38
CA ASN A 54 -7.76 6.36 -7.04
C ASN A 54 -7.82 4.83 -6.74
N GLU A 55 -9.01 4.23 -6.94
CA GLU A 55 -9.22 2.78 -6.72
C GLU A 55 -8.32 1.91 -7.63
N GLU A 56 -7.96 2.47 -8.79
CA GLU A 56 -7.02 1.85 -9.77
C GLU A 56 -5.66 1.48 -9.10
N GLU A 57 -5.06 2.45 -8.38
CA GLU A 57 -3.85 2.22 -7.56
C GLU A 57 -4.16 1.55 -6.20
N LEU A 58 -5.35 1.78 -5.61
CA LEU A 58 -5.73 1.18 -4.28
C LEU A 58 -5.79 -0.36 -4.35
N GLU A 59 -6.28 -0.92 -5.47
CA GLU A 59 -6.31 -2.39 -5.68
C GLU A 59 -4.87 -2.95 -5.90
N GLU A 60 -4.00 -2.12 -6.51
CA GLU A 60 -2.57 -2.43 -6.71
C GLU A 60 -1.79 -2.34 -5.36
N TYR A 61 -2.18 -1.37 -4.52
CA TYR A 61 -1.61 -1.18 -3.17
C TYR A 61 -2.03 -2.32 -2.25
N ASP A 62 -3.27 -2.78 -2.41
CA ASP A 62 -3.80 -3.95 -1.70
C ASP A 62 -2.98 -5.21 -2.05
N SER A 63 -2.57 -5.31 -3.33
CA SER A 63 -1.64 -6.36 -3.82
C SER A 63 -0.24 -6.23 -3.15
N LEU A 64 0.22 -4.98 -2.95
CA LEU A 64 1.51 -4.67 -2.27
C LEU A 64 1.47 -5.11 -0.77
N LEU A 65 0.27 -5.10 -0.18
CA LEU A 65 0.04 -5.55 1.22
C LEU A 65 -0.01 -7.11 1.34
N ASN A 66 0.14 -7.82 0.20
CA ASN A 66 0.30 -9.30 0.17
C ASN A 66 1.75 -9.72 -0.19
N GLU A 67 2.69 -8.74 -0.24
CA GLU A 67 4.14 -9.02 -0.41
C GLU A 67 4.81 -9.32 0.97
N LEU A 68 6.17 -9.24 1.03
CA LEU A 68 6.94 -9.33 2.30
C LEU A 68 7.57 -7.96 2.65
N ASP A 69 7.52 -7.58 3.95
CA ASP A 69 8.08 -6.30 4.46
C ASP A 69 9.51 -5.98 3.93
N TRP A 70 10.45 -6.92 4.12
CA TRP A 70 11.86 -6.75 3.65
C TRP A 70 11.95 -6.39 2.15
N ASP A 71 11.20 -7.12 1.30
CA ASP A 71 11.23 -6.91 -0.16
C ASP A 71 10.66 -5.52 -0.54
N ILE A 72 9.49 -5.17 0.04
CA ILE A 72 8.83 -3.84 -0.14
C ILE A 72 9.81 -2.69 0.20
N TYR A 73 10.55 -2.88 1.31
CA TYR A 73 11.52 -1.89 1.83
C TYR A 73 12.70 -1.70 0.85
N TYR A 74 13.22 -2.80 0.29
CA TYR A 74 14.39 -2.76 -0.64
C TYR A 74 13.99 -2.23 -2.04
N TRP A 75 12.73 -2.39 -2.43
CA TRP A 75 12.20 -1.83 -3.69
C TRP A 75 12.06 -0.29 -3.57
N ALA A 76 11.50 0.16 -2.44
CA ALA A 76 11.27 1.59 -2.14
C ALA A 76 12.58 2.41 -1.98
N THR A 77 13.47 1.90 -1.11
CA THR A 77 14.77 2.57 -0.82
C THR A 77 15.77 2.45 -1.99
N LYS A 78 15.42 1.60 -2.99
CA LYS A 78 16.24 1.33 -4.19
C LYS A 78 17.59 0.69 -3.76
N ASN A 79 17.45 -0.44 -3.05
CA ASN A 79 18.56 -1.20 -2.46
C ASN A 79 18.36 -2.71 -2.77
N PHE A 80 18.44 -3.04 -4.06
CA PHE A 80 18.17 -4.40 -4.60
C PHE A 80 19.37 -5.38 -4.42
N LYS A 81 20.34 -5.04 -3.52
CA LYS A 81 21.57 -5.84 -3.28
C LYS A 81 21.29 -7.30 -2.85
N THR A 82 20.10 -7.55 -2.28
CA THR A 82 19.67 -8.89 -1.79
C THR A 82 18.25 -9.25 -2.30
N SER A 83 17.40 -8.24 -2.51
CA SER A 83 16.00 -8.41 -3.00
C SER A 83 15.79 -7.67 -4.34
N PRO A 84 15.94 -8.36 -5.52
CA PRO A 84 15.69 -7.75 -6.87
C PRO A 84 14.18 -7.44 -7.13
N LEU A 85 13.92 -6.67 -8.20
CA LEU A 85 12.57 -6.21 -8.56
C LEU A 85 11.84 -7.24 -9.48
N PRO A 86 10.63 -7.78 -9.06
CA PRO A 86 9.79 -8.69 -9.90
C PRO A 86 9.06 -7.95 -11.07
N ASP A 87 8.39 -8.75 -11.92
CA ASP A 87 7.81 -8.30 -13.21
C ASP A 87 6.62 -7.31 -13.04
N LYS A 88 5.66 -7.68 -12.15
CA LYS A 88 4.45 -6.83 -11.89
C LYS A 88 4.79 -5.50 -11.16
N TRP A 89 6.00 -5.39 -10.58
CA TRP A 89 6.48 -4.14 -9.96
C TRP A 89 7.47 -3.40 -10.90
N ALA A 90 8.00 -4.12 -11.90
CA ALA A 90 8.82 -3.52 -12.97
C ALA A 90 7.96 -2.56 -13.82
N ASN A 91 8.27 -1.24 -13.70
CA ASN A 91 7.54 -0.13 -14.37
C ASN A 91 6.11 0.08 -13.79
N SER A 92 5.89 -0.34 -12.53
CA SER A 92 4.64 -0.02 -11.78
C SER A 92 4.74 1.39 -11.17
N LYS A 93 3.72 2.24 -11.39
CA LYS A 93 3.74 3.64 -10.88
C LYS A 93 3.68 3.67 -9.34
N LEU A 94 2.87 2.76 -8.73
CA LEU A 94 2.74 2.62 -7.25
C LEU A 94 4.13 2.48 -6.56
N LEU A 95 4.98 1.67 -7.20
CA LEU A 95 6.37 1.48 -6.76
C LEU A 95 7.14 2.83 -6.73
N LYS A 96 7.07 3.58 -7.85
CA LYS A 96 7.78 4.88 -7.98
C LYS A 96 7.21 5.94 -7.01
N GLN A 97 5.90 5.86 -6.70
CA GLN A 97 5.25 6.70 -5.65
C GLN A 97 5.90 6.39 -4.27
N LEU A 98 6.11 5.09 -4.01
CA LEU A 98 6.70 4.56 -2.75
C LEU A 98 8.22 4.87 -2.65
N GLN A 99 8.91 4.87 -3.80
CA GLN A 99 10.35 5.21 -3.91
C GLN A 99 10.59 6.71 -3.63
N GLU A 100 9.72 7.57 -4.20
CA GLU A 100 9.75 9.03 -3.93
C GLU A 100 9.42 9.33 -2.45
N PHE A 101 8.47 8.57 -1.87
CA PHE A 101 8.12 8.66 -0.45
C PHE A 101 9.33 8.32 0.46
N SER A 102 10.08 7.27 0.07
CA SER A 102 11.26 6.81 0.83
C SER A 102 12.33 7.93 1.00
N GLU A 103 12.38 8.86 0.01
CA GLU A 103 13.31 10.02 0.02
C GLU A 103 12.85 11.13 1.01
N ASN A 104 11.60 11.03 1.50
CA ASN A 104 11.00 11.99 2.48
C ASN A 104 10.90 11.38 3.91
N LYS A 105 11.56 10.22 4.13
CA LYS A 105 11.62 9.53 5.46
C LYS A 105 12.82 10.05 6.32
N GLU A 106 13.15 11.33 6.13
CA GLU A 106 14.32 12.00 6.77
C GLU A 106 13.96 12.58 8.17
N LYS A 107 12.65 12.67 8.49
CA LYS A 107 12.15 13.36 9.70
C LYS A 107 12.38 12.52 10.99
N GLU A 108 13.57 12.72 11.55
CA GLU A 108 14.00 12.11 12.84
C GLU A 108 13.58 12.97 14.06
N ILE A 109 13.64 12.38 15.25
CA ILE A 109 13.33 13.07 16.53
C ILE A 109 14.60 13.71 17.12
N MET A 1 10.50 -25.27 15.46
CA MET A 1 10.58 -26.74 15.23
C MET A 1 10.00 -27.13 13.84
N GLY A 2 9.79 -26.13 12.96
CA GLY A 2 9.38 -26.39 11.56
C GLY A 2 8.03 -25.78 11.17
N HIS A 3 7.51 -26.19 10.00
CA HIS A 3 6.24 -25.70 9.43
C HIS A 3 5.22 -26.86 9.24
N HIS A 4 3.93 -26.49 9.03
CA HIS A 4 2.83 -27.48 8.84
C HIS A 4 1.67 -26.87 8.00
N HIS A 5 0.84 -27.74 7.42
CA HIS A 5 -0.30 -27.35 6.56
C HIS A 5 -1.43 -26.65 7.36
N HIS A 6 -1.55 -25.31 7.21
CA HIS A 6 -2.62 -24.50 7.85
C HIS A 6 -3.94 -24.53 7.03
N HIS A 7 -5.05 -24.16 7.71
CA HIS A 7 -6.39 -24.06 7.09
C HIS A 7 -6.80 -22.57 6.97
N HIS A 8 -6.89 -22.06 5.72
CA HIS A 8 -7.26 -20.64 5.44
C HIS A 8 -8.79 -20.42 5.65
N SER A 9 -9.23 -20.33 6.93
CA SER A 9 -10.65 -20.17 7.29
C SER A 9 -11.11 -18.69 7.17
N HIS A 10 -11.42 -18.27 5.94
CA HIS A 10 -11.90 -16.90 5.63
C HIS A 10 -12.92 -16.92 4.47
N MET A 11 -14.03 -16.19 4.64
CA MET A 11 -15.07 -16.00 3.63
C MET A 11 -15.49 -14.51 3.59
N ILE A 12 -15.46 -13.89 2.40
CA ILE A 12 -15.81 -12.46 2.23
C ILE A 12 -17.36 -12.30 2.36
N LYS A 13 -17.78 -12.01 3.60
CA LYS A 13 -19.19 -11.74 3.96
C LYS A 13 -19.38 -10.22 4.25
N ARG A 14 -18.50 -9.38 3.65
CA ARG A 14 -18.56 -7.92 3.77
C ARG A 14 -19.53 -7.33 2.73
N THR A 15 -20.85 -7.45 3.02
CA THR A 15 -21.93 -6.81 2.22
C THR A 15 -21.77 -5.27 2.24
N ASN A 16 -21.34 -4.75 3.40
CA ASN A 16 -21.02 -3.33 3.59
C ASN A 16 -19.48 -3.12 3.56
N GLU A 17 -18.96 -2.57 2.45
CA GLU A 17 -17.55 -2.12 2.33
C GLU A 17 -17.42 -0.96 1.31
N PRO A 18 -17.82 0.30 1.71
CA PRO A 18 -17.57 1.54 0.91
C PRO A 18 -16.06 1.84 0.67
N LEU A 19 -15.78 2.79 -0.24
CA LEU A 19 -14.41 3.24 -0.58
C LEU A 19 -13.73 3.99 0.59
N ASP A 20 -14.54 4.72 1.38
CA ASP A 20 -14.08 5.39 2.62
C ASP A 20 -13.60 4.34 3.67
N LYS A 21 -14.40 3.27 3.86
CA LYS A 21 -14.02 2.15 4.76
C LYS A 21 -12.78 1.40 4.22
N LYS A 22 -12.72 1.21 2.89
CA LYS A 22 -11.59 0.49 2.22
C LYS A 22 -10.26 1.25 2.39
N ARG A 23 -10.31 2.59 2.27
CA ARG A 23 -9.16 3.48 2.55
C ARG A 23 -8.62 3.27 3.99
N ALA A 24 -9.54 3.28 4.97
CA ALA A 24 -9.20 3.03 6.38
C ALA A 24 -8.63 1.60 6.61
N ARG A 25 -9.23 0.61 5.90
CA ARG A 25 -8.79 -0.81 5.93
C ARG A 25 -7.37 -0.99 5.36
N LEU A 26 -7.02 -0.22 4.31
CA LEU A 26 -5.68 -0.29 3.67
C LEU A 26 -4.58 0.33 4.56
N ILE A 27 -4.87 1.50 5.18
CA ILE A 27 -3.95 2.14 6.16
C ILE A 27 -3.72 1.20 7.38
N TYR A 28 -4.80 0.49 7.76
CA TYR A 28 -4.77 -0.56 8.81
C TYR A 28 -3.82 -1.73 8.42
N GLN A 29 -3.97 -2.24 7.18
CA GLN A 29 -3.12 -3.33 6.63
C GLN A 29 -1.65 -2.88 6.36
N SER A 30 -1.45 -1.55 6.27
CA SER A 30 -0.10 -0.93 6.18
C SER A 30 0.58 -0.93 7.56
N ARG A 31 -0.25 -0.76 8.60
CA ARG A 31 0.17 -0.85 10.01
C ARG A 31 0.24 -2.33 10.49
N LYS A 32 -0.37 -3.26 9.73
CA LYS A 32 -0.14 -4.71 9.91
C LYS A 32 1.11 -5.11 9.10
N ARG A 33 2.20 -5.46 9.82
CA ARG A 33 3.51 -5.81 9.24
C ARG A 33 4.20 -6.86 10.14
N GLY A 34 5.43 -7.25 9.75
CA GLY A 34 6.33 -8.04 10.62
C GLY A 34 7.61 -7.29 11.00
N ILE A 35 7.95 -6.22 10.23
CA ILE A 35 9.23 -5.46 10.36
C ILE A 35 8.98 -3.95 10.48
N LEU A 36 9.66 -3.30 11.46
CA LEU A 36 9.54 -1.84 11.74
C LEU A 36 10.02 -0.97 10.56
N GLU A 37 11.05 -1.42 9.82
CA GLU A 37 11.56 -0.70 8.63
C GLU A 37 10.46 -0.54 7.55
N THR A 38 9.75 -1.65 7.29
CA THR A 38 8.61 -1.66 6.35
C THR A 38 7.37 -0.96 6.94
N ASP A 39 7.21 -1.07 8.27
CA ASP A 39 6.05 -0.53 9.02
C ASP A 39 6.01 1.01 8.96
N LEU A 40 7.13 1.66 9.34
CA LEU A 40 7.30 3.13 9.25
C LEU A 40 7.07 3.65 7.79
N LEU A 41 7.59 2.87 6.83
CA LEU A 41 7.51 3.19 5.38
C LEU A 41 6.05 3.19 4.85
N LEU A 42 5.36 2.05 4.99
CA LEU A 42 3.99 1.86 4.41
C LEU A 42 2.90 2.61 5.20
N SER A 43 3.05 2.72 6.53
CA SER A 43 2.07 3.45 7.39
C SER A 43 2.03 4.96 7.06
N GLY A 44 3.22 5.55 6.86
CA GLY A 44 3.34 6.96 6.43
C GLY A 44 2.88 7.18 4.98
N PHE A 45 3.23 6.21 4.09
CA PHE A 45 2.79 6.19 2.67
C PHE A 45 1.25 6.12 2.59
N ALA A 46 0.65 5.32 3.48
CA ALA A 46 -0.80 5.12 3.53
C ALA A 46 -1.56 6.38 3.98
N ALA A 47 -0.97 7.08 4.95
CA ALA A 47 -1.52 8.35 5.48
C ALA A 47 -1.53 9.47 4.39
N LYS A 48 -0.48 9.50 3.57
CA LYS A 48 -0.30 10.56 2.54
C LYS A 48 -1.02 10.22 1.21
N TYR A 49 -0.70 9.05 0.64
CA TYR A 49 -1.07 8.69 -0.75
C TYR A 49 -2.53 8.24 -0.93
N LEU A 50 -3.14 7.60 0.08
CA LEU A 50 -4.55 7.17 -0.01
C LEU A 50 -5.54 8.36 -0.12
N LYS A 51 -5.06 9.55 0.28
CA LYS A 51 -5.82 10.81 0.10
C LYS A 51 -5.84 11.25 -1.39
N LYS A 52 -4.73 11.05 -2.14
CA LYS A 52 -4.65 11.40 -3.58
C LYS A 52 -5.05 10.24 -4.53
N MET A 53 -4.92 8.98 -4.08
CA MET A 53 -5.09 7.78 -4.96
C MET A 53 -6.57 7.35 -5.11
N ASN A 54 -6.91 6.94 -6.36
CA ASN A 54 -8.21 6.32 -6.70
C ASN A 54 -8.11 4.78 -6.47
N GLU A 55 -9.28 4.09 -6.48
CA GLU A 55 -9.36 2.64 -6.17
C GLU A 55 -8.42 1.78 -7.07
N GLU A 56 -8.22 2.23 -8.33
CA GLU A 56 -7.26 1.60 -9.28
C GLU A 56 -5.82 1.45 -8.66
N GLU A 57 -5.34 2.54 -8.05
CA GLU A 57 -4.01 2.59 -7.38
C GLU A 57 -4.06 1.91 -5.99
N LEU A 58 -5.22 2.03 -5.30
CA LEU A 58 -5.48 1.40 -3.97
C LEU A 58 -5.43 -0.15 -4.01
N GLU A 59 -5.97 -0.78 -5.07
CA GLU A 59 -5.98 -2.26 -5.20
C GLU A 59 -4.58 -2.79 -5.58
N GLU A 60 -3.80 -1.98 -6.31
CA GLU A 60 -2.38 -2.24 -6.57
C GLU A 60 -1.58 -2.10 -5.25
N TYR A 61 -2.00 -1.15 -4.39
CA TYR A 61 -1.41 -0.93 -3.06
C TYR A 61 -1.71 -2.10 -2.10
N ASP A 62 -2.92 -2.69 -2.22
CA ASP A 62 -3.29 -3.91 -1.46
C ASP A 62 -2.36 -5.09 -1.86
N SER A 63 -2.03 -5.14 -3.16
CA SER A 63 -1.04 -6.11 -3.71
C SER A 63 0.39 -5.86 -3.15
N LEU A 64 0.72 -4.59 -2.83
CA LEU A 64 2.00 -4.21 -2.19
C LEU A 64 2.02 -4.59 -0.69
N LEU A 65 0.87 -4.44 -0.01
CA LEU A 65 0.68 -4.90 1.40
C LEU A 65 0.70 -6.45 1.48
N ASN A 66 0.29 -7.07 0.36
CA ASN A 66 0.34 -8.53 0.15
C ASN A 66 1.81 -9.05 0.03
N GLU A 67 2.77 -8.16 -0.28
CA GLU A 67 4.19 -8.54 -0.52
C GLU A 67 5.01 -8.75 0.78
N LEU A 68 6.25 -9.24 0.59
CA LEU A 68 7.20 -9.57 1.67
C LEU A 68 7.91 -8.30 2.20
N ASP A 69 7.84 -8.09 3.53
CA ASP A 69 8.29 -6.85 4.24
C ASP A 69 9.67 -6.29 3.76
N TRP A 70 10.78 -7.03 4.02
CA TRP A 70 12.15 -6.56 3.66
C TRP A 70 12.24 -6.16 2.17
N ASP A 71 11.60 -6.97 1.31
CA ASP A 71 11.66 -6.80 -0.14
C ASP A 71 11.00 -5.47 -0.57
N ILE A 72 9.83 -5.14 0.03
CA ILE A 72 9.13 -3.83 -0.17
C ILE A 72 10.07 -2.64 0.12
N TYR A 73 10.82 -2.74 1.24
CA TYR A 73 11.74 -1.69 1.72
C TYR A 73 12.95 -1.50 0.76
N TYR A 74 13.49 -2.61 0.25
CA TYR A 74 14.68 -2.59 -0.63
C TYR A 74 14.36 -2.15 -2.07
N TRP A 75 13.12 -2.41 -2.52
CA TRP A 75 12.61 -1.93 -3.83
C TRP A 75 12.28 -0.42 -3.76
N ALA A 76 11.83 0.03 -2.57
CA ALA A 76 11.60 1.47 -2.27
C ALA A 76 12.92 2.28 -2.32
N THR A 77 14.02 1.64 -1.92
CA THR A 77 15.38 2.21 -2.01
C THR A 77 16.09 1.74 -3.30
N LYS A 78 17.27 2.30 -3.59
CA LYS A 78 18.13 1.83 -4.69
C LYS A 78 19.09 0.73 -4.12
N ASN A 79 18.49 -0.43 -3.78
CA ASN A 79 19.21 -1.54 -3.13
C ASN A 79 18.59 -2.90 -3.58
N PHE A 80 18.95 -3.32 -4.81
CA PHE A 80 18.40 -4.53 -5.46
C PHE A 80 19.40 -5.71 -5.42
N LYS A 81 20.59 -5.51 -4.82
CA LYS A 81 21.62 -6.56 -4.68
C LYS A 81 21.25 -7.61 -3.60
N THR A 82 20.30 -7.24 -2.70
CA THR A 82 19.79 -8.14 -1.63
C THR A 82 18.34 -8.62 -1.94
N SER A 83 17.53 -7.74 -2.56
CA SER A 83 16.17 -8.08 -3.05
C SER A 83 16.00 -7.60 -4.51
N PRO A 84 16.19 -8.52 -5.52
CA PRO A 84 16.00 -8.18 -6.97
C PRO A 84 14.55 -7.75 -7.29
N LEU A 85 14.39 -6.83 -8.26
CA LEU A 85 13.08 -6.30 -8.64
C LEU A 85 12.36 -7.23 -9.67
N PRO A 86 11.17 -7.82 -9.31
CA PRO A 86 10.40 -8.71 -10.21
C PRO A 86 9.64 -7.91 -11.30
N ASP A 87 9.19 -8.60 -12.37
CA ASP A 87 8.46 -7.99 -13.51
C ASP A 87 7.18 -7.23 -13.06
N LYS A 88 6.50 -7.81 -12.06
CA LYS A 88 5.26 -7.26 -11.45
C LYS A 88 5.46 -5.85 -10.83
N TRP A 89 6.68 -5.52 -10.36
CA TRP A 89 7.01 -4.18 -9.80
C TRP A 89 8.03 -3.41 -10.66
N ALA A 90 8.56 -4.09 -11.72
CA ALA A 90 9.56 -3.50 -12.65
C ALA A 90 8.97 -2.32 -13.48
N ASN A 91 7.64 -2.34 -13.66
CA ASN A 91 6.90 -1.32 -14.43
C ASN A 91 5.80 -0.64 -13.57
N SER A 92 5.85 -0.86 -12.24
CA SER A 92 4.85 -0.33 -11.29
C SER A 92 5.07 1.17 -11.00
N LYS A 93 4.07 2.00 -11.32
CA LYS A 93 4.08 3.44 -10.97
C LYS A 93 3.93 3.63 -9.44
N LEU A 94 3.17 2.72 -8.78
CA LEU A 94 3.02 2.69 -7.29
C LEU A 94 4.39 2.56 -6.60
N LEU A 95 5.25 1.68 -7.13
CA LEU A 95 6.62 1.49 -6.62
C LEU A 95 7.46 2.79 -6.80
N LYS A 96 7.28 3.46 -7.95
CA LYS A 96 7.96 4.74 -8.24
C LYS A 96 7.52 5.84 -7.24
N GLN A 97 6.23 5.83 -6.87
CA GLN A 97 5.66 6.69 -5.81
C GLN A 97 6.29 6.34 -4.42
N LEU A 98 6.51 5.03 -4.18
CA LEU A 98 7.11 4.51 -2.92
C LEU A 98 8.61 4.88 -2.82
N GLN A 99 9.29 4.94 -3.98
CA GLN A 99 10.68 5.39 -4.10
C GLN A 99 10.82 6.92 -3.88
N GLU A 100 9.86 7.68 -4.45
CA GLU A 100 9.74 9.14 -4.21
C GLU A 100 9.47 9.45 -2.72
N PHE A 101 8.62 8.64 -2.10
CA PHE A 101 8.25 8.80 -0.69
C PHE A 101 9.44 8.49 0.25
N SER A 102 10.09 7.33 0.03
CA SER A 102 11.17 6.80 0.91
C SER A 102 12.34 7.80 1.08
N GLU A 103 12.71 8.47 -0.02
CA GLU A 103 13.79 9.50 -0.02
C GLU A 103 13.28 10.86 0.57
N ASN A 104 11.97 11.15 0.40
CA ASN A 104 11.34 12.41 0.91
C ASN A 104 10.56 12.16 2.24
N LYS A 105 11.01 11.20 3.07
CA LYS A 105 10.53 11.02 4.47
C LYS A 105 11.25 12.03 5.42
N GLU A 106 11.39 13.29 4.95
CA GLU A 106 12.06 14.38 5.68
C GLU A 106 11.02 15.30 6.38
N LYS A 107 9.76 14.84 6.41
CA LYS A 107 8.67 15.48 7.19
C LYS A 107 8.78 15.12 8.70
N GLU A 108 9.63 14.11 8.96
CA GLU A 108 9.89 13.54 10.30
C GLU A 108 11.41 13.50 10.58
N ILE A 109 11.81 13.14 11.81
CA ILE A 109 13.24 13.03 12.18
C ILE A 109 13.70 11.55 12.16
N MET A 1 -25.76 -19.40 35.83
CA MET A 1 -26.02 -18.46 34.70
C MET A 1 -26.54 -19.23 33.46
N GLY A 2 -27.27 -18.52 32.58
CA GLY A 2 -27.81 -19.12 31.34
C GLY A 2 -28.25 -18.06 30.34
N HIS A 3 -28.15 -18.39 29.04
CA HIS A 3 -28.57 -17.50 27.94
C HIS A 3 -29.80 -18.09 27.23
N HIS A 4 -30.95 -17.38 27.31
CA HIS A 4 -32.19 -17.80 26.62
C HIS A 4 -31.99 -17.90 25.08
N HIS A 5 -32.21 -19.11 24.52
CA HIS A 5 -31.97 -19.38 23.09
C HIS A 5 -33.00 -18.64 22.19
N HIS A 6 -32.48 -17.72 21.35
CA HIS A 6 -33.31 -16.94 20.42
C HIS A 6 -33.80 -17.80 19.22
N HIS A 7 -34.91 -17.39 18.61
CA HIS A 7 -35.59 -18.14 17.54
C HIS A 7 -34.87 -18.03 16.17
N HIS A 8 -35.42 -18.69 15.13
CA HIS A 8 -34.89 -18.65 13.74
C HIS A 8 -35.32 -17.35 12.98
N SER A 9 -35.14 -16.20 13.65
CA SER A 9 -35.61 -14.88 13.16
C SER A 9 -34.73 -14.34 12.01
N HIS A 10 -35.38 -13.68 11.04
CA HIS A 10 -34.68 -12.97 9.95
C HIS A 10 -33.91 -11.74 10.48
N MET A 11 -32.79 -11.41 9.83
CA MET A 11 -31.96 -10.25 10.20
C MET A 11 -31.30 -9.61 8.94
N ILE A 12 -31.35 -8.28 8.86
CA ILE A 12 -30.62 -7.51 7.82
C ILE A 12 -29.10 -7.62 8.12
N LYS A 13 -28.34 -8.17 7.15
CA LYS A 13 -26.92 -8.49 7.35
C LYS A 13 -26.03 -7.25 7.04
N ARG A 14 -25.35 -6.72 8.07
CA ARG A 14 -24.51 -5.48 7.97
C ARG A 14 -23.10 -5.75 7.38
N THR A 15 -22.82 -6.99 6.94
CA THR A 15 -21.50 -7.36 6.35
C THR A 15 -21.33 -6.81 4.91
N ASN A 16 -20.93 -5.53 4.85
CA ASN A 16 -20.61 -4.83 3.60
C ASN A 16 -19.59 -3.72 3.91
N GLU A 17 -18.61 -3.53 3.03
CA GLU A 17 -17.54 -2.52 3.21
C GLU A 17 -17.54 -1.51 2.05
N PRO A 18 -17.90 -0.21 2.31
CA PRO A 18 -17.69 0.92 1.36
C PRO A 18 -16.20 1.10 0.95
N LEU A 19 -15.98 1.76 -0.20
CA LEU A 19 -14.63 2.06 -0.74
C LEU A 19 -13.78 2.88 0.26
N ASP A 20 -14.43 3.79 0.99
CA ASP A 20 -13.78 4.66 1.99
C ASP A 20 -13.31 3.85 3.24
N LYS A 21 -14.10 2.81 3.62
CA LYS A 21 -13.71 1.86 4.70
C LYS A 21 -12.60 0.88 4.23
N LYS A 22 -12.58 0.55 2.92
CA LYS A 22 -11.46 -0.22 2.29
C LYS A 22 -10.14 0.58 2.41
N ARG A 23 -10.21 1.87 2.03
CA ARG A 23 -9.10 2.84 2.14
C ARG A 23 -8.52 2.88 3.58
N ALA A 24 -9.43 3.04 4.56
CA ALA A 24 -9.06 3.03 6.00
C ALA A 24 -8.42 1.67 6.43
N ARG A 25 -8.95 0.56 5.88
CA ARG A 25 -8.46 -0.80 6.18
C ARG A 25 -7.07 -1.07 5.56
N LEU A 26 -6.80 -0.48 4.37
CA LEU A 26 -5.47 -0.62 3.70
C LEU A 26 -4.37 0.06 4.54
N ILE A 27 -4.66 1.29 5.02
CA ILE A 27 -3.78 2.05 5.96
C ILE A 27 -3.51 1.21 7.26
N TYR A 28 -4.57 0.52 7.73
CA TYR A 28 -4.52 -0.39 8.90
C TYR A 28 -3.61 -1.63 8.63
N GLN A 29 -3.68 -2.17 7.40
CA GLN A 29 -2.86 -3.34 6.96
C GLN A 29 -1.40 -2.93 6.58
N SER A 30 -1.19 -1.61 6.38
CA SER A 30 0.15 -1.01 6.23
C SER A 30 0.87 -0.97 7.59
N ARG A 31 0.06 -0.73 8.65
CA ARG A 31 0.52 -0.68 10.04
C ARG A 31 0.70 -2.08 10.67
N LYS A 32 0.21 -3.13 9.98
CA LYS A 32 0.56 -4.52 10.33
C LYS A 32 1.63 -5.03 9.34
N ARG A 33 2.85 -5.28 9.86
CA ARG A 33 4.03 -5.64 9.04
C ARG A 33 5.00 -6.53 9.85
N GLY A 34 5.87 -7.28 9.14
CA GLY A 34 6.87 -8.15 9.78
C GLY A 34 8.00 -7.37 10.48
N ILE A 35 8.34 -6.18 9.93
CA ILE A 35 9.39 -5.29 10.50
C ILE A 35 8.88 -3.83 10.64
N LEU A 36 9.46 -3.12 11.63
CA LEU A 36 9.16 -1.68 11.91
C LEU A 36 9.79 -0.74 10.86
N GLU A 37 10.81 -1.22 10.12
CA GLU A 37 11.47 -0.44 9.03
C GLU A 37 10.46 -0.16 7.87
N THR A 38 9.83 -1.24 7.37
CA THR A 38 8.80 -1.15 6.31
C THR A 38 7.48 -0.57 6.86
N ASP A 39 7.21 -0.79 8.17
CA ASP A 39 6.07 -0.16 8.86
C ASP A 39 6.10 1.40 8.74
N LEU A 40 7.28 2.02 9.02
CA LEU A 40 7.49 3.49 8.82
C LEU A 40 7.26 3.91 7.35
N LEU A 41 7.73 3.06 6.43
CA LEU A 41 7.63 3.27 4.96
C LEU A 41 6.15 3.31 4.49
N LEU A 42 5.42 2.22 4.74
CA LEU A 42 4.02 2.04 4.27
C LEU A 42 2.98 2.85 5.05
N SER A 43 3.15 3.01 6.38
CA SER A 43 2.20 3.77 7.24
C SER A 43 2.17 5.27 6.87
N GLY A 44 3.35 5.86 6.63
CA GLY A 44 3.47 7.25 6.14
C GLY A 44 2.95 7.39 4.69
N PHE A 45 3.30 6.40 3.84
CA PHE A 45 2.85 6.32 2.43
C PHE A 45 1.31 6.19 2.36
N ALA A 46 0.73 5.49 3.34
CA ALA A 46 -0.72 5.26 3.42
C ALA A 46 -1.48 6.52 3.87
N ALA A 47 -0.90 7.24 4.84
CA ALA A 47 -1.48 8.50 5.36
C ALA A 47 -1.46 9.63 4.28
N LYS A 48 -0.37 9.68 3.50
CA LYS A 48 -0.17 10.72 2.46
C LYS A 48 -0.90 10.37 1.13
N TYR A 49 -0.62 9.18 0.58
CA TYR A 49 -1.09 8.81 -0.77
C TYR A 49 -2.57 8.37 -0.77
N LEU A 50 -2.99 7.45 0.15
CA LEU A 50 -4.39 6.93 0.16
C LEU A 50 -5.45 8.03 0.39
N LYS A 51 -5.05 9.16 0.99
CA LYS A 51 -5.95 10.32 1.15
C LYS A 51 -6.36 10.93 -0.23
N LYS A 52 -5.45 10.87 -1.21
CA LYS A 52 -5.69 11.40 -2.59
C LYS A 52 -5.58 10.27 -3.67
N MET A 53 -5.56 9.00 -3.25
CA MET A 53 -5.42 7.85 -4.15
C MET A 53 -6.77 7.44 -4.75
N ASN A 54 -6.80 7.21 -6.08
CA ASN A 54 -8.01 6.79 -6.79
C ASN A 54 -8.34 5.30 -6.54
N GLU A 55 -9.61 4.93 -6.80
CA GLU A 55 -10.16 3.57 -6.54
C GLU A 55 -9.35 2.47 -7.29
N GLU A 56 -8.96 2.80 -8.53
CA GLU A 56 -8.10 1.95 -9.37
C GLU A 56 -6.67 1.76 -8.79
N GLU A 57 -6.09 2.86 -8.26
CA GLU A 57 -4.74 2.87 -7.66
C GLU A 57 -4.69 2.08 -6.31
N LEU A 58 -5.82 2.12 -5.57
CA LEU A 58 -6.01 1.37 -4.31
C LEU A 58 -5.83 -0.17 -4.50
N GLU A 59 -6.16 -0.66 -5.71
CA GLU A 59 -6.03 -2.09 -6.07
C GLU A 59 -4.56 -2.53 -6.21
N GLU A 60 -3.71 -1.64 -6.74
CA GLU A 60 -2.27 -1.88 -6.86
C GLU A 60 -1.60 -1.83 -5.45
N TYR A 61 -2.08 -0.89 -4.61
CA TYR A 61 -1.60 -0.78 -3.21
C TYR A 61 -2.05 -1.99 -2.36
N ASP A 62 -3.25 -2.51 -2.68
CA ASP A 62 -3.81 -3.74 -2.07
C ASP A 62 -2.83 -4.92 -2.30
N SER A 63 -2.32 -5.02 -3.55
CA SER A 63 -1.27 -5.99 -3.95
C SER A 63 0.02 -5.83 -3.10
N LEU A 64 0.45 -4.57 -2.88
CA LEU A 64 1.69 -4.22 -2.13
C LEU A 64 1.62 -4.70 -0.65
N LEU A 65 0.39 -4.71 -0.08
CA LEU A 65 0.14 -5.17 1.30
C LEU A 65 0.18 -6.71 1.45
N ASN A 66 0.11 -7.45 0.32
CA ASN A 66 0.33 -8.91 0.30
C ASN A 66 1.83 -9.27 0.12
N GLU A 67 2.66 -8.28 -0.29
CA GLU A 67 4.11 -8.50 -0.56
C GLU A 67 4.95 -8.54 0.74
N LEU A 68 6.13 -9.18 0.68
CA LEU A 68 7.04 -9.34 1.82
C LEU A 68 7.63 -7.95 2.24
N ASP A 69 7.45 -7.60 3.52
CA ASP A 69 7.92 -6.31 4.12
C ASP A 69 9.38 -5.95 3.74
N TRP A 70 10.35 -6.85 4.04
CA TRP A 70 11.79 -6.64 3.71
C TRP A 70 12.00 -6.26 2.23
N ASP A 71 11.35 -6.99 1.33
CA ASP A 71 11.43 -6.75 -0.14
C ASP A 71 10.97 -5.33 -0.50
N ILE A 72 9.79 -4.93 0.03
CA ILE A 72 9.20 -3.58 -0.18
C ILE A 72 10.20 -2.47 0.23
N TYR A 73 10.92 -2.70 1.35
CA TYR A 73 11.92 -1.77 1.88
C TYR A 73 13.18 -1.71 0.97
N TYR A 74 13.65 -2.89 0.52
CA TYR A 74 14.84 -3.02 -0.35
C TYR A 74 14.63 -2.38 -1.74
N TRP A 75 13.40 -2.48 -2.25
CA TRP A 75 13.02 -1.85 -3.54
C TRP A 75 12.97 -0.31 -3.40
N ALA A 76 12.43 0.17 -2.26
CA ALA A 76 12.34 1.62 -1.95
C ALA A 76 13.72 2.27 -1.74
N THR A 77 14.70 1.47 -1.26
CA THR A 77 16.10 1.92 -1.03
C THR A 77 17.04 1.54 -2.21
N LYS A 78 16.46 0.84 -3.22
CA LYS A 78 17.17 0.39 -4.46
C LYS A 78 18.28 -0.67 -4.16
N ASN A 79 18.25 -1.25 -2.94
CA ASN A 79 19.20 -2.29 -2.50
C ASN A 79 18.69 -3.70 -2.90
N PHE A 80 18.97 -4.11 -4.15
CA PHE A 80 18.47 -5.40 -4.72
C PHE A 80 19.47 -6.57 -4.48
N LYS A 81 20.44 -6.35 -3.58
CA LYS A 81 21.51 -7.33 -3.24
C LYS A 81 20.94 -8.69 -2.75
N THR A 82 19.95 -8.63 -1.84
CA THR A 82 19.34 -9.84 -1.23
C THR A 82 17.89 -10.06 -1.71
N SER A 83 17.20 -8.98 -2.10
CA SER A 83 15.82 -9.03 -2.66
C SER A 83 15.78 -8.35 -4.06
N PRO A 84 15.90 -9.14 -5.19
CA PRO A 84 15.78 -8.60 -6.58
C PRO A 84 14.38 -8.02 -6.90
N LEU A 85 14.29 -7.17 -7.94
CA LEU A 85 13.03 -6.54 -8.37
C LEU A 85 12.29 -7.39 -9.44
N PRO A 86 11.01 -7.81 -9.20
CA PRO A 86 10.18 -8.52 -10.20
C PRO A 86 9.52 -7.55 -11.22
N ASP A 87 9.15 -8.10 -12.41
CA ASP A 87 8.56 -7.32 -13.54
C ASP A 87 7.24 -6.60 -13.17
N LYS A 88 6.46 -7.23 -12.26
CA LYS A 88 5.19 -6.66 -11.74
C LYS A 88 5.40 -5.26 -11.09
N TRP A 89 6.53 -5.08 -10.36
CA TRP A 89 6.85 -3.79 -9.69
C TRP A 89 7.80 -2.93 -10.53
N ALA A 90 8.63 -3.58 -11.38
CA ALA A 90 9.56 -2.87 -12.29
C ALA A 90 8.80 -1.93 -13.26
N ASN A 91 7.66 -2.41 -13.77
CA ASN A 91 6.80 -1.67 -14.72
C ASN A 91 5.58 -1.01 -14.01
N SER A 92 5.57 -0.97 -12.65
CA SER A 92 4.47 -0.34 -11.87
C SER A 92 4.81 1.14 -11.54
N LYS A 93 3.81 2.01 -11.63
CA LYS A 93 3.91 3.43 -11.22
C LYS A 93 4.00 3.56 -9.67
N LEU A 94 3.26 2.69 -8.95
CA LEU A 94 3.15 2.69 -7.46
C LEU A 94 4.52 2.54 -6.77
N LEU A 95 5.33 1.57 -7.25
CA LEU A 95 6.69 1.35 -6.74
C LEU A 95 7.56 2.62 -6.88
N LYS A 96 7.47 3.26 -8.04
CA LYS A 96 8.26 4.48 -8.35
C LYS A 96 7.80 5.68 -7.47
N GLN A 97 6.51 5.68 -7.05
CA GLN A 97 5.98 6.59 -6.01
C GLN A 97 6.62 6.29 -4.62
N LEU A 98 6.89 5.01 -4.35
CA LEU A 98 7.45 4.51 -3.07
C LEU A 98 8.93 4.96 -2.86
N GLN A 99 9.77 4.87 -3.92
CA GLN A 99 11.19 5.34 -3.87
C GLN A 99 11.28 6.86 -3.63
N GLU A 100 10.49 7.66 -4.39
CA GLU A 100 10.50 9.14 -4.26
C GLU A 100 9.88 9.61 -2.91
N PHE A 101 9.00 8.77 -2.32
CA PHE A 101 8.52 8.97 -0.93
C PHE A 101 9.62 8.64 0.09
N SER A 102 10.40 7.56 -0.17
CA SER A 102 11.52 7.13 0.70
C SER A 102 12.58 8.26 0.87
N GLU A 103 12.70 9.11 -0.17
CA GLU A 103 13.51 10.34 -0.13
C GLU A 103 12.89 11.36 0.87
N ASN A 104 11.57 11.60 0.72
CA ASN A 104 10.80 12.60 1.51
C ASN A 104 10.63 12.19 3.01
N LYS A 105 10.90 10.91 3.30
CA LYS A 105 10.92 10.38 4.69
C LYS A 105 12.07 10.99 5.53
N GLU A 106 13.08 11.54 4.84
CA GLU A 106 14.24 12.21 5.48
C GLU A 106 14.04 13.75 5.52
N LYS A 107 12.77 14.21 5.38
CA LYS A 107 12.34 15.61 5.56
C LYS A 107 13.13 16.62 4.65
N GLU A 108 13.34 16.23 3.39
CA GLU A 108 14.15 17.02 2.41
C GLU A 108 13.32 18.06 1.61
N ILE A 109 12.10 18.35 2.09
CA ILE A 109 11.09 19.21 1.41
C ILE A 109 10.81 18.72 -0.02
N MET A 1 -9.08 0.04 28.63
CA MET A 1 -10.01 1.12 29.06
C MET A 1 -11.38 0.99 28.34
N GLY A 2 -12.45 0.81 29.14
CA GLY A 2 -13.83 0.77 28.61
C GLY A 2 -14.23 -0.58 28.01
N HIS A 3 -15.55 -0.75 27.80
CA HIS A 3 -16.11 -1.96 27.18
C HIS A 3 -15.94 -1.89 25.63
N HIS A 4 -14.86 -2.51 25.13
CA HIS A 4 -14.55 -2.61 23.68
C HIS A 4 -14.32 -4.09 23.27
N HIS A 5 -15.01 -5.02 23.95
CA HIS A 5 -14.88 -6.49 23.73
C HIS A 5 -15.20 -6.88 22.27
N HIS A 6 -16.30 -6.30 21.73
CA HIS A 6 -16.72 -6.43 20.30
C HIS A 6 -16.94 -7.89 19.85
N HIS A 7 -18.15 -8.42 20.10
CA HIS A 7 -18.57 -9.75 19.59
C HIS A 7 -19.26 -9.59 18.22
N HIS A 8 -18.69 -10.23 17.18
CA HIS A 8 -19.19 -10.12 15.79
C HIS A 8 -20.61 -10.72 15.63
N SER A 9 -21.63 -9.84 15.62
CA SER A 9 -23.04 -10.20 15.41
C SER A 9 -23.23 -10.79 13.99
N HIS A 10 -23.85 -11.99 13.92
CA HIS A 10 -23.96 -12.78 12.65
C HIS A 10 -25.16 -12.34 11.76
N MET A 11 -25.49 -11.04 11.81
CA MET A 11 -26.55 -10.41 10.98
C MET A 11 -26.01 -10.04 9.57
N ILE A 12 -26.87 -10.14 8.54
CA ILE A 12 -26.50 -9.79 7.14
C ILE A 12 -26.30 -8.25 6.99
N LYS A 13 -25.06 -7.78 7.26
CA LYS A 13 -24.66 -6.35 7.17
C LYS A 13 -23.27 -6.20 6.48
N ARG A 14 -22.67 -7.33 6.07
CA ARG A 14 -21.34 -7.36 5.39
C ARG A 14 -21.48 -7.14 3.86
N THR A 15 -22.74 -7.10 3.40
CA THR A 15 -23.12 -7.00 1.96
C THR A 15 -22.93 -5.57 1.37
N ASN A 16 -22.32 -4.66 2.15
CA ASN A 16 -22.08 -3.26 1.75
C ASN A 16 -20.66 -3.08 1.14
N GLU A 17 -19.63 -3.00 2.04
CA GLU A 17 -18.21 -2.71 1.68
C GLU A 17 -18.06 -1.41 0.81
N PRO A 18 -18.03 -0.20 1.44
CA PRO A 18 -17.69 1.07 0.74
C PRO A 18 -16.18 1.19 0.39
N LEU A 19 -15.88 2.18 -0.48
CA LEU A 19 -14.50 2.45 -0.97
C LEU A 19 -13.58 2.92 0.19
N ASP A 20 -14.17 3.67 1.13
CA ASP A 20 -13.47 4.16 2.35
C ASP A 20 -13.09 3.00 3.32
N LYS A 21 -13.87 1.90 3.32
CA LYS A 21 -13.49 0.67 4.07
C LYS A 21 -12.23 0.03 3.48
N LYS A 22 -12.14 -0.03 2.12
CA LYS A 22 -10.91 -0.49 1.43
C LYS A 22 -9.70 0.38 1.83
N ARG A 23 -9.85 1.71 1.68
CA ARG A 23 -8.80 2.71 2.02
C ARG A 23 -8.29 2.55 3.47
N ALA A 24 -9.21 2.55 4.44
CA ALA A 24 -8.90 2.40 5.89
C ALA A 24 -8.19 1.05 6.18
N ARG A 25 -8.64 -0.02 5.51
CA ARG A 25 -8.08 -1.37 5.65
C ARG A 25 -6.67 -1.48 5.02
N LEU A 26 -6.40 -0.70 3.96
CA LEU A 26 -5.05 -0.63 3.34
C LEU A 26 -4.06 0.11 4.28
N ILE A 27 -4.53 1.24 4.86
CA ILE A 27 -3.77 1.98 5.90
C ILE A 27 -3.53 1.08 7.15
N TYR A 28 -4.46 0.17 7.44
CA TYR A 28 -4.31 -0.85 8.51
C TYR A 28 -3.17 -1.84 8.18
N GLN A 29 -3.23 -2.44 6.97
CA GLN A 29 -2.26 -3.46 6.50
C GLN A 29 -0.84 -2.88 6.27
N SER A 30 -0.75 -1.54 6.17
CA SER A 30 0.53 -0.83 5.97
C SER A 30 1.27 -0.58 7.30
N ARG A 31 0.51 -0.11 8.31
CA ARG A 31 1.01 0.09 9.70
C ARG A 31 1.03 -1.24 10.49
N LYS A 32 0.63 -2.35 9.84
CA LYS A 32 0.83 -3.71 10.37
C LYS A 32 1.80 -4.49 9.43
N ARG A 33 3.04 -4.76 9.90
CA ARG A 33 4.09 -5.50 9.13
C ARG A 33 4.78 -6.53 10.06
N GLY A 34 5.87 -7.15 9.55
CA GLY A 34 6.77 -7.96 10.38
C GLY A 34 7.89 -7.13 11.02
N ILE A 35 8.28 -6.01 10.36
CA ILE A 35 9.35 -5.09 10.82
C ILE A 35 8.86 -3.63 10.92
N LEU A 36 9.33 -2.92 11.98
CA LEU A 36 8.97 -1.50 12.25
C LEU A 36 9.58 -0.56 11.18
N GLU A 37 10.65 -1.03 10.49
CA GLU A 37 11.33 -0.27 9.41
C GLU A 37 10.36 0.01 8.24
N THR A 38 9.72 -1.06 7.75
CA THR A 38 8.70 -0.96 6.67
C THR A 38 7.36 -0.38 7.19
N ASP A 39 7.04 -0.57 8.50
CA ASP A 39 5.91 0.15 9.15
C ASP A 39 6.04 1.69 8.98
N LEU A 40 7.26 2.25 9.21
CA LEU A 40 7.53 3.70 9.01
C LEU A 40 7.30 4.13 7.54
N LEU A 41 7.74 3.27 6.60
CA LEU A 41 7.62 3.51 5.15
C LEU A 41 6.14 3.52 4.69
N LEU A 42 5.43 2.40 4.90
CA LEU A 42 4.06 2.18 4.39
C LEU A 42 2.97 2.94 5.18
N SER A 43 3.12 3.09 6.52
CA SER A 43 2.12 3.83 7.35
C SER A 43 2.10 5.33 7.00
N GLY A 44 3.31 5.92 6.86
CA GLY A 44 3.46 7.30 6.39
C GLY A 44 2.94 7.48 4.95
N PHE A 45 3.27 6.50 4.09
CA PHE A 45 2.80 6.43 2.69
C PHE A 45 1.26 6.32 2.63
N ALA A 46 0.67 5.61 3.59
CA ALA A 46 -0.77 5.33 3.63
C ALA A 46 -1.58 6.58 4.01
N ALA A 47 -1.16 7.25 5.09
CA ALA A 47 -1.85 8.47 5.59
C ALA A 47 -1.62 9.70 4.67
N LYS A 48 -0.56 9.64 3.84
CA LYS A 48 -0.22 10.72 2.89
C LYS A 48 -0.86 10.50 1.49
N TYR A 49 -0.57 9.33 0.87
CA TYR A 49 -0.93 9.01 -0.53
C TYR A 49 -2.39 8.51 -0.70
N LEU A 50 -2.91 7.66 0.20
CA LEU A 50 -4.31 7.14 0.05
C LEU A 50 -5.38 8.26 0.13
N LYS A 51 -5.01 9.37 0.78
CA LYS A 51 -5.85 10.58 0.87
C LYS A 51 -6.03 11.25 -0.53
N LYS A 52 -4.98 11.20 -1.39
CA LYS A 52 -5.04 11.74 -2.77
C LYS A 52 -5.35 10.65 -3.85
N MET A 53 -5.08 9.37 -3.53
CA MET A 53 -5.23 8.26 -4.51
C MET A 53 -6.70 7.79 -4.66
N ASN A 54 -7.04 7.44 -5.91
CA ASN A 54 -8.41 7.07 -6.32
C ASN A 54 -8.53 5.52 -6.42
N GLU A 55 -9.72 5.02 -6.84
CA GLU A 55 -10.09 3.56 -6.82
C GLU A 55 -9.00 2.64 -7.43
N GLU A 56 -8.49 3.05 -8.60
CA GLU A 56 -7.49 2.28 -9.39
C GLU A 56 -6.12 2.15 -8.66
N GLU A 57 -5.66 3.28 -8.12
CA GLU A 57 -4.35 3.38 -7.43
C GLU A 57 -4.35 2.62 -6.08
N LEU A 58 -5.49 2.70 -5.35
CA LEU A 58 -5.72 1.97 -4.08
C LEU A 58 -5.65 0.42 -4.24
N GLU A 59 -6.34 -0.14 -5.27
CA GLU A 59 -6.39 -1.61 -5.48
C GLU A 59 -5.01 -2.18 -5.92
N GLU A 60 -4.19 -1.33 -6.58
CA GLU A 60 -2.77 -1.65 -6.88
C GLU A 60 -1.94 -1.67 -5.56
N TYR A 61 -2.25 -0.74 -4.63
CA TYR A 61 -1.58 -0.65 -3.30
C TYR A 61 -1.81 -1.91 -2.44
N ASP A 62 -3.00 -2.52 -2.57
CA ASP A 62 -3.35 -3.77 -1.87
C ASP A 62 -2.32 -4.90 -2.14
N SER A 63 -1.96 -5.07 -3.42
CA SER A 63 -0.97 -6.08 -3.88
C SER A 63 0.40 -5.96 -3.16
N LEU A 64 0.82 -4.70 -2.90
CA LEU A 64 2.12 -4.40 -2.22
C LEU A 64 2.10 -4.84 -0.74
N LEU A 65 0.93 -4.72 -0.11
CA LEU A 65 0.73 -5.09 1.32
C LEU A 65 0.76 -6.62 1.52
N ASN A 66 0.47 -7.39 0.45
CA ASN A 66 0.58 -8.87 0.45
C ASN A 66 2.05 -9.33 0.24
N GLU A 67 2.95 -8.40 -0.17
CA GLU A 67 4.38 -8.68 -0.39
C GLU A 67 5.18 -8.71 0.93
N LEU A 68 6.37 -9.33 0.88
CA LEU A 68 7.29 -9.45 2.03
C LEU A 68 7.83 -8.05 2.41
N ASP A 69 7.65 -7.63 3.69
CA ASP A 69 8.03 -6.27 4.19
C ASP A 69 9.50 -5.86 3.85
N TRP A 70 10.47 -6.77 4.06
CA TRP A 70 11.88 -6.56 3.67
C TRP A 70 12.01 -6.23 2.15
N ASP A 71 11.35 -7.03 1.30
CA ASP A 71 11.36 -6.86 -0.18
C ASP A 71 10.81 -5.47 -0.57
N ILE A 72 9.66 -5.09 0.01
CA ILE A 72 9.01 -3.76 -0.17
C ILE A 72 10.02 -2.60 0.07
N TYR A 73 10.81 -2.76 1.15
CA TYR A 73 11.80 -1.76 1.61
C TYR A 73 13.02 -1.68 0.64
N TYR A 74 13.47 -2.85 0.12
CA TYR A 74 14.64 -2.93 -0.81
C TYR A 74 14.28 -2.52 -2.26
N TRP A 75 12.98 -2.58 -2.62
CA TRP A 75 12.48 -2.06 -3.91
C TRP A 75 12.31 -0.53 -3.85
N ALA A 76 11.84 -0.05 -2.67
CA ALA A 76 11.72 1.40 -2.37
C ALA A 76 13.10 2.10 -2.41
N THR A 77 14.15 1.36 -2.01
CA THR A 77 15.55 1.82 -2.04
C THR A 77 16.32 1.17 -3.22
N LYS A 78 17.65 1.35 -3.27
CA LYS A 78 18.53 0.69 -4.26
C LYS A 78 19.44 -0.32 -3.53
N ASN A 79 18.99 -1.58 -3.46
CA ASN A 79 19.79 -2.71 -2.97
C ASN A 79 19.76 -3.83 -4.02
N PHE A 80 18.61 -4.55 -4.11
CA PHE A 80 18.32 -5.59 -5.14
C PHE A 80 19.20 -6.88 -5.02
N LYS A 81 20.17 -6.89 -4.10
CA LYS A 81 21.06 -8.05 -3.86
C LYS A 81 20.32 -9.11 -3.02
N THR A 82 19.89 -8.67 -1.81
CA THR A 82 19.14 -9.52 -0.85
C THR A 82 17.73 -9.87 -1.40
N SER A 83 17.11 -8.87 -2.05
CA SER A 83 15.73 -8.93 -2.57
C SER A 83 15.65 -8.16 -3.91
N PRO A 84 15.82 -8.85 -5.08
CA PRO A 84 15.73 -8.22 -6.42
C PRO A 84 14.29 -7.81 -6.81
N LEU A 85 14.18 -6.91 -7.80
CA LEU A 85 12.88 -6.39 -8.26
C LEU A 85 12.26 -7.32 -9.33
N PRO A 86 11.01 -7.86 -9.09
CA PRO A 86 10.24 -8.60 -10.12
C PRO A 86 9.66 -7.67 -11.21
N ASP A 87 9.43 -8.24 -12.41
CA ASP A 87 8.94 -7.52 -13.62
C ASP A 87 7.56 -6.84 -13.38
N LYS A 88 6.72 -7.50 -12.57
CA LYS A 88 5.36 -7.03 -12.18
C LYS A 88 5.38 -5.61 -11.52
N TRP A 89 6.42 -5.33 -10.70
CA TRP A 89 6.56 -4.02 -10.00
C TRP A 89 7.37 -3.00 -10.82
N ALA A 90 8.16 -3.50 -11.78
CA ALA A 90 8.97 -2.65 -12.69
C ALA A 90 8.12 -1.70 -13.57
N ASN A 91 6.84 -2.06 -13.82
CA ASN A 91 5.89 -1.24 -14.60
C ASN A 91 4.90 -0.46 -13.70
N SER A 92 4.69 -0.92 -12.45
CA SER A 92 3.70 -0.35 -11.51
C SER A 92 4.01 1.11 -11.13
N LYS A 93 3.03 2.02 -11.32
CA LYS A 93 3.14 3.44 -10.91
C LYS A 93 3.30 3.56 -9.38
N LEU A 94 2.63 2.66 -8.64
CA LEU A 94 2.71 2.56 -7.17
C LEU A 94 4.16 2.50 -6.65
N LEU A 95 4.98 1.62 -7.24
CA LEU A 95 6.38 1.45 -6.85
C LEU A 95 7.19 2.75 -7.07
N LYS A 96 6.87 3.46 -8.16
CA LYS A 96 7.53 4.74 -8.50
C LYS A 96 7.24 5.79 -7.41
N GLN A 97 5.99 5.77 -6.89
CA GLN A 97 5.55 6.64 -5.76
C GLN A 97 6.32 6.28 -4.46
N LEU A 98 6.51 4.96 -4.25
CA LEU A 98 7.14 4.39 -3.03
C LEU A 98 8.65 4.75 -2.96
N GLN A 99 9.31 4.68 -4.13
CA GLN A 99 10.73 5.04 -4.31
C GLN A 99 10.99 6.56 -4.12
N GLU A 100 9.95 7.38 -4.40
CA GLU A 100 9.97 8.81 -4.05
C GLU A 100 9.85 9.03 -2.53
N PHE A 101 8.78 8.44 -1.93
CA PHE A 101 8.45 8.65 -0.51
C PHE A 101 9.55 8.10 0.45
N SER A 102 10.20 6.99 0.08
CA SER A 102 11.32 6.39 0.86
C SER A 102 12.41 7.45 1.17
N GLU A 103 12.71 8.29 0.17
CA GLU A 103 13.66 9.42 0.28
C GLU A 103 13.00 10.65 0.98
N ASN A 104 11.67 10.83 0.75
CA ASN A 104 10.89 11.99 1.25
C ASN A 104 10.30 11.76 2.68
N LYS A 105 10.71 10.66 3.37
CA LYS A 105 10.33 10.43 4.79
C LYS A 105 11.05 11.43 5.73
N GLU A 106 10.48 12.64 5.85
CA GLU A 106 11.06 13.72 6.68
C GLU A 106 10.10 14.12 7.83
N LYS A 107 8.80 14.26 7.50
CA LYS A 107 7.76 14.66 8.48
C LYS A 107 6.90 13.46 8.91
N GLU A 108 7.39 12.71 9.92
CA GLU A 108 6.65 11.60 10.58
C GLU A 108 5.62 12.17 11.60
N ILE A 109 4.52 12.74 11.08
CA ILE A 109 3.52 13.46 11.90
C ILE A 109 2.66 12.48 12.74
N MET A 1 -59.18 4.25 -7.04
CA MET A 1 -58.89 3.72 -8.40
C MET A 1 -57.46 3.13 -8.50
N GLY A 2 -57.35 1.81 -8.26
CA GLY A 2 -56.14 1.03 -8.59
C GLY A 2 -55.02 0.99 -7.54
N HIS A 3 -54.92 2.04 -6.68
CA HIS A 3 -53.80 2.17 -5.71
C HIS A 3 -54.11 3.16 -4.56
N HIS A 4 -53.59 2.86 -3.35
CA HIS A 4 -53.55 3.81 -2.22
C HIS A 4 -52.24 4.63 -2.30
N HIS A 5 -51.10 3.93 -2.14
CA HIS A 5 -49.74 4.47 -2.38
C HIS A 5 -48.91 3.40 -3.11
N HIS A 6 -48.81 3.54 -4.45
CA HIS A 6 -48.05 2.62 -5.31
C HIS A 6 -46.52 2.83 -5.10
N HIS A 7 -46.10 4.10 -4.98
CA HIS A 7 -44.70 4.47 -4.72
C HIS A 7 -44.46 4.55 -3.19
N HIS A 8 -43.68 3.61 -2.64
CA HIS A 8 -43.38 3.54 -1.18
C HIS A 8 -42.07 2.75 -0.93
N SER A 9 -41.16 3.34 -0.11
CA SER A 9 -39.87 2.68 0.32
C SER A 9 -38.97 2.30 -0.91
N HIS A 10 -37.95 1.44 -0.69
CA HIS A 10 -37.14 0.78 -1.77
C HIS A 10 -36.16 1.75 -2.50
N MET A 11 -36.27 3.07 -2.24
CA MET A 11 -35.50 4.12 -2.98
C MET A 11 -34.05 4.28 -2.41
N ILE A 12 -33.17 3.35 -2.83
CA ILE A 12 -31.69 3.36 -2.58
C ILE A 12 -31.29 3.71 -1.12
N LYS A 13 -31.12 2.66 -0.29
CA LYS A 13 -30.82 2.79 1.16
C LYS A 13 -29.39 2.27 1.49
N ARG A 14 -28.83 1.42 0.60
CA ARG A 14 -27.52 0.74 0.82
C ARG A 14 -26.36 1.47 0.10
N THR A 15 -25.26 1.68 0.83
CA THR A 15 -23.97 2.15 0.25
C THR A 15 -23.14 0.97 -0.31
N ASN A 16 -23.23 -0.20 0.38
CA ASN A 16 -22.54 -1.46 0.02
C ASN A 16 -20.99 -1.29 0.14
N GLU A 17 -20.49 -1.31 1.41
CA GLU A 17 -19.07 -1.11 1.76
C GLU A 17 -18.55 0.31 1.34
N PRO A 18 -18.51 1.29 2.30
CA PRO A 18 -17.83 2.60 2.09
C PRO A 18 -16.36 2.44 1.62
N LEU A 19 -15.96 3.28 0.66
CA LEU A 19 -14.57 3.31 0.13
C LEU A 19 -13.58 3.76 1.23
N ASP A 20 -14.11 4.55 2.18
CA ASP A 20 -13.40 4.94 3.42
C ASP A 20 -12.90 3.69 4.18
N LYS A 21 -13.78 2.66 4.26
CA LYS A 21 -13.45 1.37 4.92
C LYS A 21 -12.46 0.52 4.10
N LYS A 22 -12.51 0.61 2.74
CA LYS A 22 -11.52 -0.06 1.86
C LYS A 22 -10.11 0.50 2.14
N ARG A 23 -9.99 1.84 2.09
CA ARG A 23 -8.73 2.56 2.36
C ARG A 23 -8.24 2.29 3.79
N ALA A 24 -9.18 2.29 4.76
CA ALA A 24 -8.88 1.95 6.17
C ALA A 24 -8.26 0.53 6.29
N ARG A 25 -8.78 -0.42 5.48
CA ARG A 25 -8.27 -1.81 5.42
C ARG A 25 -6.84 -1.86 4.81
N LEU A 26 -6.57 -1.07 3.76
CA LEU A 26 -5.26 -1.04 3.08
C LEU A 26 -4.16 -0.41 3.99
N ILE A 27 -4.51 0.73 4.61
CA ILE A 27 -3.70 1.41 5.65
C ILE A 27 -3.47 0.50 6.89
N TYR A 28 -4.48 -0.33 7.22
CA TYR A 28 -4.40 -1.36 8.30
C TYR A 28 -3.32 -2.43 7.99
N GLN A 29 -3.42 -3.05 6.80
CA GLN A 29 -2.52 -4.16 6.38
C GLN A 29 -1.06 -3.69 6.12
N SER A 30 -0.89 -2.38 5.87
CA SER A 30 0.45 -1.75 5.71
C SER A 30 1.10 -1.47 7.08
N ARG A 31 0.25 -1.25 8.12
CA ARG A 31 0.72 -1.09 9.51
C ARG A 31 0.87 -2.45 10.22
N LYS A 32 0.27 -3.53 9.66
CA LYS A 32 0.59 -4.90 10.09
C LYS A 32 1.79 -5.39 9.26
N ARG A 33 2.96 -5.49 9.92
CA ARG A 33 4.23 -5.88 9.29
C ARG A 33 5.06 -6.70 10.32
N GLY A 34 6.15 -7.32 9.85
CA GLY A 34 7.14 -7.93 10.76
C GLY A 34 8.00 -6.89 11.48
N ILE A 35 8.69 -6.02 10.70
CA ILE A 35 9.58 -4.96 11.23
C ILE A 35 8.91 -3.57 11.25
N LEU A 36 9.29 -2.75 12.24
CA LEU A 36 8.83 -1.35 12.36
C LEU A 36 9.51 -0.42 11.32
N GLU A 37 10.63 -0.89 10.70
CA GLU A 37 11.33 -0.14 9.63
C GLU A 37 10.41 0.06 8.40
N THR A 38 9.77 -1.04 7.95
CA THR A 38 8.78 -1.03 6.85
C THR A 38 7.46 -0.37 7.30
N ASP A 39 7.10 -0.58 8.59
CA ASP A 39 5.89 0.03 9.20
C ASP A 39 5.90 1.57 9.06
N LEU A 40 6.97 2.24 9.52
CA LEU A 40 7.11 3.73 9.44
C LEU A 40 6.99 4.26 7.98
N LEU A 41 7.59 3.49 7.04
CA LEU A 41 7.56 3.81 5.60
C LEU A 41 6.10 3.81 5.06
N LEU A 42 5.41 2.68 5.23
CA LEU A 42 4.04 2.46 4.73
C LEU A 42 2.97 3.21 5.55
N SER A 43 3.26 3.51 6.82
CA SER A 43 2.38 4.31 7.71
C SER A 43 2.20 5.75 7.18
N GLY A 44 3.34 6.41 6.86
CA GLY A 44 3.32 7.73 6.21
C GLY A 44 2.79 7.70 4.77
N PHE A 45 3.19 6.64 4.01
CA PHE A 45 2.80 6.45 2.59
C PHE A 45 1.27 6.23 2.45
N ALA A 46 0.70 5.40 3.33
CA ALA A 46 -0.73 5.04 3.28
C ALA A 46 -1.64 6.21 3.69
N ALA A 47 -1.26 6.90 4.77
CA ALA A 47 -2.01 8.06 5.31
C ALA A 47 -2.02 9.26 4.31
N LYS A 48 -0.96 9.37 3.49
CA LYS A 48 -0.78 10.48 2.53
C LYS A 48 -1.41 10.16 1.15
N TYR A 49 -0.99 9.03 0.57
CA TYR A 49 -1.31 8.68 -0.83
C TYR A 49 -2.77 8.22 -1.04
N LEU A 50 -3.30 7.34 -0.15
CA LEU A 50 -4.66 6.76 -0.34
C LEU A 50 -5.79 7.81 -0.34
N LYS A 51 -5.56 8.95 0.33
CA LYS A 51 -6.53 10.08 0.35
C LYS A 51 -6.65 10.72 -1.06
N LYS A 52 -5.51 10.93 -1.74
CA LYS A 52 -5.45 11.55 -3.08
C LYS A 52 -5.58 10.51 -4.23
N MET A 53 -5.33 9.22 -3.94
CA MET A 53 -5.41 8.13 -4.96
C MET A 53 -6.86 7.63 -5.13
N ASN A 54 -7.25 7.44 -6.39
CA ASN A 54 -8.53 6.82 -6.77
C ASN A 54 -8.45 5.29 -6.65
N GLU A 55 -9.63 4.65 -6.70
CA GLU A 55 -9.79 3.18 -6.52
C GLU A 55 -8.95 2.36 -7.53
N GLU A 56 -8.75 2.96 -8.72
CA GLU A 56 -7.95 2.36 -9.82
C GLU A 56 -6.45 2.24 -9.41
N GLU A 57 -5.97 3.24 -8.66
CA GLU A 57 -4.61 3.28 -8.09
C GLU A 57 -4.48 2.44 -6.78
N LEU A 58 -5.52 2.51 -5.92
CA LEU A 58 -5.63 1.76 -4.63
C LEU A 58 -5.49 0.22 -4.78
N GLU A 59 -6.05 -0.34 -5.87
CA GLU A 59 -6.00 -1.80 -6.14
C GLU A 59 -4.56 -2.30 -6.42
N GLU A 60 -3.70 -1.41 -6.96
CA GLU A 60 -2.25 -1.68 -7.10
C GLU A 60 -1.55 -1.65 -5.72
N TYR A 61 -2.03 -0.76 -4.82
CA TYR A 61 -1.51 -0.67 -3.43
C TYR A 61 -1.82 -1.96 -2.63
N ASP A 62 -2.98 -2.57 -2.90
CA ASP A 62 -3.39 -3.87 -2.34
C ASP A 62 -2.37 -5.00 -2.71
N SER A 63 -1.77 -4.88 -3.90
CA SER A 63 -0.71 -5.82 -4.38
C SER A 63 0.57 -5.71 -3.51
N LEU A 64 0.90 -4.48 -3.06
CA LEU A 64 2.11 -4.20 -2.25
C LEU A 64 2.01 -4.80 -0.82
N LEU A 65 0.77 -4.89 -0.30
CA LEU A 65 0.49 -5.47 1.04
C LEU A 65 0.80 -6.98 1.10
N ASN A 66 0.77 -7.64 -0.08
CA ASN A 66 1.02 -9.09 -0.23
C ASN A 66 2.54 -9.44 -0.16
N GLU A 67 3.38 -8.41 -0.33
CA GLU A 67 4.85 -8.57 -0.44
C GLU A 67 5.50 -8.68 0.96
N LEU A 68 6.71 -9.27 0.99
CA LEU A 68 7.53 -9.38 2.21
C LEU A 68 7.94 -7.96 2.70
N ASP A 69 7.83 -7.73 4.02
CA ASP A 69 8.19 -6.44 4.68
C ASP A 69 9.57 -5.91 4.21
N TRP A 70 10.59 -6.79 4.34
CA TRP A 70 11.98 -6.50 3.88
C TRP A 70 12.02 -6.09 2.39
N ASP A 71 11.31 -6.86 1.53
CA ASP A 71 11.27 -6.61 0.07
C ASP A 71 10.66 -5.22 -0.27
N ILE A 72 9.51 -4.88 0.36
CA ILE A 72 8.86 -3.55 0.22
C ILE A 72 9.87 -2.41 0.54
N TYR A 73 10.59 -2.59 1.66
CA TYR A 73 11.57 -1.62 2.18
C TYR A 73 12.81 -1.49 1.26
N TYR A 74 13.28 -2.62 0.70
CA TYR A 74 14.51 -2.67 -0.12
C TYR A 74 14.29 -2.13 -1.55
N TRP A 75 13.16 -2.47 -2.18
CA TRP A 75 12.79 -1.93 -3.51
C TRP A 75 12.59 -0.39 -3.43
N ALA A 76 12.02 0.04 -2.29
CA ALA A 76 11.80 1.47 -1.95
C ALA A 76 13.13 2.24 -1.81
N THR A 77 14.08 1.66 -1.05
CA THR A 77 15.45 2.22 -0.86
C THR A 77 16.40 1.90 -2.04
N LYS A 78 15.85 1.17 -3.05
CA LYS A 78 16.52 0.88 -4.35
C LYS A 78 17.64 -0.20 -4.21
N ASN A 79 17.68 -0.90 -3.06
CA ASN A 79 18.61 -2.02 -2.79
C ASN A 79 18.01 -3.35 -3.31
N PHE A 80 18.25 -3.65 -4.60
CA PHE A 80 17.72 -4.86 -5.28
C PHE A 80 18.67 -6.09 -5.15
N LYS A 81 19.77 -5.93 -4.39
CA LYS A 81 20.81 -6.99 -4.22
C LYS A 81 20.23 -8.25 -3.49
N THR A 82 19.73 -8.04 -2.26
CA THR A 82 19.15 -9.12 -1.41
C THR A 82 17.69 -9.44 -1.80
N SER A 83 16.92 -8.38 -2.14
CA SER A 83 15.50 -8.50 -2.54
C SER A 83 15.32 -8.08 -4.02
N PRO A 84 15.30 -9.07 -4.98
CA PRO A 84 15.14 -8.78 -6.43
C PRO A 84 13.71 -8.28 -6.77
N LEU A 85 13.61 -7.45 -7.82
CA LEU A 85 12.34 -6.83 -8.23
C LEU A 85 11.49 -7.79 -9.14
N PRO A 86 10.22 -8.11 -8.75
CA PRO A 86 9.26 -8.83 -9.64
C PRO A 86 8.81 -7.99 -10.86
N ASP A 87 8.34 -8.69 -11.91
CA ASP A 87 7.95 -8.08 -13.21
C ASP A 87 6.75 -7.10 -13.07
N LYS A 88 5.81 -7.43 -12.17
CA LYS A 88 4.63 -6.57 -11.85
C LYS A 88 5.05 -5.18 -11.29
N TRP A 89 6.22 -5.10 -10.65
CA TRP A 89 6.75 -3.83 -10.09
C TRP A 89 7.73 -3.12 -11.05
N ALA A 90 8.21 -3.85 -12.09
CA ALA A 90 9.08 -3.27 -13.14
C ALA A 90 8.36 -2.09 -13.86
N ASN A 91 8.76 -0.83 -13.50
CA ASN A 91 8.22 0.44 -14.05
C ASN A 91 6.75 0.71 -13.62
N SER A 92 6.29 0.01 -12.56
CA SER A 92 4.95 0.25 -11.93
C SER A 92 4.91 1.64 -11.25
N LYS A 93 3.77 2.37 -11.43
CA LYS A 93 3.60 3.74 -10.85
C LYS A 93 3.82 3.73 -9.32
N LEU A 94 3.16 2.79 -8.63
CA LEU A 94 3.19 2.67 -7.15
C LEU A 94 4.63 2.53 -6.61
N LEU A 95 5.44 1.69 -7.30
CA LEU A 95 6.85 1.46 -6.92
C LEU A 95 7.68 2.75 -7.05
N LYS A 96 7.46 3.49 -8.17
CA LYS A 96 8.12 4.79 -8.42
C LYS A 96 7.78 5.81 -7.32
N GLN A 97 6.48 5.88 -6.97
CA GLN A 97 5.96 6.75 -5.89
C GLN A 97 6.57 6.39 -4.51
N LEU A 98 6.77 5.06 -4.30
CA LEU A 98 7.37 4.53 -3.05
C LEU A 98 8.87 4.88 -2.94
N GLN A 99 9.60 4.78 -4.07
CA GLN A 99 11.05 5.13 -4.15
C GLN A 99 11.27 6.65 -3.94
N GLU A 100 10.43 7.47 -4.58
CA GLU A 100 10.44 8.94 -4.41
C GLU A 100 10.10 9.33 -2.94
N PHE A 101 9.17 8.59 -2.32
CA PHE A 101 8.75 8.87 -0.94
C PHE A 101 9.85 8.51 0.09
N SER A 102 10.51 7.36 -0.11
CA SER A 102 11.52 6.82 0.84
C SER A 102 12.75 7.73 1.01
N GLU A 103 13.20 8.36 -0.08
CA GLU A 103 14.33 9.31 -0.07
C GLU A 103 13.88 10.74 0.38
N ASN A 104 12.59 11.09 0.14
CA ASN A 104 12.03 12.42 0.49
C ASN A 104 11.02 12.32 1.68
N LYS A 105 11.33 11.45 2.67
CA LYS A 105 10.49 11.23 3.89
C LYS A 105 10.45 12.48 4.80
N GLU A 106 11.63 12.87 5.32
CA GLU A 106 11.77 13.86 6.41
C GLU A 106 12.66 15.07 6.00
N LYS A 107 12.77 15.32 4.66
CA LYS A 107 13.64 16.41 4.11
C LYS A 107 13.10 17.83 4.42
N GLU A 108 11.89 17.90 4.97
CA GLU A 108 11.23 19.16 5.34
C GLU A 108 11.91 19.80 6.58
N ILE A 109 11.79 21.13 6.68
CA ILE A 109 12.30 21.91 7.84
C ILE A 109 11.14 22.31 8.77
#